data_1RF4
#
_entry.id   1RF4
#
_cell.length_a   82.495
_cell.length_b   149.705
_cell.length_c   88.011
_cell.angle_alpha   90.00
_cell.angle_beta   91.22
_cell.angle_gamma   90.00
#
_symmetry.space_group_name_H-M   'P 1 21 1'
#
loop_
_entity.id
_entity.type
_entity.pdbx_description
1 polymer '5-enolpyruvylshikimate-3-phosphate synthase'
2 non-polymer '(3R,4S,5R)-5-{[(1R)-1-CARBOXY-2-FLUORO-1-(PHOSPHONOOXY)ETHYL]OXY}-4-HYDROXY-3-(PHOSPHONOOXY)CYCLOHEX-1-ENE-1-CARBOXYLIC ACID'
3 water water
#
_entity_poly.entity_id   1
_entity_poly.type   'polypeptide(L)'
_entity_poly.pdbx_seq_one_letter_code
;MKLKTNIRHLHGIIRVPGDKSISHRSIIFGSLAEGETKVYDILRGEDVLSTMQVFRDLGVEIEDKDGVITVQGVGMAGLK
APQNALNMGNSGTSIRLISGVLAGADFEVEMFGDDSLSKRPMDRVTLPLKKMGVSISGQTERDLPPLRLKGTKNLRPIHY
ELPIASAQVKSALMFAALQAKGESVIIEKEYTRNHTEDMLQQFGGHLSVDGKKITVQGPQKLTGQKVVVPGDISSAAFWL
VAGLIAPNSRLVLQNVGINETRTGIIDVIRAMGGKLEITEIDPVAKSATLIVESSDLKGTEICGALIPRLIDELPIIALL
ATQAQGVTVIKDAEELKVKETDRIQVVADALNSMGADITPTADGMIIKGKSALHGARVNTFGDHRIGMMTAIAALLVADG
EVELDRAEAINTSYPSFFDDLESLIHG
;
_entity_poly.pdbx_strand_id   A,B,C,D
#
loop_
_chem_comp.id
_chem_comp.type
_chem_comp.name
_chem_comp.formula
SPQ non-polymer '(3R,4S,5R)-5-{[(1R)-1-CARBOXY-2-FLUORO-1-(PHOSPHONOOXY)ETHYL]OXY}-4-HYDROXY-3-(PHOSPHONOOXY)CYCLOHEX-1-ENE-1-CARBOXYLIC ACID' 'C10 H15 F O14 P2'
#
# COMPACT_ATOMS: atom_id res chain seq x y z
N MET A 1 15.65 -44.66 -8.12
CA MET A 1 17.00 -44.78 -8.73
C MET A 1 18.05 -43.94 -8.01
N LYS A 2 19.30 -44.28 -8.25
CA LYS A 2 20.42 -43.57 -7.66
C LYS A 2 20.68 -42.30 -8.46
N LEU A 3 20.77 -41.18 -7.76
CA LEU A 3 21.02 -39.90 -8.41
C LEU A 3 22.50 -39.53 -8.33
N LYS A 4 23.00 -38.88 -9.36
CA LYS A 4 24.40 -38.45 -9.43
C LYS A 4 24.66 -37.48 -8.29
N THR A 5 25.79 -37.66 -7.62
CA THR A 5 26.13 -36.81 -6.49
C THR A 5 27.51 -36.16 -6.60
N ASN A 6 27.77 -35.19 -5.74
CA ASN A 6 29.04 -34.47 -5.69
C ASN A 6 29.56 -34.05 -7.06
N ILE A 7 28.75 -33.29 -7.80
CA ILE A 7 29.15 -32.83 -9.12
C ILE A 7 30.26 -31.79 -8.98
N ARG A 8 31.28 -31.88 -9.81
CA ARG A 8 32.39 -30.95 -9.75
C ARG A 8 32.23 -29.76 -10.69
N HIS A 9 31.50 -29.95 -11.78
CA HIS A 9 31.30 -28.88 -12.75
C HIS A 9 30.21 -29.21 -13.76
N LEU A 10 29.47 -28.20 -14.19
CA LEU A 10 28.42 -28.37 -15.18
C LEU A 10 28.70 -27.36 -16.29
N HIS A 11 29.00 -27.86 -17.47
CA HIS A 11 29.28 -27.00 -18.62
C HIS A 11 28.52 -27.56 -19.81
N GLY A 12 27.87 -26.71 -20.59
CA GLY A 12 27.16 -27.21 -21.74
C GLY A 12 26.01 -26.39 -22.31
N ILE A 13 25.57 -26.79 -23.50
CA ILE A 13 24.46 -26.15 -24.19
C ILE A 13 23.27 -27.08 -24.08
N ILE A 14 22.15 -26.57 -23.59
CA ILE A 14 20.96 -27.41 -23.46
C ILE A 14 19.77 -26.77 -24.16
N ARG A 15 19.02 -27.58 -24.89
CA ARG A 15 17.82 -27.12 -25.56
C ARG A 15 16.67 -27.84 -24.89
N VAL A 16 16.03 -27.17 -23.93
CA VAL A 16 14.93 -27.76 -23.18
C VAL A 16 13.75 -28.12 -24.08
N PRO A 17 12.97 -29.15 -23.69
CA PRO A 17 11.81 -29.56 -24.49
C PRO A 17 10.74 -28.47 -24.50
N GLY A 18 9.74 -28.67 -25.36
CA GLY A 18 8.66 -27.70 -25.50
C GLY A 18 7.85 -27.33 -24.27
N ASP A 19 7.33 -26.12 -24.28
CA ASP A 19 6.51 -25.61 -23.18
C ASP A 19 5.25 -26.48 -23.06
N LYS A 20 5.03 -27.02 -21.87
CA LYS A 20 3.88 -27.89 -21.62
C LYS A 20 2.54 -27.17 -21.76
N SER A 21 2.44 -25.98 -21.18
CA SER A 21 1.19 -25.20 -21.25
C SER A 21 0.78 -24.95 -22.70
N ILE A 22 1.74 -24.50 -23.51
CA ILE A 22 1.49 -24.20 -24.91
C ILE A 22 1.23 -25.48 -25.72
N SER A 23 1.94 -26.54 -25.38
CA SER A 23 1.77 -27.81 -26.09
C SER A 23 0.36 -28.32 -25.88
N HIS A 24 -0.14 -28.24 -24.65
CA HIS A 24 -1.50 -28.68 -24.36
C HIS A 24 -2.50 -27.89 -25.20
N ARG A 25 -2.38 -26.57 -25.15
CA ARG A 25 -3.29 -25.70 -25.87
C ARG A 25 -3.21 -25.87 -27.39
N SER A 26 -2.04 -26.21 -27.91
CA SER A 26 -1.91 -26.39 -29.34
C SER A 26 -2.84 -27.52 -29.82
N ILE A 27 -3.01 -28.53 -28.97
CA ILE A 27 -3.87 -29.66 -29.32
C ILE A 27 -5.33 -29.27 -29.20
N ILE A 28 -5.65 -28.48 -28.20
CA ILE A 28 -7.02 -28.05 -27.98
C ILE A 28 -7.45 -27.12 -29.11
N PHE A 29 -6.64 -26.09 -29.38
CA PHE A 29 -6.98 -25.15 -30.44
C PHE A 29 -7.00 -25.86 -31.79
N GLY A 30 -6.06 -26.79 -31.98
CA GLY A 30 -6.02 -27.53 -33.23
C GLY A 30 -7.27 -28.36 -33.42
N SER A 31 -7.81 -28.88 -32.33
CA SER A 31 -9.01 -29.71 -32.41
C SER A 31 -10.28 -28.88 -32.58
N LEU A 32 -10.34 -27.73 -31.91
CA LEU A 32 -11.51 -26.88 -32.00
C LEU A 32 -11.60 -26.04 -33.26
N ALA A 33 -10.47 -25.87 -33.94
CA ALA A 33 -10.44 -25.08 -35.17
C ALA A 33 -10.88 -25.87 -36.40
N GLU A 34 -11.16 -25.16 -37.48
CA GLU A 34 -11.54 -25.82 -38.73
C GLU A 34 -10.26 -25.84 -39.57
N GLY A 35 -10.06 -26.92 -40.31
CA GLY A 35 -8.86 -27.05 -41.12
C GLY A 35 -7.80 -27.78 -40.32
N GLU A 36 -6.60 -27.92 -40.85
CA GLU A 36 -5.58 -28.63 -40.10
C GLU A 36 -4.60 -27.73 -39.37
N THR A 37 -4.05 -28.27 -38.29
CA THR A 37 -3.08 -27.59 -37.47
C THR A 37 -1.86 -28.52 -37.37
N LYS A 38 -0.67 -27.92 -37.44
CA LYS A 38 0.57 -28.67 -37.35
C LYS A 38 1.37 -28.07 -36.21
N VAL A 39 1.85 -28.92 -35.31
CA VAL A 39 2.62 -28.48 -34.17
C VAL A 39 4.06 -28.98 -34.28
N TYR A 40 5.00 -28.05 -34.18
CA TYR A 40 6.41 -28.42 -34.28
C TYR A 40 7.12 -28.26 -32.95
N ASP A 41 8.02 -29.20 -32.67
CA ASP A 41 8.80 -29.20 -31.43
C ASP A 41 7.90 -29.29 -30.21
N ILE A 42 6.80 -30.02 -30.35
CA ILE A 42 5.86 -30.18 -29.26
C ILE A 42 6.50 -30.97 -28.13
N LEU A 43 6.02 -30.75 -26.91
CA LEU A 43 6.53 -31.46 -25.76
C LEU A 43 5.84 -32.81 -25.76
N ARG A 44 6.61 -33.88 -25.72
CA ARG A 44 6.01 -35.21 -25.72
C ARG A 44 5.95 -35.84 -24.34
N GLY A 45 5.95 -35.01 -23.30
CA GLY A 45 5.84 -35.54 -21.95
C GLY A 45 4.51 -36.28 -21.88
N GLU A 46 4.36 -37.16 -20.90
CA GLU A 46 3.13 -37.94 -20.75
C GLU A 46 1.84 -37.12 -20.63
N ASP A 47 1.89 -35.96 -20.00
CA ASP A 47 0.69 -35.14 -19.86
C ASP A 47 0.15 -34.68 -21.21
N VAL A 48 1.05 -34.31 -22.11
CA VAL A 48 0.60 -33.85 -23.42
C VAL A 48 0.05 -35.02 -24.23
N LEU A 49 0.64 -36.21 -24.04
CA LEU A 49 0.15 -37.38 -24.75
C LEU A 49 -1.27 -37.66 -24.27
N SER A 50 -1.50 -37.49 -22.96
CA SER A 50 -2.84 -37.71 -22.40
C SER A 50 -3.83 -36.79 -23.12
N THR A 51 -3.47 -35.52 -23.27
CA THR A 51 -4.35 -34.58 -23.94
C THR A 51 -4.64 -35.05 -25.36
N MET A 52 -3.59 -35.45 -26.08
CA MET A 52 -3.76 -35.92 -27.46
C MET A 52 -4.74 -37.10 -27.55
N GLN A 53 -4.54 -38.11 -26.70
CA GLN A 53 -5.43 -39.27 -26.72
C GLN A 53 -6.87 -38.90 -26.38
N VAL A 54 -7.04 -37.99 -25.42
CA VAL A 54 -8.38 -37.54 -25.04
C VAL A 54 -9.13 -37.06 -26.27
N PHE A 55 -8.52 -36.18 -27.05
CA PHE A 55 -9.18 -35.67 -28.24
C PHE A 55 -9.35 -36.73 -29.31
N ARG A 56 -8.43 -37.68 -29.38
CA ARG A 56 -8.60 -38.76 -30.36
C ARG A 56 -9.87 -39.52 -29.96
N ASP A 57 -10.05 -39.73 -28.66
CA ASP A 57 -11.24 -40.43 -28.14
C ASP A 57 -12.49 -39.63 -28.47
N LEU A 58 -12.33 -38.32 -28.58
CA LEU A 58 -13.44 -37.43 -28.91
C LEU A 58 -13.66 -37.36 -30.41
N GLY A 59 -12.99 -38.24 -31.14
CA GLY A 59 -13.15 -38.31 -32.59
C GLY A 59 -12.18 -37.48 -33.41
N VAL A 60 -11.23 -36.82 -32.75
CA VAL A 60 -10.27 -35.99 -33.47
C VAL A 60 -9.10 -36.79 -33.99
N GLU A 61 -8.75 -36.60 -35.25
CA GLU A 61 -7.61 -37.30 -35.83
C GLU A 61 -6.37 -36.49 -35.50
N ILE A 62 -5.44 -37.13 -34.78
CA ILE A 62 -4.21 -36.48 -34.39
C ILE A 62 -3.04 -37.40 -34.75
N GLU A 63 -2.32 -37.04 -35.81
CA GLU A 63 -1.20 -37.84 -36.28
C GLU A 63 0.16 -37.30 -35.86
N ASP A 64 1.01 -38.19 -35.32
CA ASP A 64 2.36 -37.83 -34.92
C ASP A 64 3.26 -38.56 -35.90
N LYS A 65 3.81 -37.82 -36.85
CA LYS A 65 4.65 -38.43 -37.87
C LYS A 65 5.88 -37.58 -38.17
N ASP A 66 7.04 -38.24 -38.21
CA ASP A 66 8.31 -37.57 -38.49
C ASP A 66 8.52 -36.33 -37.62
N GLY A 67 8.22 -36.47 -36.33
CA GLY A 67 8.40 -35.39 -35.38
C GLY A 67 7.40 -34.25 -35.47
N VAL A 68 6.36 -34.42 -36.28
CA VAL A 68 5.38 -33.37 -36.46
C VAL A 68 3.97 -33.82 -36.07
N ILE A 69 3.28 -32.99 -35.32
CA ILE A 69 1.92 -33.30 -34.92
C ILE A 69 0.96 -32.64 -35.91
N THR A 70 0.06 -33.44 -36.48
CA THR A 70 -0.92 -32.92 -37.43
C THR A 70 -2.32 -33.18 -36.88
N VAL A 71 -3.08 -32.10 -36.75
CA VAL A 71 -4.43 -32.20 -36.22
C VAL A 71 -5.48 -31.79 -37.24
N GLN A 72 -6.47 -32.66 -37.46
CA GLN A 72 -7.55 -32.37 -38.40
C GLN A 72 -8.68 -31.79 -37.55
N GLY A 73 -8.78 -30.46 -37.53
CA GLY A 73 -9.81 -29.79 -36.74
C GLY A 73 -11.24 -30.22 -37.04
N VAL A 74 -12.09 -30.19 -36.01
CA VAL A 74 -13.49 -30.57 -36.17
C VAL A 74 -14.50 -29.43 -36.08
N GLY A 75 -14.03 -28.19 -35.90
CA GLY A 75 -14.98 -27.07 -35.87
C GLY A 75 -15.06 -26.15 -34.67
N MET A 76 -15.81 -26.57 -33.66
CA MET A 76 -16.03 -25.83 -32.42
C MET A 76 -17.23 -26.51 -31.77
N ALA A 77 -17.91 -27.31 -32.58
CA ALA A 77 -19.07 -28.08 -32.12
C ALA A 77 -18.90 -29.46 -32.77
N GLY A 78 -17.65 -29.82 -33.07
CA GLY A 78 -17.38 -31.09 -33.71
C GLY A 78 -16.89 -32.25 -32.86
N LEU A 79 -16.75 -32.07 -31.55
CA LEU A 79 -16.31 -33.17 -30.69
C LEU A 79 -17.45 -34.17 -30.56
N LYS A 80 -17.11 -35.45 -30.47
CA LYS A 80 -18.15 -36.49 -30.35
C LYS A 80 -17.99 -37.31 -29.09
N ALA A 81 -19.11 -37.80 -28.59
CA ALA A 81 -19.12 -38.61 -27.38
C ALA A 81 -18.09 -39.71 -27.50
N PRO A 82 -17.25 -39.89 -26.47
CA PRO A 82 -16.21 -40.91 -26.45
C PRO A 82 -16.78 -42.30 -26.17
N GLN A 83 -16.07 -43.33 -26.61
CA GLN A 83 -16.47 -44.70 -26.41
C GLN A 83 -16.34 -45.08 -24.93
N ASN A 84 -15.28 -44.60 -24.29
CA ASN A 84 -15.01 -44.87 -22.89
C ASN A 84 -14.74 -43.58 -22.12
N ALA A 85 -14.53 -43.70 -20.81
CA ALA A 85 -14.24 -42.55 -19.96
C ALA A 85 -12.93 -41.93 -20.42
N LEU A 86 -12.81 -40.61 -20.30
CA LEU A 86 -11.61 -39.90 -20.73
C LEU A 86 -10.51 -39.96 -19.68
N ASN A 87 -9.35 -40.48 -20.08
CA ASN A 87 -8.22 -40.63 -19.17
C ASN A 87 -7.29 -39.42 -19.15
N MET A 88 -7.41 -38.62 -18.10
CA MET A 88 -6.58 -37.42 -17.95
C MET A 88 -5.26 -37.67 -17.24
N GLY A 89 -5.03 -38.92 -16.86
CA GLY A 89 -3.79 -39.28 -16.17
C GLY A 89 -3.37 -38.38 -15.03
N ASN A 90 -2.19 -37.77 -15.16
CA ASN A 90 -1.65 -36.88 -14.13
C ASN A 90 -1.81 -35.39 -14.52
N SER A 91 -2.42 -35.14 -15.67
CA SER A 91 -2.56 -33.77 -16.16
C SER A 91 -3.68 -32.90 -15.59
N GLY A 92 -3.30 -31.97 -14.71
CA GLY A 92 -4.28 -31.06 -14.15
C GLY A 92 -4.76 -30.14 -15.27
N THR A 93 -3.81 -29.68 -16.07
CA THR A 93 -4.11 -28.79 -17.20
C THR A 93 -5.15 -29.43 -18.13
N SER A 94 -4.99 -30.73 -18.40
CA SER A 94 -5.91 -31.42 -19.29
C SER A 94 -7.35 -31.43 -18.81
N ILE A 95 -7.58 -31.99 -17.63
CA ILE A 95 -8.93 -32.09 -17.09
C ILE A 95 -9.60 -30.73 -16.85
N ARG A 96 -8.85 -29.77 -16.34
CA ARG A 96 -9.44 -28.47 -16.08
C ARG A 96 -9.77 -27.72 -17.38
N LEU A 97 -8.82 -27.64 -18.31
CA LEU A 97 -9.09 -26.94 -19.57
C LEU A 97 -10.12 -27.68 -20.41
N ILE A 98 -10.02 -29.00 -20.47
CA ILE A 98 -10.96 -29.77 -21.28
C ILE A 98 -12.38 -29.74 -20.70
N SER A 99 -12.50 -29.46 -19.41
CA SER A 99 -13.82 -29.38 -18.81
C SER A 99 -14.55 -28.21 -19.44
N GLY A 100 -13.79 -27.19 -19.81
CA GLY A 100 -14.35 -26.01 -20.44
C GLY A 100 -14.58 -26.28 -21.91
N VAL A 101 -13.66 -27.04 -22.50
CA VAL A 101 -13.74 -27.40 -23.91
C VAL A 101 -15.05 -28.15 -24.18
N LEU A 102 -15.42 -29.03 -23.27
CA LEU A 102 -16.63 -29.82 -23.42
C LEU A 102 -17.92 -29.14 -22.96
N ALA A 103 -17.80 -27.87 -22.54
CA ALA A 103 -18.95 -27.12 -22.06
C ALA A 103 -20.12 -27.14 -23.05
N GLY A 104 -19.83 -27.33 -24.33
CA GLY A 104 -20.88 -27.34 -25.32
C GLY A 104 -21.20 -28.70 -25.90
N ALA A 105 -20.61 -29.73 -25.30
CA ALA A 105 -20.82 -31.10 -25.75
C ALA A 105 -22.23 -31.54 -25.37
N ASP A 106 -22.99 -32.00 -26.36
CA ASP A 106 -24.36 -32.43 -26.12
C ASP A 106 -24.39 -33.92 -25.78
N PHE A 107 -23.71 -34.26 -24.70
CA PHE A 107 -23.62 -35.63 -24.21
C PHE A 107 -22.92 -35.61 -22.88
N GLU A 108 -23.00 -36.72 -22.13
CA GLU A 108 -22.35 -36.80 -20.84
C GLU A 108 -21.11 -37.66 -20.95
N VAL A 109 -20.03 -37.22 -20.33
CA VAL A 109 -18.77 -37.95 -20.37
C VAL A 109 -18.15 -38.02 -18.99
N GLU A 110 -17.34 -39.04 -18.77
CA GLU A 110 -16.65 -39.22 -17.50
C GLU A 110 -15.19 -38.81 -17.69
N MET A 111 -14.57 -38.28 -16.65
CA MET A 111 -13.17 -37.87 -16.73
C MET A 111 -12.46 -38.30 -15.45
N PHE A 112 -11.49 -39.19 -15.60
CA PHE A 112 -10.76 -39.68 -14.44
C PHE A 112 -9.26 -39.40 -14.56
N GLY A 113 -8.54 -39.59 -13.46
CA GLY A 113 -7.10 -39.35 -13.46
C GLY A 113 -6.42 -40.31 -12.51
N ASP A 114 -5.09 -40.22 -12.40
CA ASP A 114 -4.37 -41.12 -11.51
C ASP A 114 -4.62 -40.78 -10.05
N ASP A 115 -3.87 -41.44 -9.17
CA ASP A 115 -4.01 -41.21 -7.73
C ASP A 115 -3.83 -39.75 -7.39
N SER A 116 -2.78 -39.16 -7.95
CA SER A 116 -2.44 -37.77 -7.72
C SER A 116 -3.50 -36.79 -8.19
N LEU A 117 -3.93 -36.93 -9.45
CA LEU A 117 -4.92 -36.03 -10.02
C LEU A 117 -6.25 -36.09 -9.27
N SER A 118 -6.61 -37.28 -8.80
CA SER A 118 -7.87 -37.48 -8.08
C SER A 118 -7.94 -36.80 -6.73
N LYS A 119 -6.85 -36.19 -6.28
CA LYS A 119 -6.81 -35.49 -4.99
C LYS A 119 -6.87 -33.97 -5.17
N ARG A 120 -6.92 -33.53 -6.41
CA ARG A 120 -6.97 -32.10 -6.68
C ARG A 120 -8.39 -31.59 -6.96
N PRO A 121 -8.75 -30.46 -6.35
CA PRO A 121 -10.07 -29.83 -6.49
C PRO A 121 -10.43 -29.33 -7.89
N MET A 122 -11.66 -29.62 -8.30
CA MET A 122 -12.15 -29.18 -9.60
C MET A 122 -13.32 -28.22 -9.40
N ASP A 123 -13.67 -27.99 -8.13
CA ASP A 123 -14.77 -27.09 -7.82
C ASP A 123 -14.50 -25.71 -8.38
N ARG A 124 -13.23 -25.32 -8.39
CA ARG A 124 -12.82 -24.02 -8.92
C ARG A 124 -13.20 -23.87 -10.38
N VAL A 125 -13.52 -24.97 -11.04
CA VAL A 125 -13.90 -24.89 -12.44
C VAL A 125 -15.37 -25.31 -12.66
N THR A 126 -15.89 -26.18 -11.80
CA THR A 126 -17.28 -26.63 -11.92
C THR A 126 -18.26 -25.52 -11.51
N LEU A 127 -17.90 -24.77 -10.47
CA LEU A 127 -18.73 -23.69 -9.98
C LEU A 127 -19.11 -22.70 -11.10
N PRO A 128 -18.11 -22.12 -11.78
CA PRO A 128 -18.44 -21.18 -12.86
C PRO A 128 -19.02 -21.86 -14.10
N LEU A 129 -18.59 -23.09 -14.39
CA LEU A 129 -19.10 -23.80 -15.56
C LEU A 129 -20.59 -24.12 -15.39
N LYS A 130 -21.01 -24.37 -14.15
CA LYS A 130 -22.41 -24.69 -13.89
C LYS A 130 -23.27 -23.44 -14.07
N LYS A 131 -22.65 -22.27 -13.96
CA LYS A 131 -23.37 -21.00 -14.14
C LYS A 131 -23.77 -20.84 -15.59
N MET A 132 -22.99 -21.44 -16.48
CA MET A 132 -23.25 -21.34 -17.92
C MET A 132 -24.28 -22.35 -18.41
N GLY A 133 -24.66 -23.28 -17.53
CA GLY A 133 -25.64 -24.28 -17.92
C GLY A 133 -25.02 -25.66 -18.05
N VAL A 134 -23.73 -25.76 -17.75
CA VAL A 134 -23.04 -27.03 -17.84
C VAL A 134 -23.38 -27.84 -16.58
N SER A 135 -23.52 -29.15 -16.76
CA SER A 135 -23.81 -30.04 -15.64
C SER A 135 -22.53 -30.80 -15.33
N ILE A 136 -21.93 -30.54 -14.18
CA ILE A 136 -20.67 -31.19 -13.80
C ILE A 136 -20.62 -31.49 -12.31
N SER A 137 -20.09 -32.65 -11.96
CA SER A 137 -20.00 -33.03 -10.56
C SER A 137 -18.85 -34.00 -10.32
N GLY A 138 -18.29 -33.93 -9.12
CA GLY A 138 -17.20 -34.80 -8.75
C GLY A 138 -17.43 -35.33 -7.34
N GLN A 139 -16.35 -35.83 -6.74
CA GLN A 139 -16.42 -36.41 -5.39
C GLN A 139 -16.28 -35.32 -4.31
N THR A 140 -17.20 -35.34 -3.35
CA THR A 140 -17.23 -34.39 -2.25
C THR A 140 -17.49 -32.99 -2.77
N GLU A 141 -17.68 -32.05 -1.84
CA GLU A 141 -17.95 -30.66 -2.18
C GLU A 141 -16.83 -30.02 -3.00
N ARG A 142 -15.63 -30.57 -2.89
CA ARG A 142 -14.48 -30.05 -3.63
C ARG A 142 -14.47 -30.52 -5.09
N ASP A 143 -15.39 -31.42 -5.41
CA ASP A 143 -15.50 -31.97 -6.75
C ASP A 143 -14.18 -32.58 -7.23
N LEU A 144 -13.69 -33.55 -6.48
CA LEU A 144 -12.46 -34.25 -6.82
C LEU A 144 -12.78 -35.21 -7.96
N PRO A 145 -11.79 -35.48 -8.83
CA PRO A 145 -12.03 -36.41 -9.94
C PRO A 145 -12.29 -37.78 -9.30
N PRO A 146 -12.93 -38.71 -10.03
CA PRO A 146 -13.43 -38.57 -11.39
C PRO A 146 -14.63 -37.64 -11.49
N LEU A 147 -14.73 -36.93 -12.61
CA LEU A 147 -15.84 -36.01 -12.85
C LEU A 147 -16.78 -36.55 -13.90
N ARG A 148 -18.01 -36.10 -13.86
CA ARG A 148 -19.00 -36.49 -14.85
C ARG A 148 -19.48 -35.16 -15.39
N LEU A 149 -19.40 -34.98 -16.70
CA LEU A 149 -19.80 -33.72 -17.30
C LEU A 149 -20.70 -33.87 -18.50
N LYS A 150 -21.77 -33.08 -18.51
CA LYS A 150 -22.72 -33.05 -19.60
C LYS A 150 -22.84 -31.59 -20.02
N GLY A 151 -22.48 -31.31 -21.26
CA GLY A 151 -22.57 -29.94 -21.76
C GLY A 151 -23.97 -29.61 -22.22
N THR A 152 -24.12 -28.49 -22.90
CA THR A 152 -25.43 -28.07 -23.38
C THR A 152 -25.31 -27.30 -24.68
N LYS A 153 -26.32 -27.41 -25.53
CA LYS A 153 -26.33 -26.69 -26.80
C LYS A 153 -26.75 -25.26 -26.52
N ASN A 154 -27.22 -25.03 -25.30
CA ASN A 154 -27.67 -23.71 -24.90
C ASN A 154 -26.76 -23.08 -23.84
N LEU A 155 -25.46 -23.03 -24.13
CA LEU A 155 -24.49 -22.44 -23.20
C LEU A 155 -24.75 -20.96 -23.00
N ARG A 156 -24.76 -20.53 -21.75
CA ARG A 156 -24.97 -19.11 -21.46
C ARG A 156 -23.60 -18.48 -21.23
N PRO A 157 -23.38 -17.25 -21.74
CA PRO A 157 -22.09 -16.59 -21.55
C PRO A 157 -21.77 -16.47 -20.07
N ILE A 158 -20.49 -16.37 -19.75
CA ILE A 158 -20.04 -16.31 -18.37
C ILE A 158 -19.53 -14.94 -17.94
N HIS A 159 -19.89 -14.55 -16.72
CA HIS A 159 -19.43 -13.31 -16.10
C HIS A 159 -18.87 -13.79 -14.79
N TYR A 160 -17.54 -13.86 -14.70
CA TYR A 160 -16.94 -14.41 -13.51
C TYR A 160 -15.66 -13.71 -13.04
N GLU A 161 -15.59 -13.52 -11.73
CA GLU A 161 -14.46 -12.91 -11.06
C GLU A 161 -13.71 -14.08 -10.43
N LEU A 162 -12.53 -14.42 -10.95
CA LEU A 162 -11.78 -15.55 -10.37
C LEU A 162 -11.33 -15.27 -8.95
N PRO A 163 -11.66 -16.16 -8.01
CA PRO A 163 -11.30 -16.03 -6.59
C PRO A 163 -9.86 -16.46 -6.30
N ILE A 164 -9.21 -17.06 -7.29
CA ILE A 164 -7.83 -17.50 -7.15
C ILE A 164 -7.06 -17.18 -8.43
N ALA A 165 -5.74 -17.02 -8.30
CA ALA A 165 -4.89 -16.70 -9.46
C ALA A 165 -4.62 -17.96 -10.29
N SER A 166 -5.64 -18.47 -10.95
CA SER A 166 -5.49 -19.67 -11.75
C SER A 166 -5.63 -19.42 -13.25
N ALA A 167 -4.59 -19.79 -13.99
CA ALA A 167 -4.61 -19.64 -15.43
C ALA A 167 -5.49 -20.74 -16.01
N GLN A 168 -5.48 -21.90 -15.37
CA GLN A 168 -6.28 -23.03 -15.84
C GLN A 168 -7.77 -22.72 -15.80
N VAL A 169 -8.24 -22.08 -14.73
CA VAL A 169 -9.66 -21.75 -14.64
C VAL A 169 -10.01 -20.70 -15.69
N LYS A 170 -9.14 -19.71 -15.84
CA LYS A 170 -9.36 -18.67 -16.85
C LYS A 170 -9.50 -19.31 -18.23
N SER A 171 -8.57 -20.19 -18.57
CA SER A 171 -8.55 -20.88 -19.86
C SER A 171 -9.79 -21.74 -20.11
N ALA A 172 -10.21 -22.48 -19.10
CA ALA A 172 -11.39 -23.34 -19.23
C ALA A 172 -12.58 -22.46 -19.61
N LEU A 173 -12.75 -21.37 -18.86
CA LEU A 173 -13.84 -20.45 -19.09
C LEU A 173 -13.74 -19.79 -20.47
N MET A 174 -12.52 -19.52 -20.94
CA MET A 174 -12.37 -18.90 -22.25
C MET A 174 -12.83 -19.88 -23.33
N PHE A 175 -12.44 -21.15 -23.19
CA PHE A 175 -12.84 -22.15 -24.18
C PHE A 175 -14.36 -22.29 -24.15
N ALA A 176 -14.96 -22.22 -22.97
CA ALA A 176 -16.40 -22.33 -22.84
C ALA A 176 -17.07 -21.12 -23.50
N ALA A 177 -16.60 -19.93 -23.15
CA ALA A 177 -17.14 -18.68 -23.68
C ALA A 177 -17.16 -18.71 -25.21
N LEU A 178 -16.12 -19.33 -25.78
CA LEU A 178 -15.98 -19.44 -27.23
C LEU A 178 -17.16 -20.18 -27.85
N GLN A 179 -17.84 -21.01 -27.05
CA GLN A 179 -18.98 -21.78 -27.54
C GLN A 179 -20.33 -21.17 -27.18
N ALA A 180 -20.37 -20.37 -26.12
CA ALA A 180 -21.61 -19.74 -25.68
C ALA A 180 -22.05 -18.60 -26.59
N LYS A 181 -23.33 -18.29 -26.58
CA LYS A 181 -23.84 -17.21 -27.42
C LYS A 181 -23.98 -15.94 -26.60
N GLY A 182 -23.14 -14.95 -26.91
CA GLY A 182 -23.17 -13.69 -26.19
C GLY A 182 -21.79 -13.31 -25.70
N GLU A 183 -21.72 -12.24 -24.91
CA GLU A 183 -20.45 -11.74 -24.41
C GLU A 183 -20.15 -12.18 -22.98
N SER A 184 -18.97 -12.78 -22.81
CA SER A 184 -18.51 -13.23 -21.51
C SER A 184 -17.38 -12.33 -21.03
N VAL A 185 -17.32 -12.07 -19.73
CA VAL A 185 -16.24 -11.26 -19.19
C VAL A 185 -15.67 -12.07 -18.03
N ILE A 186 -14.38 -12.33 -18.11
CA ILE A 186 -13.66 -13.12 -17.12
C ILE A 186 -12.61 -12.21 -16.51
N ILE A 187 -12.72 -11.95 -15.21
CA ILE A 187 -11.80 -11.05 -14.53
C ILE A 187 -10.78 -11.80 -13.69
N GLU A 188 -9.50 -11.66 -14.06
CA GLU A 188 -8.44 -12.33 -13.31
C GLU A 188 -8.25 -11.65 -11.96
N LYS A 189 -7.86 -12.43 -10.96
CA LYS A 189 -7.60 -11.90 -9.62
C LYS A 189 -6.20 -11.27 -9.69
N GLU A 190 -5.29 -11.98 -10.35
CA GLU A 190 -3.92 -11.54 -10.57
C GLU A 190 -3.59 -12.02 -11.98
N TYR A 191 -2.65 -11.36 -12.64
CA TYR A 191 -2.28 -11.81 -13.97
C TYR A 191 -1.65 -13.20 -13.86
N THR A 192 -2.02 -14.09 -14.77
CA THR A 192 -1.50 -15.45 -14.79
C THR A 192 -1.04 -15.72 -16.23
N ARG A 193 -0.34 -16.82 -16.48
CA ARG A 193 0.13 -17.08 -17.85
C ARG A 193 -1.00 -16.84 -18.85
N ASN A 194 -0.71 -16.06 -19.88
CA ASN A 194 -1.71 -15.70 -20.87
C ASN A 194 -1.59 -16.45 -22.20
N HIS A 195 -1.16 -17.70 -22.16
CA HIS A 195 -1.01 -18.49 -23.38
C HIS A 195 -2.31 -18.69 -24.13
N THR A 196 -3.41 -18.86 -23.39
CA THR A 196 -4.70 -19.06 -24.04
C THR A 196 -5.08 -17.82 -24.84
N GLU A 197 -4.87 -16.65 -24.23
CA GLU A 197 -5.17 -15.37 -24.88
C GLU A 197 -4.37 -15.21 -26.16
N ASP A 198 -3.06 -15.45 -26.08
CA ASP A 198 -2.14 -15.36 -27.22
C ASP A 198 -2.53 -16.29 -28.35
N MET A 199 -2.77 -17.56 -28.01
CA MET A 199 -3.13 -18.54 -29.01
C MET A 199 -4.51 -18.37 -29.60
N LEU A 200 -5.45 -17.83 -28.83
CA LEU A 200 -6.78 -17.61 -29.36
C LEU A 200 -6.63 -16.65 -30.54
N GLN A 201 -5.78 -15.64 -30.38
CA GLN A 201 -5.56 -14.68 -31.45
C GLN A 201 -4.83 -15.34 -32.62
N GLN A 202 -3.84 -16.16 -32.30
CA GLN A 202 -3.08 -16.84 -33.34
C GLN A 202 -3.99 -17.73 -34.20
N PHE A 203 -5.06 -18.26 -33.61
CA PHE A 203 -5.97 -19.12 -34.36
C PHE A 203 -7.16 -18.38 -34.98
N GLY A 204 -7.04 -17.05 -35.08
CA GLY A 204 -8.10 -16.27 -35.69
C GLY A 204 -9.24 -15.86 -34.77
N GLY A 205 -9.11 -16.19 -33.49
CA GLY A 205 -10.15 -15.82 -32.54
C GLY A 205 -9.99 -14.38 -32.11
N HIS A 206 -10.98 -13.88 -31.38
CA HIS A 206 -10.94 -12.51 -30.92
C HIS A 206 -11.30 -12.36 -29.45
N LEU A 207 -10.66 -11.38 -28.82
CA LEU A 207 -10.92 -11.10 -27.41
C LEU A 207 -10.46 -9.69 -27.13
N SER A 208 -10.90 -9.16 -26.01
CA SER A 208 -10.51 -7.83 -25.60
C SER A 208 -9.93 -7.97 -24.21
N VAL A 209 -8.75 -7.41 -24.00
CA VAL A 209 -8.11 -7.48 -22.69
C VAL A 209 -7.92 -6.07 -22.16
N ASP A 210 -8.60 -5.78 -21.07
CA ASP A 210 -8.53 -4.47 -20.45
C ASP A 210 -8.03 -4.70 -19.03
N GLY A 211 -6.70 -4.74 -18.88
CA GLY A 211 -6.14 -4.99 -17.58
C GLY A 211 -6.44 -6.44 -17.24
N LYS A 212 -7.01 -6.69 -16.06
CA LYS A 212 -7.33 -8.05 -15.66
C LYS A 212 -8.66 -8.54 -16.20
N LYS A 213 -9.40 -7.65 -16.85
CA LYS A 213 -10.70 -8.00 -17.41
C LYS A 213 -10.57 -8.53 -18.83
N ILE A 214 -11.04 -9.76 -19.03
CA ILE A 214 -10.97 -10.41 -20.34
C ILE A 214 -12.38 -10.58 -20.88
N THR A 215 -12.62 -10.02 -22.06
CA THR A 215 -13.93 -10.12 -22.71
C THR A 215 -13.86 -10.98 -23.96
N VAL A 216 -14.65 -12.05 -23.98
CA VAL A 216 -14.69 -12.95 -25.11
C VAL A 216 -16.12 -13.00 -25.66
N GLN A 217 -16.24 -12.76 -26.95
CA GLN A 217 -17.54 -12.77 -27.60
C GLN A 217 -17.74 -14.17 -28.20
N GLY A 218 -18.92 -14.74 -28.03
CA GLY A 218 -19.16 -16.06 -28.56
C GLY A 218 -20.46 -16.20 -29.35
N PRO A 219 -20.58 -17.21 -30.21
CA PRO A 219 -19.57 -18.24 -30.50
C PRO A 219 -18.60 -17.84 -31.61
N GLN A 220 -17.43 -18.48 -31.62
CA GLN A 220 -16.43 -18.17 -32.64
C GLN A 220 -16.01 -19.40 -33.42
N LYS A 221 -15.43 -19.16 -34.59
CA LYS A 221 -14.93 -20.21 -35.47
C LYS A 221 -13.43 -19.94 -35.57
N LEU A 222 -12.63 -20.97 -35.36
CA LEU A 222 -11.19 -20.82 -35.42
C LEU A 222 -10.62 -21.47 -36.66
N THR A 223 -9.41 -21.09 -37.02
CA THR A 223 -8.77 -21.65 -38.21
C THR A 223 -7.43 -22.31 -37.86
N GLY A 224 -7.21 -23.49 -38.42
CA GLY A 224 -5.98 -24.23 -38.18
C GLY A 224 -4.73 -23.40 -38.39
N GLN A 225 -3.70 -23.68 -37.62
CA GLN A 225 -2.44 -22.93 -37.71
C GLN A 225 -1.20 -23.81 -37.65
N LYS A 226 -0.07 -23.21 -37.99
CA LYS A 226 1.21 -23.89 -37.90
C LYS A 226 1.70 -23.40 -36.54
N VAL A 227 1.80 -24.31 -35.58
CA VAL A 227 2.24 -23.92 -34.24
C VAL A 227 3.65 -24.41 -33.93
N VAL A 228 4.53 -23.48 -33.61
CA VAL A 228 5.92 -23.79 -33.27
C VAL A 228 6.11 -23.57 -31.76
N VAL A 229 6.30 -24.66 -31.02
CA VAL A 229 6.45 -24.59 -29.57
C VAL A 229 7.83 -24.20 -29.08
N PRO A 230 7.89 -23.16 -28.22
CA PRO A 230 9.14 -22.68 -27.65
C PRO A 230 9.56 -23.52 -26.45
N GLY A 231 10.85 -23.50 -26.11
CA GLY A 231 11.32 -24.26 -24.97
C GLY A 231 10.59 -23.85 -23.70
N ASP A 232 10.41 -24.78 -22.78
CA ASP A 232 9.71 -24.51 -21.53
C ASP A 232 10.61 -23.90 -20.46
N ILE A 233 10.28 -22.68 -20.05
CA ILE A 233 11.03 -21.98 -19.02
C ILE A 233 10.99 -22.77 -17.72
N SER A 234 9.87 -23.44 -17.47
CA SER A 234 9.73 -24.23 -16.26
C SER A 234 10.71 -25.40 -16.25
N SER A 235 11.11 -25.84 -17.44
CA SER A 235 12.08 -26.93 -17.53
C SER A 235 13.46 -26.30 -17.49
N ALA A 236 13.61 -25.18 -18.17
CA ALA A 236 14.89 -24.47 -18.19
C ALA A 236 15.26 -24.08 -16.75
N ALA A 237 14.23 -23.83 -15.94
CA ALA A 237 14.43 -23.42 -14.57
C ALA A 237 15.30 -24.38 -13.75
N PHE A 238 15.20 -25.68 -14.01
CA PHE A 238 16.02 -26.61 -13.23
C PHE A 238 17.50 -26.41 -13.53
N TRP A 239 17.83 -26.05 -14.77
CA TRP A 239 19.22 -25.81 -15.17
C TRP A 239 19.71 -24.43 -14.78
N LEU A 240 18.79 -23.46 -14.78
CA LEU A 240 19.13 -22.09 -14.39
C LEU A 240 19.66 -22.15 -12.96
N VAL A 241 18.95 -22.89 -12.10
CA VAL A 241 19.37 -23.00 -10.72
C VAL A 241 20.62 -23.88 -10.59
N ALA A 242 20.65 -25.00 -11.31
CA ALA A 242 21.80 -25.89 -11.25
C ALA A 242 23.09 -25.14 -11.59
N GLY A 243 22.99 -24.22 -12.55
CA GLY A 243 24.16 -23.45 -12.96
C GLY A 243 24.63 -22.38 -11.99
N LEU A 244 23.73 -21.90 -11.14
CA LEU A 244 24.06 -20.88 -10.16
C LEU A 244 24.57 -21.53 -8.88
N ILE A 245 24.05 -22.74 -8.64
CA ILE A 245 24.32 -23.51 -7.46
C ILE A 245 25.53 -24.44 -7.47
N ALA A 246 25.78 -25.09 -8.60
CA ALA A 246 26.91 -26.00 -8.72
C ALA A 246 28.18 -25.20 -8.94
N PRO A 247 29.30 -25.66 -8.37
CA PRO A 247 30.58 -24.96 -8.51
C PRO A 247 31.16 -25.08 -9.92
N ASN A 248 31.99 -24.11 -10.30
CA ASN A 248 32.63 -24.11 -11.60
C ASN A 248 31.68 -24.49 -12.71
N SER A 249 30.55 -23.79 -12.78
CA SER A 249 29.56 -24.09 -13.81
C SER A 249 29.13 -22.89 -14.67
N ARG A 250 28.76 -23.20 -15.91
CA ARG A 250 28.27 -22.22 -16.85
C ARG A 250 27.40 -22.99 -17.82
N LEU A 251 26.10 -22.72 -17.78
CA LEU A 251 25.16 -23.40 -18.64
C LEU A 251 24.50 -22.44 -19.61
N VAL A 252 24.31 -22.89 -20.85
CA VAL A 252 23.65 -22.07 -21.85
C VAL A 252 22.36 -22.77 -22.30
N LEU A 253 21.22 -22.14 -21.97
CA LEU A 253 19.92 -22.69 -22.30
C LEU A 253 19.30 -21.93 -23.47
N GLN A 254 19.26 -22.58 -24.63
CA GLN A 254 18.72 -21.97 -25.83
C GLN A 254 17.24 -22.18 -26.04
N ASN A 255 16.68 -21.30 -26.87
CA ASN A 255 15.27 -21.35 -27.26
C ASN A 255 14.29 -21.48 -26.10
N VAL A 256 14.46 -20.67 -25.06
CA VAL A 256 13.55 -20.72 -23.91
C VAL A 256 12.48 -19.65 -24.03
N GLY A 257 11.22 -20.07 -23.90
CA GLY A 257 10.10 -19.14 -23.97
C GLY A 257 10.34 -18.07 -22.93
N ILE A 258 10.09 -16.82 -23.27
CA ILE A 258 10.34 -15.75 -22.33
C ILE A 258 9.14 -14.83 -22.07
N ASN A 259 7.94 -15.39 -22.21
CA ASN A 259 6.68 -14.67 -21.99
C ASN A 259 6.69 -14.07 -20.57
N GLU A 260 6.51 -12.75 -20.51
CA GLU A 260 6.50 -12.01 -19.25
C GLU A 260 5.68 -12.61 -18.10
N THR A 261 4.60 -13.32 -18.42
CA THR A 261 3.78 -13.93 -17.37
C THR A 261 4.36 -15.25 -16.87
N ARG A 262 5.51 -15.64 -17.40
CA ARG A 262 6.16 -16.89 -17.00
C ARG A 262 7.60 -16.71 -16.50
N THR A 263 8.09 -15.47 -16.56
CA THR A 263 9.47 -15.20 -16.17
C THR A 263 9.77 -14.81 -14.72
N GLY A 264 8.94 -15.27 -13.79
CA GLY A 264 9.17 -14.95 -12.40
C GLY A 264 10.54 -15.36 -11.85
N ILE A 265 11.02 -16.54 -12.25
CA ILE A 265 12.29 -17.01 -11.74
C ILE A 265 13.46 -16.12 -12.15
N ILE A 266 13.31 -15.40 -13.27
CA ILE A 266 14.37 -14.51 -13.70
C ILE A 266 14.49 -13.34 -12.71
N ASP A 267 13.35 -12.82 -12.27
CA ASP A 267 13.37 -11.71 -11.33
C ASP A 267 13.96 -12.13 -9.98
N VAL A 268 13.70 -13.37 -9.54
CA VAL A 268 14.24 -13.85 -8.28
C VAL A 268 15.76 -14.04 -8.35
N ILE A 269 16.24 -14.65 -9.42
CA ILE A 269 17.67 -14.88 -9.60
C ILE A 269 18.36 -13.53 -9.54
N ARG A 270 17.72 -12.54 -10.15
CA ARG A 270 18.21 -11.17 -10.19
C ARG A 270 18.34 -10.64 -8.78
N ALA A 271 17.23 -10.63 -8.05
CA ALA A 271 17.21 -10.12 -6.69
C ALA A 271 18.19 -10.85 -5.78
N MET A 272 18.47 -12.12 -6.08
CA MET A 272 19.39 -12.90 -5.25
C MET A 272 20.86 -12.77 -5.65
N GLY A 273 21.13 -11.96 -6.67
CA GLY A 273 22.51 -11.75 -7.09
C GLY A 273 23.10 -12.82 -7.99
N GLY A 274 22.26 -13.63 -8.63
CA GLY A 274 22.80 -14.66 -9.50
C GLY A 274 23.31 -14.11 -10.82
N LYS A 275 24.31 -14.78 -11.40
CA LYS A 275 24.89 -14.34 -12.67
C LYS A 275 24.06 -14.90 -13.82
N LEU A 276 23.17 -14.07 -14.36
CA LEU A 276 22.30 -14.48 -15.45
C LEU A 276 22.38 -13.55 -16.66
N GLU A 277 22.75 -14.12 -17.80
CA GLU A 277 22.84 -13.35 -19.03
C GLU A 277 21.72 -13.79 -19.97
N ILE A 278 21.05 -12.84 -20.58
CA ILE A 278 19.97 -13.15 -21.51
C ILE A 278 20.39 -12.63 -22.89
N THR A 279 20.46 -13.51 -23.87
CA THR A 279 20.86 -13.14 -25.22
C THR A 279 19.98 -13.75 -26.29
N GLU A 280 20.39 -13.54 -27.54
CA GLU A 280 19.68 -14.04 -28.73
C GLU A 280 18.16 -13.93 -28.56
N ILE A 281 17.70 -12.76 -28.14
CA ILE A 281 16.29 -12.52 -27.92
C ILE A 281 15.46 -12.42 -29.20
N ASP A 282 14.48 -13.31 -29.35
CA ASP A 282 13.57 -13.28 -30.49
C ASP A 282 12.34 -12.56 -29.95
N PRO A 283 12.18 -11.27 -30.28
CA PRO A 283 11.07 -10.42 -29.83
C PRO A 283 9.66 -10.84 -30.28
N VAL A 284 9.58 -11.74 -31.25
CA VAL A 284 8.29 -12.19 -31.74
C VAL A 284 7.91 -13.56 -31.17
N ALA A 285 8.78 -14.55 -31.33
CA ALA A 285 8.51 -15.89 -30.80
C ALA A 285 8.49 -15.83 -29.28
N LYS A 286 9.03 -14.75 -28.74
CA LYS A 286 9.11 -14.56 -27.30
C LYS A 286 10.04 -15.60 -26.69
N SER A 287 11.23 -15.76 -27.26
CA SER A 287 12.18 -16.72 -26.73
C SER A 287 13.58 -16.10 -26.66
N ALA A 288 14.49 -16.77 -25.96
CA ALA A 288 15.85 -16.27 -25.82
C ALA A 288 16.75 -17.35 -25.27
N THR A 289 18.04 -17.09 -25.20
CA THR A 289 18.93 -18.08 -24.63
C THR A 289 19.40 -17.50 -23.30
N LEU A 290 19.27 -18.30 -22.25
CA LEU A 290 19.66 -17.89 -20.89
C LEU A 290 20.98 -18.53 -20.52
N ILE A 291 21.89 -17.73 -19.99
CA ILE A 291 23.19 -18.24 -19.59
C ILE A 291 23.40 -17.94 -18.11
N VAL A 292 23.69 -19.00 -17.35
CA VAL A 292 23.91 -18.87 -15.92
C VAL A 292 25.32 -19.32 -15.52
N GLU A 293 25.81 -18.76 -14.41
CA GLU A 293 27.14 -19.05 -13.89
C GLU A 293 27.14 -19.24 -12.37
N SER A 294 28.08 -20.03 -11.86
CA SER A 294 28.18 -20.27 -10.43
C SER A 294 28.15 -18.92 -9.71
N SER A 295 27.19 -18.75 -8.80
CA SER A 295 27.05 -17.49 -8.09
C SER A 295 26.88 -17.64 -6.59
N ASP A 296 27.17 -16.56 -5.87
CA ASP A 296 26.99 -16.54 -4.42
C ASP A 296 25.70 -15.75 -4.26
N LEU A 297 24.66 -16.41 -3.75
CA LEU A 297 23.36 -15.77 -3.60
C LEU A 297 23.02 -15.21 -2.23
N LYS A 298 22.04 -14.31 -2.23
CA LYS A 298 21.53 -13.67 -1.02
C LYS A 298 20.02 -13.91 -1.02
N GLY A 299 19.45 -14.13 0.17
CA GLY A 299 18.02 -14.38 0.27
C GLY A 299 17.16 -13.23 -0.24
N THR A 300 15.90 -13.53 -0.57
CA THR A 300 14.98 -12.51 -1.07
C THR A 300 13.56 -12.82 -0.64
N GLU A 301 12.64 -11.94 -1.00
CA GLU A 301 11.23 -12.14 -0.65
C GLU A 301 10.41 -12.37 -1.92
N ILE A 302 9.57 -13.39 -1.89
CA ILE A 302 8.75 -13.75 -3.03
C ILE A 302 7.28 -13.75 -2.60
N CYS A 303 6.52 -12.77 -3.07
CA CYS A 303 5.12 -12.67 -2.68
C CYS A 303 4.24 -12.03 -3.74
N GLY A 304 2.94 -12.04 -3.45
CA GLY A 304 1.89 -11.48 -4.30
C GLY A 304 2.24 -10.90 -5.66
N ALA A 305 1.52 -11.34 -6.67
CA ALA A 305 1.72 -10.88 -8.05
C ALA A 305 2.84 -11.64 -8.73
N LEU A 306 3.94 -11.82 -8.04
CA LEU A 306 5.07 -12.56 -8.59
C LEU A 306 4.74 -14.06 -8.59
N ILE A 307 3.93 -14.47 -7.61
CA ILE A 307 3.56 -15.88 -7.45
C ILE A 307 3.06 -16.58 -8.71
N PRO A 308 2.01 -16.07 -9.37
CA PRO A 308 1.57 -16.77 -10.57
C PRO A 308 2.60 -16.76 -11.71
N ARG A 309 3.57 -15.86 -11.64
CA ARG A 309 4.60 -15.79 -12.65
C ARG A 309 5.68 -16.86 -12.43
N LEU A 310 5.56 -17.61 -11.33
CA LEU A 310 6.54 -18.64 -11.02
C LEU A 310 6.06 -19.74 -10.06
N ILE A 311 4.75 -19.96 -9.95
CA ILE A 311 4.25 -21.00 -9.04
C ILE A 311 4.97 -22.32 -9.17
N ASP A 312 5.16 -22.76 -10.42
CA ASP A 312 5.81 -24.03 -10.67
C ASP A 312 7.32 -24.05 -10.43
N GLU A 313 7.91 -22.87 -10.24
CA GLU A 313 9.35 -22.79 -9.99
C GLU A 313 9.69 -22.72 -8.50
N LEU A 314 8.67 -22.62 -7.64
CA LEU A 314 8.91 -22.53 -6.22
C LEU A 314 9.67 -23.75 -5.69
N PRO A 315 9.41 -24.95 -6.27
CA PRO A 315 10.17 -26.08 -5.75
C PRO A 315 11.69 -25.88 -5.95
N ILE A 316 12.12 -25.58 -7.17
CA ILE A 316 13.55 -25.36 -7.41
C ILE A 316 14.06 -24.05 -6.84
N ILE A 317 13.18 -23.07 -6.67
CA ILE A 317 13.60 -21.82 -6.09
C ILE A 317 13.91 -22.06 -4.62
N ALA A 318 13.17 -23.00 -4.01
CA ALA A 318 13.41 -23.35 -2.61
C ALA A 318 14.84 -23.86 -2.47
N LEU A 319 15.22 -24.75 -3.40
CA LEU A 319 16.56 -25.32 -3.41
C LEU A 319 17.54 -24.17 -3.59
N LEU A 320 17.22 -23.28 -4.51
CA LEU A 320 18.05 -22.10 -4.80
C LEU A 320 18.22 -21.30 -3.50
N ALA A 321 17.11 -21.05 -2.81
CA ALA A 321 17.11 -20.32 -1.56
C ALA A 321 18.00 -21.00 -0.52
N THR A 322 17.97 -22.32 -0.55
CA THR A 322 18.77 -23.15 0.35
C THR A 322 20.27 -22.82 0.25
N GLN A 323 20.70 -22.36 -0.92
CA GLN A 323 22.10 -22.03 -1.15
C GLN A 323 22.46 -20.56 -0.98
N ALA A 324 21.45 -19.72 -0.74
CA ALA A 324 21.70 -18.29 -0.57
C ALA A 324 22.00 -17.94 0.88
N GLN A 325 22.76 -16.87 1.09
CA GLN A 325 23.08 -16.44 2.44
C GLN A 325 21.84 -15.73 3.00
N GLY A 326 21.46 -16.10 4.21
CA GLY A 326 20.31 -15.45 4.82
C GLY A 326 18.97 -16.11 4.57
N VAL A 327 17.92 -15.42 4.99
CA VAL A 327 16.55 -15.90 4.88
C VAL A 327 15.83 -15.47 3.60
N THR A 328 14.98 -16.35 3.10
CA THR A 328 14.19 -16.07 1.93
C THR A 328 12.77 -16.51 2.29
N VAL A 329 11.81 -15.60 2.10
CA VAL A 329 10.43 -15.88 2.43
C VAL A 329 9.58 -16.07 1.19
N ILE A 330 8.70 -17.06 1.25
CA ILE A 330 7.79 -17.32 0.15
C ILE A 330 6.40 -17.30 0.77
N LYS A 331 5.56 -16.40 0.28
CA LYS A 331 4.19 -16.28 0.80
C LYS A 331 3.21 -15.99 -0.32
N ASP A 332 1.91 -16.04 0.00
CA ASP A 332 0.86 -15.80 -0.98
C ASP A 332 0.86 -16.95 -1.98
N ALA A 333 1.42 -18.08 -1.56
CA ALA A 333 1.53 -19.27 -2.40
C ALA A 333 0.76 -20.47 -1.87
N GLU A 334 -0.38 -20.23 -1.27
CA GLU A 334 -1.21 -21.30 -0.74
C GLU A 334 -1.58 -22.26 -1.88
N GLU A 335 -1.56 -21.75 -3.10
CA GLU A 335 -1.88 -22.57 -4.27
C GLU A 335 -0.96 -23.79 -4.43
N LEU A 336 0.22 -23.74 -3.81
CA LEU A 336 1.15 -24.86 -3.88
C LEU A 336 0.58 -26.15 -3.30
N LYS A 337 -0.09 -26.02 -2.17
CA LYS A 337 -0.69 -27.16 -1.47
C LYS A 337 -1.63 -27.98 -2.34
N VAL A 338 -2.12 -27.38 -3.41
CA VAL A 338 -3.08 -28.02 -4.27
C VAL A 338 -2.55 -28.55 -5.62
N LYS A 339 -1.22 -28.61 -5.75
CA LYS A 339 -0.60 -29.11 -6.97
C LYS A 339 -0.51 -30.63 -7.03
N GLU A 340 0.27 -31.15 -7.98
CA GLU A 340 0.42 -32.60 -8.14
C GLU A 340 0.74 -33.26 -6.78
N THR A 341 1.23 -32.44 -5.87
CA THR A 341 1.52 -32.81 -4.48
C THR A 341 1.39 -31.48 -3.77
N ASP A 342 1.38 -31.51 -2.45
CA ASP A 342 1.33 -30.29 -1.65
C ASP A 342 2.78 -29.85 -1.77
N ARG A 343 3.08 -28.97 -2.72
CA ARG A 343 4.45 -28.53 -2.94
C ARG A 343 5.08 -27.71 -1.81
N ILE A 344 4.31 -27.44 -0.77
CA ILE A 344 4.89 -26.74 0.38
C ILE A 344 5.43 -27.83 1.29
N GLN A 345 4.57 -28.77 1.65
CA GLN A 345 4.97 -29.86 2.54
C GLN A 345 6.00 -30.81 1.94
N VAL A 346 5.74 -31.33 0.73
CA VAL A 346 6.68 -32.26 0.12
C VAL A 346 8.04 -31.62 -0.13
N VAL A 347 8.06 -30.39 -0.62
CA VAL A 347 9.32 -29.70 -0.88
C VAL A 347 10.08 -29.49 0.42
N ALA A 348 9.37 -29.04 1.45
CA ALA A 348 9.99 -28.82 2.75
C ALA A 348 10.58 -30.12 3.27
N ASP A 349 9.77 -31.18 3.30
CA ASP A 349 10.24 -32.48 3.79
C ASP A 349 11.45 -32.99 3.00
N ALA A 350 11.34 -32.95 1.68
CA ALA A 350 12.42 -33.44 0.83
C ALA A 350 13.75 -32.73 1.08
N LEU A 351 13.74 -31.40 1.03
CA LEU A 351 14.98 -30.66 1.24
C LEU A 351 15.47 -30.70 2.69
N ASN A 352 14.56 -30.73 3.65
CA ASN A 352 14.99 -30.79 5.04
C ASN A 352 15.69 -32.12 5.30
N SER A 353 15.22 -33.19 4.67
CA SER A 353 15.84 -34.50 4.85
C SER A 353 17.24 -34.50 4.23
N MET A 354 17.55 -33.47 3.46
CA MET A 354 18.84 -33.34 2.78
C MET A 354 19.83 -32.31 3.31
N GLY A 355 19.34 -31.18 3.79
CA GLY A 355 20.25 -30.14 4.27
C GLY A 355 19.55 -29.28 5.29
N ALA A 356 18.24 -29.18 5.13
CA ALA A 356 17.37 -28.46 6.07
C ALA A 356 17.22 -26.95 6.07
N ASP A 357 16.57 -26.53 7.14
CA ASP A 357 16.21 -25.17 7.46
C ASP A 357 15.18 -24.52 6.57
N ILE A 358 14.10 -25.26 6.36
CA ILE A 358 12.97 -24.78 5.61
C ILE A 358 11.76 -24.97 6.53
N THR A 359 11.11 -23.85 6.85
CA THR A 359 9.94 -23.86 7.72
C THR A 359 8.69 -23.71 6.88
N PRO A 360 7.89 -24.78 6.77
CA PRO A 360 6.67 -24.66 5.97
C PRO A 360 5.66 -23.77 6.69
N THR A 361 4.93 -22.97 5.93
CA THR A 361 3.91 -22.11 6.52
C THR A 361 2.61 -22.38 5.80
N ALA A 362 1.56 -21.68 6.21
CA ALA A 362 0.24 -21.87 5.61
C ALA A 362 0.18 -21.38 4.18
N ASP A 363 0.97 -20.35 3.86
CA ASP A 363 0.96 -19.81 2.51
C ASP A 363 2.32 -19.81 1.81
N GLY A 364 3.20 -20.71 2.23
CA GLY A 364 4.50 -20.78 1.60
C GLY A 364 5.53 -21.44 2.50
N MET A 365 6.71 -20.85 2.57
CA MET A 365 7.77 -21.39 3.41
C MET A 365 8.82 -20.33 3.65
N ILE A 366 9.61 -20.53 4.69
CA ILE A 366 10.69 -19.61 5.03
C ILE A 366 11.94 -20.47 5.03
N ILE A 367 12.93 -20.06 4.25
CA ILE A 367 14.18 -20.82 4.11
C ILE A 367 15.39 -20.02 4.59
N LYS A 368 16.13 -20.59 5.54
CA LYS A 368 17.32 -19.93 6.04
C LYS A 368 18.47 -20.52 5.24
N GLY A 369 19.15 -19.67 4.49
CA GLY A 369 20.21 -20.09 3.61
C GLY A 369 21.62 -20.48 3.98
N LYS A 370 22.18 -21.19 3.00
CA LYS A 370 23.51 -21.77 2.98
C LYS A 370 23.65 -23.01 3.83
N SER A 371 23.08 -24.08 3.29
CA SER A 371 23.09 -25.39 3.92
C SER A 371 23.90 -26.34 3.06
N ALA A 372 24.81 -27.08 3.68
CA ALA A 372 25.58 -28.07 2.94
C ALA A 372 24.57 -29.21 2.89
N LEU A 373 24.39 -29.85 1.74
CA LEU A 373 23.42 -30.93 1.65
C LEU A 373 24.06 -32.31 1.76
N HIS A 374 23.27 -33.29 2.22
CA HIS A 374 23.73 -34.66 2.37
C HIS A 374 22.68 -35.64 1.85
N GLY A 375 23.06 -36.91 1.79
CA GLY A 375 22.19 -37.96 1.28
C GLY A 375 20.84 -38.12 1.93
N ALA A 376 19.94 -38.77 1.21
CA ALA A 376 18.59 -39.03 1.69
C ALA A 376 17.80 -39.78 0.64
N ARG A 377 16.66 -40.32 1.05
CA ARG A 377 15.77 -41.00 0.12
C ARG A 377 14.60 -40.06 -0.05
N VAL A 378 14.28 -39.74 -1.29
CA VAL A 378 13.17 -38.85 -1.55
C VAL A 378 12.19 -39.54 -2.46
N ASN A 379 10.91 -39.38 -2.17
CA ASN A 379 9.90 -39.97 -3.02
C ASN A 379 9.24 -38.85 -3.78
N THR A 380 9.06 -39.08 -5.08
CA THR A 380 8.44 -38.14 -5.99
C THR A 380 6.96 -37.93 -5.69
N PHE A 381 6.28 -38.99 -5.29
CA PHE A 381 4.85 -38.95 -5.01
C PHE A 381 4.09 -38.58 -6.29
N GLY A 382 4.69 -38.89 -7.44
CA GLY A 382 4.05 -38.63 -8.71
C GLY A 382 4.20 -37.23 -9.28
N ASP A 383 4.98 -36.39 -8.62
CA ASP A 383 5.19 -35.01 -9.05
C ASP A 383 6.56 -34.82 -9.72
N HIS A 384 6.56 -34.66 -11.03
CA HIS A 384 7.79 -34.48 -11.79
C HIS A 384 8.72 -33.38 -11.24
N ARG A 385 8.15 -32.31 -10.73
CA ARG A 385 8.97 -31.20 -10.23
C ARG A 385 9.71 -31.56 -8.94
N ILE A 386 9.11 -32.40 -8.12
CA ILE A 386 9.76 -32.83 -6.88
C ILE A 386 10.98 -33.66 -7.27
N GLY A 387 10.80 -34.50 -8.30
CA GLY A 387 11.89 -35.34 -8.78
C GLY A 387 13.06 -34.57 -9.35
N MET A 388 12.79 -33.65 -10.28
CA MET A 388 13.87 -32.88 -10.88
C MET A 388 14.53 -31.96 -9.86
N MET A 389 13.78 -31.52 -8.86
CA MET A 389 14.34 -30.66 -7.82
C MET A 389 15.38 -31.46 -7.04
N THR A 390 15.01 -32.69 -6.65
CA THR A 390 15.89 -33.56 -5.89
C THR A 390 17.12 -33.90 -6.72
N ALA A 391 16.94 -34.09 -8.02
CA ALA A 391 18.05 -34.41 -8.90
C ALA A 391 19.11 -33.31 -8.85
N ILE A 392 18.68 -32.06 -8.92
CA ILE A 392 19.66 -30.98 -8.89
C ILE A 392 20.21 -30.83 -7.47
N ALA A 393 19.37 -31.00 -6.46
CA ALA A 393 19.84 -30.90 -5.08
C ALA A 393 20.95 -31.92 -4.83
N ALA A 394 20.77 -33.11 -5.39
CA ALA A 394 21.73 -34.20 -5.23
C ALA A 394 23.13 -33.85 -5.76
N LEU A 395 23.18 -33.00 -6.77
CA LEU A 395 24.47 -32.60 -7.33
C LEU A 395 25.35 -31.91 -6.29
N LEU A 396 24.72 -31.28 -5.32
CA LEU A 396 25.45 -30.57 -4.27
C LEU A 396 25.82 -31.43 -3.06
N VAL A 397 25.40 -32.68 -3.04
CA VAL A 397 25.73 -33.55 -1.91
C VAL A 397 27.19 -33.99 -2.01
N ALA A 398 28.02 -33.42 -1.15
CA ALA A 398 29.46 -33.70 -1.15
C ALA A 398 29.79 -35.14 -0.77
N ASP A 399 29.01 -35.70 0.13
CA ASP A 399 29.24 -37.06 0.57
C ASP A 399 27.93 -37.70 0.99
N GLY A 400 27.69 -38.93 0.55
CA GLY A 400 26.46 -39.62 0.88
C GLY A 400 25.71 -40.00 -0.38
N GLU A 401 24.54 -40.60 -0.23
CA GLU A 401 23.77 -40.95 -1.41
C GLU A 401 22.33 -40.53 -1.39
N VAL A 402 21.79 -40.34 -2.58
CA VAL A 402 20.42 -39.93 -2.71
C VAL A 402 19.66 -40.90 -3.60
N GLU A 403 18.59 -41.46 -3.05
CA GLU A 403 17.72 -42.38 -3.76
C GLU A 403 16.45 -41.59 -4.05
N LEU A 404 16.00 -41.64 -5.30
CA LEU A 404 14.80 -40.94 -5.72
C LEU A 404 13.80 -41.99 -6.20
N ASP A 405 12.74 -42.21 -5.42
CA ASP A 405 11.72 -43.18 -5.79
C ASP A 405 10.67 -42.55 -6.70
N ARG A 406 10.04 -43.37 -7.51
CA ARG A 406 9.01 -42.93 -8.44
C ARG A 406 9.57 -41.81 -9.33
N ALA A 407 10.80 -42.01 -9.82
CA ALA A 407 11.45 -41.03 -10.67
C ALA A 407 10.82 -40.91 -12.06
N GLU A 408 10.12 -41.95 -12.48
CA GLU A 408 9.50 -41.90 -13.80
C GLU A 408 8.48 -40.76 -13.92
N ALA A 409 8.09 -40.19 -12.77
CA ALA A 409 7.14 -39.09 -12.77
C ALA A 409 7.69 -37.92 -13.60
N ILE A 410 9.00 -37.84 -13.70
CA ILE A 410 9.64 -36.77 -14.46
C ILE A 410 9.28 -36.78 -15.95
N ASN A 411 8.93 -37.94 -16.50
CA ASN A 411 8.57 -38.01 -17.92
C ASN A 411 7.25 -37.33 -18.21
N THR A 412 6.62 -36.81 -17.16
CA THR A 412 5.34 -36.15 -17.34
C THR A 412 5.51 -34.84 -18.11
N SER A 413 6.68 -34.22 -17.98
CA SER A 413 6.97 -32.96 -18.66
C SER A 413 8.39 -32.86 -19.20
N TYR A 414 9.25 -33.82 -18.87
CA TYR A 414 10.65 -33.76 -19.32
C TYR A 414 11.30 -35.16 -19.39
N PRO A 415 10.91 -35.97 -20.40
CA PRO A 415 11.45 -37.32 -20.59
C PRO A 415 12.96 -37.44 -20.73
N SER A 416 13.58 -36.49 -21.44
CA SER A 416 15.02 -36.54 -21.64
C SER A 416 15.82 -35.82 -20.55
N PHE A 417 15.18 -35.51 -19.44
CA PHE A 417 15.83 -34.81 -18.34
C PHE A 417 17.20 -35.37 -17.94
N PHE A 418 17.24 -36.66 -17.62
CA PHE A 418 18.51 -37.25 -17.22
C PHE A 418 19.53 -37.33 -18.35
N ASP A 419 19.05 -37.37 -19.61
CA ASP A 419 19.97 -37.39 -20.74
C ASP A 419 20.70 -36.05 -20.77
N ASP A 420 19.94 -34.97 -20.63
CA ASP A 420 20.52 -33.64 -20.61
C ASP A 420 21.48 -33.49 -19.43
N LEU A 421 21.10 -34.02 -18.28
CA LEU A 421 21.96 -33.93 -17.10
C LEU A 421 23.31 -34.58 -17.41
N GLU A 422 23.28 -35.78 -17.96
CA GLU A 422 24.50 -36.49 -18.32
C GLU A 422 25.39 -35.69 -19.27
N SER A 423 24.76 -34.99 -20.21
CA SER A 423 25.51 -34.21 -21.19
C SER A 423 26.27 -33.03 -20.56
N LEU A 424 25.73 -32.49 -19.47
CA LEU A 424 26.36 -31.37 -18.79
C LEU A 424 27.49 -31.83 -17.88
N ILE A 425 27.31 -33.01 -17.28
CA ILE A 425 28.29 -33.58 -16.35
C ILE A 425 29.63 -33.87 -17.01
N HIS A 426 29.63 -34.06 -18.32
CA HIS A 426 30.87 -34.36 -19.05
C HIS A 426 31.31 -33.17 -19.89
N GLY A 427 32.43 -32.55 -19.49
CA GLY A 427 32.95 -31.41 -20.23
C GLY A 427 32.33 -30.10 -19.80
N MET B 1 -5.74 30.02 -39.60
CA MET B 1 -6.54 29.43 -40.71
C MET B 1 -7.95 29.13 -40.23
N LYS B 2 -8.86 28.91 -41.18
CA LYS B 2 -10.24 28.61 -40.86
C LYS B 2 -10.36 27.08 -40.72
N LEU B 3 -10.77 26.64 -39.55
CA LEU B 3 -10.94 25.21 -39.29
C LEU B 3 -12.36 24.77 -39.60
N LYS B 4 -12.51 23.58 -40.20
CA LYS B 4 -13.83 23.03 -40.54
C LYS B 4 -14.64 22.91 -39.26
N THR B 5 -15.92 23.22 -39.35
CA THR B 5 -16.76 23.15 -38.17
C THR B 5 -18.05 22.39 -38.47
N ASN B 6 -18.75 21.98 -37.42
CA ASN B 6 -20.04 21.29 -37.55
C ASN B 6 -20.06 20.06 -38.49
N ILE B 7 -19.09 19.16 -38.36
CA ILE B 7 -19.05 17.96 -39.20
C ILE B 7 -20.09 16.95 -38.73
N ARG B 8 -21.01 16.60 -39.61
CA ARG B 8 -22.08 15.67 -39.28
C ARG B 8 -21.73 14.19 -39.38
N HIS B 9 -20.52 13.87 -39.84
CA HIS B 9 -20.10 12.47 -39.94
C HIS B 9 -18.65 12.30 -40.35
N LEU B 10 -18.01 11.29 -39.79
CA LEU B 10 -16.61 10.96 -40.11
C LEU B 10 -16.51 9.48 -40.41
N HIS B 11 -16.08 9.14 -41.62
CA HIS B 11 -15.93 7.76 -42.03
C HIS B 11 -14.71 7.60 -42.91
N GLY B 12 -13.98 6.50 -42.73
CA GLY B 12 -12.82 6.26 -43.56
C GLY B 12 -11.66 5.52 -42.92
N ILE B 13 -10.71 5.17 -43.76
CA ILE B 13 -9.51 4.49 -43.31
C ILE B 13 -8.37 5.51 -43.37
N ILE B 14 -7.52 5.50 -42.35
CA ILE B 14 -6.39 6.41 -42.31
C ILE B 14 -5.16 5.65 -41.87
N ARG B 15 -4.05 5.87 -42.57
CA ARG B 15 -2.79 5.25 -42.21
C ARG B 15 -1.96 6.42 -41.72
N VAL B 16 -1.95 6.63 -40.41
CA VAL B 16 -1.20 7.74 -39.84
C VAL B 16 0.29 7.64 -40.11
N PRO B 17 0.97 8.78 -40.19
CA PRO B 17 2.42 8.79 -40.44
C PRO B 17 3.24 8.07 -39.38
N GLY B 18 4.53 7.88 -39.67
CA GLY B 18 5.42 7.20 -38.77
C GLY B 18 5.55 7.77 -37.37
N ASP B 19 5.89 6.89 -36.44
CA ASP B 19 6.08 7.25 -35.05
C ASP B 19 7.27 8.18 -34.94
N LYS B 20 7.06 9.37 -34.39
CA LYS B 20 8.12 10.36 -34.26
C LYS B 20 9.29 9.92 -33.39
N SER B 21 8.99 9.33 -32.22
CA SER B 21 10.03 8.87 -31.31
C SER B 21 10.93 7.84 -31.97
N ILE B 22 10.33 6.89 -32.68
CA ILE B 22 11.09 5.85 -33.35
C ILE B 22 11.85 6.40 -34.56
N SER B 23 11.24 7.35 -35.28
CA SER B 23 11.89 7.96 -36.43
C SER B 23 13.16 8.69 -36.00
N HIS B 24 13.06 9.51 -34.96
CA HIS B 24 14.22 10.24 -34.42
C HIS B 24 15.35 9.28 -34.09
N ARG B 25 15.01 8.20 -33.39
CA ARG B 25 15.98 7.22 -32.97
C ARG B 25 16.58 6.41 -34.11
N SER B 26 15.80 6.20 -35.18
CA SER B 26 16.28 5.45 -36.33
C SER B 26 17.47 6.18 -36.94
N ILE B 27 17.41 7.51 -36.93
CA ILE B 27 18.48 8.33 -37.47
C ILE B 27 19.71 8.26 -36.57
N ILE B 28 19.48 8.38 -35.27
CA ILE B 28 20.57 8.33 -34.32
C ILE B 28 21.31 7.00 -34.36
N PHE B 29 20.56 5.89 -34.25
CA PHE B 29 21.20 4.58 -34.28
C PHE B 29 21.88 4.33 -35.61
N GLY B 30 21.21 4.72 -36.70
CA GLY B 30 21.80 4.55 -38.01
C GLY B 30 23.14 5.25 -38.10
N SER B 31 23.24 6.42 -37.46
CA SER B 31 24.48 7.19 -37.48
C SER B 31 25.58 6.61 -36.59
N LEU B 32 25.23 6.18 -35.38
CA LEU B 32 26.21 5.62 -34.46
C LEU B 32 26.68 4.21 -34.81
N ALA B 33 25.89 3.50 -35.59
CA ALA B 33 26.23 2.13 -35.98
C ALA B 33 27.27 2.06 -37.09
N GLU B 34 27.76 0.85 -37.35
CA GLU B 34 28.71 0.65 -38.42
C GLU B 34 27.91 0.00 -39.53
N GLY B 35 28.20 0.39 -40.76
CA GLY B 35 27.45 -0.16 -41.87
C GLY B 35 26.33 0.76 -42.27
N GLU B 36 25.52 0.29 -43.20
CA GLU B 36 24.40 1.05 -43.74
C GLU B 36 23.08 0.75 -43.05
N THR B 37 22.28 1.80 -42.83
CA THR B 37 20.95 1.66 -42.23
C THR B 37 19.93 2.27 -43.17
N LYS B 38 18.81 1.58 -43.35
CA LYS B 38 17.73 2.05 -44.21
C LYS B 38 16.45 2.14 -43.38
N VAL B 39 15.80 3.30 -43.43
CA VAL B 39 14.57 3.52 -42.68
C VAL B 39 13.40 3.64 -43.65
N TYR B 40 12.37 2.82 -43.43
CA TYR B 40 11.19 2.81 -44.27
C TYR B 40 9.99 3.41 -43.54
N ASP B 41 9.17 4.15 -44.27
CA ASP B 41 7.97 4.79 -43.73
C ASP B 41 8.31 5.77 -42.60
N ILE B 42 9.47 6.42 -42.72
CA ILE B 42 9.88 7.38 -41.69
C ILE B 42 8.96 8.58 -41.67
N LEU B 43 8.80 9.17 -40.49
CA LEU B 43 7.98 10.35 -40.35
C LEU B 43 8.79 11.53 -40.88
N ARG B 44 8.23 12.29 -41.81
CA ARG B 44 8.96 13.42 -42.36
C ARG B 44 8.52 14.77 -41.81
N GLY B 45 8.03 14.78 -40.57
CA GLY B 45 7.62 16.03 -39.97
C GLY B 45 8.88 16.86 -39.77
N GLU B 46 8.72 18.16 -39.57
CA GLU B 46 9.88 19.05 -39.39
C GLU B 46 10.84 18.62 -38.28
N ASP B 47 10.33 18.07 -37.19
CA ASP B 47 11.24 17.65 -36.12
C ASP B 47 12.23 16.54 -36.54
N VAL B 48 11.77 15.55 -37.29
CA VAL B 48 12.66 14.48 -37.69
C VAL B 48 13.65 15.01 -38.73
N LEU B 49 13.19 15.95 -39.55
CA LEU B 49 14.05 16.54 -40.55
C LEU B 49 15.17 17.29 -39.83
N SER B 50 14.85 17.90 -38.70
CA SER B 50 15.85 18.63 -37.92
C SER B 50 16.94 17.66 -37.45
N THR B 51 16.51 16.49 -36.96
CA THR B 51 17.45 15.48 -36.49
C THR B 51 18.36 15.01 -37.62
N MET B 52 17.77 14.80 -38.79
CA MET B 52 18.54 14.37 -39.94
C MET B 52 19.63 15.38 -40.33
N GLN B 53 19.26 16.66 -40.44
CA GLN B 53 20.23 17.67 -40.81
C GLN B 53 21.35 17.80 -39.79
N VAL B 54 21.02 17.63 -38.51
CA VAL B 54 22.02 17.70 -37.46
C VAL B 54 23.15 16.69 -37.69
N PHE B 55 22.79 15.43 -37.92
CA PHE B 55 23.80 14.42 -38.15
C PHE B 55 24.53 14.65 -39.47
N ARG B 56 23.86 15.26 -40.45
CA ARG B 56 24.52 15.55 -41.71
C ARG B 56 25.61 16.59 -41.42
N ASP B 57 25.26 17.58 -40.58
CA ASP B 57 26.21 18.62 -40.19
C ASP B 57 27.35 17.98 -39.39
N LEU B 58 27.06 16.85 -38.75
CA LEU B 58 28.06 16.14 -37.97
C LEU B 58 28.87 15.20 -38.88
N GLY B 59 28.67 15.33 -40.19
CA GLY B 59 29.41 14.53 -41.14
C GLY B 59 28.78 13.21 -41.56
N VAL B 60 27.52 12.98 -41.19
CA VAL B 60 26.88 11.73 -41.55
C VAL B 60 26.15 11.83 -42.87
N GLU B 61 26.41 10.88 -43.75
CA GLU B 61 25.76 10.83 -45.05
C GLU B 61 24.35 10.25 -44.87
N ILE B 62 23.34 11.06 -45.18
CA ILE B 62 21.94 10.65 -45.04
C ILE B 62 21.17 11.00 -46.30
N GLU B 63 20.84 9.96 -47.07
CA GLU B 63 20.13 10.12 -48.33
C GLU B 63 18.64 9.77 -48.25
N ASP B 64 17.80 10.70 -48.69
CA ASP B 64 16.36 10.50 -48.73
C ASP B 64 16.03 10.31 -50.21
N LYS B 65 15.90 9.05 -50.63
CA LYS B 65 15.65 8.77 -52.02
C LYS B 65 14.50 7.80 -52.24
N ASP B 66 13.55 8.23 -53.07
CA ASP B 66 12.39 7.43 -53.40
C ASP B 66 11.67 6.91 -52.15
N GLY B 67 11.49 7.78 -51.16
CA GLY B 67 10.80 7.40 -49.94
C GLY B 67 11.62 6.62 -48.93
N VAL B 68 12.86 6.29 -49.28
CA VAL B 68 13.72 5.54 -48.37
C VAL B 68 14.87 6.38 -47.81
N ILE B 69 15.08 6.30 -46.49
CA ILE B 69 16.17 7.02 -45.85
C ILE B 69 17.34 6.06 -45.73
N THR B 70 18.49 6.42 -46.27
CA THR B 70 19.68 5.58 -46.18
C THR B 70 20.80 6.32 -45.44
N VAL B 71 21.23 5.75 -44.32
CA VAL B 71 22.27 6.34 -43.50
C VAL B 71 23.59 5.55 -43.55
N GLN B 72 24.69 6.25 -43.80
CA GLN B 72 26.00 5.61 -43.82
C GLN B 72 26.55 5.81 -42.42
N GLY B 73 26.43 4.78 -41.59
CA GLY B 73 26.91 4.87 -40.22
C GLY B 73 28.36 5.25 -40.09
N VAL B 74 28.70 5.97 -39.01
CA VAL B 74 30.08 6.38 -38.78
C VAL B 74 30.77 5.64 -37.63
N GLY B 75 30.06 4.71 -36.98
CA GLY B 75 30.69 3.92 -35.93
C GLY B 75 30.67 4.09 -34.41
N MET B 76 30.08 5.16 -33.88
CA MET B 76 30.00 5.39 -32.42
C MET B 76 30.99 6.43 -31.92
N ALA B 77 32.11 6.59 -32.62
CA ALA B 77 33.09 7.59 -32.27
C ALA B 77 33.47 8.27 -33.56
N GLY B 78 32.54 8.25 -34.52
CA GLY B 78 32.80 8.84 -35.82
C GLY B 78 32.18 10.19 -36.11
N LEU B 79 31.54 10.80 -35.12
CA LEU B 79 30.92 12.11 -35.33
C LEU B 79 31.97 13.21 -35.41
N LYS B 80 31.74 14.19 -36.27
CA LYS B 80 32.71 15.28 -36.46
C LYS B 80 32.14 16.67 -36.15
N ALA B 81 33.02 17.56 -35.69
CA ALA B 81 32.61 18.91 -35.36
C ALA B 81 31.87 19.53 -36.55
N PRO B 82 30.74 20.19 -36.30
CA PRO B 82 29.96 20.82 -37.36
C PRO B 82 30.53 22.19 -37.70
N GLN B 83 30.31 22.62 -38.94
CA GLN B 83 30.78 23.92 -39.40
C GLN B 83 30.11 25.05 -38.62
N ASN B 84 28.81 24.90 -38.37
CA ASN B 84 28.03 25.89 -37.63
C ASN B 84 27.34 25.23 -36.45
N ALA B 85 26.60 26.02 -35.69
CA ALA B 85 25.87 25.49 -34.52
C ALA B 85 24.81 24.51 -35.02
N LEU B 86 24.42 23.58 -34.16
CA LEU B 86 23.41 22.59 -34.51
C LEU B 86 22.04 23.20 -34.23
N ASN B 87 21.17 23.14 -35.25
CA ASN B 87 19.82 23.70 -35.16
C ASN B 87 18.79 22.62 -34.82
N MET B 88 18.40 22.57 -33.54
CA MET B 88 17.43 21.59 -33.08
C MET B 88 15.98 21.98 -33.35
N GLY B 89 15.78 23.20 -33.84
CA GLY B 89 14.44 23.67 -34.14
C GLY B 89 13.46 23.58 -32.97
N ASN B 90 12.33 22.92 -33.21
CA ASN B 90 11.28 22.74 -32.21
C ASN B 90 11.43 21.44 -31.42
N SER B 91 12.26 20.54 -31.94
CA SER B 91 12.46 19.21 -31.36
C SER B 91 13.17 19.06 -30.01
N GLY B 92 12.38 18.86 -28.96
CA GLY B 92 12.97 18.64 -27.65
C GLY B 92 13.69 17.31 -27.67
N THR B 93 13.12 16.33 -28.37
CA THR B 93 13.71 15.00 -28.47
C THR B 93 15.12 15.09 -29.06
N SER B 94 15.26 15.87 -30.14
CA SER B 94 16.54 16.02 -30.79
C SER B 94 17.62 16.57 -29.87
N ILE B 95 17.36 17.72 -29.26
CA ILE B 95 18.37 18.33 -28.41
C ILE B 95 18.71 17.51 -27.17
N ARG B 96 17.72 16.87 -26.55
CA ARG B 96 18.00 16.08 -25.38
C ARG B 96 18.72 14.77 -25.67
N LEU B 97 18.27 14.00 -26.66
CA LEU B 97 18.94 12.74 -26.96
C LEU B 97 20.31 12.94 -27.61
N ILE B 98 20.43 13.95 -28.46
CA ILE B 98 21.70 14.20 -29.12
C ILE B 98 22.74 14.73 -28.13
N SER B 99 22.26 15.25 -27.00
CA SER B 99 23.17 15.72 -25.96
C SER B 99 23.94 14.52 -25.42
N GLY B 100 23.23 13.41 -25.27
CA GLY B 100 23.85 12.20 -24.76
C GLY B 100 24.71 11.57 -25.85
N VAL B 101 24.25 11.71 -27.09
CA VAL B 101 24.95 11.17 -28.24
C VAL B 101 26.33 11.82 -28.37
N LEU B 102 26.41 13.11 -28.12
CA LEU B 102 27.66 13.84 -28.25
C LEU B 102 28.55 13.80 -27.01
N ALA B 103 28.17 12.99 -26.03
CA ALA B 103 28.96 12.89 -24.81
C ALA B 103 30.42 12.52 -25.09
N GLY B 104 30.65 11.76 -26.14
CA GLY B 104 32.01 11.35 -26.46
C GLY B 104 32.68 12.18 -27.54
N ALA B 105 32.05 13.27 -27.92
CA ALA B 105 32.61 14.14 -28.96
C ALA B 105 33.84 14.87 -28.45
N ASP B 106 34.94 14.80 -29.19
CA ASP B 106 36.17 15.46 -28.77
C ASP B 106 36.25 16.85 -29.37
N PHE B 107 35.28 17.68 -28.99
CA PHE B 107 35.17 19.06 -29.45
C PHE B 107 33.97 19.68 -28.75
N GLU B 108 33.86 21.01 -28.83
CA GLU B 108 32.74 21.69 -28.19
C GLU B 108 31.82 22.22 -29.26
N VAL B 109 30.51 22.00 -29.08
CA VAL B 109 29.55 22.46 -30.05
C VAL B 109 28.39 23.21 -29.41
N GLU B 110 27.72 24.02 -30.21
CA GLU B 110 26.58 24.80 -29.76
C GLU B 110 25.30 24.24 -30.38
N MET B 111 24.27 24.10 -29.55
CA MET B 111 22.98 23.58 -29.98
C MET B 111 21.91 24.60 -29.59
N PHE B 112 21.14 25.06 -30.57
CA PHE B 112 20.10 26.03 -30.31
C PHE B 112 18.77 25.55 -30.88
N GLY B 113 17.69 26.16 -30.41
CA GLY B 113 16.36 25.80 -30.89
C GLY B 113 15.53 27.05 -31.12
N ASP B 114 14.26 26.87 -31.51
CA ASP B 114 13.39 28.02 -31.75
C ASP B 114 12.93 28.65 -30.45
N ASP B 115 12.00 29.59 -30.55
CA ASP B 115 11.48 30.28 -29.37
C ASP B 115 10.93 29.32 -28.33
N SER B 116 10.17 28.34 -28.80
CA SER B 116 9.55 27.34 -27.94
C SER B 116 10.57 26.46 -27.23
N LEU B 117 11.44 25.83 -28.01
CA LEU B 117 12.46 24.95 -27.46
C LEU B 117 13.35 25.67 -26.44
N SER B 118 13.65 26.94 -26.70
CA SER B 118 14.51 27.73 -25.82
C SER B 118 13.90 27.99 -24.43
N LYS B 119 12.63 27.64 -24.24
CA LYS B 119 11.97 27.85 -22.96
C LYS B 119 11.92 26.57 -22.13
N ARG B 120 12.44 25.48 -22.69
CA ARG B 120 12.42 24.20 -22.00
C ARG B 120 13.75 23.85 -21.34
N PRO B 121 13.69 23.37 -20.09
CA PRO B 121 14.85 22.99 -19.26
C PRO B 121 15.67 21.80 -19.74
N MET B 122 16.98 21.97 -19.73
CA MET B 122 17.90 20.92 -20.14
C MET B 122 18.71 20.44 -18.94
N ASP B 123 18.48 21.07 -17.78
CA ASP B 123 19.20 20.70 -16.57
C ASP B 123 18.97 19.23 -16.24
N ARG B 124 17.79 18.73 -16.58
CA ARG B 124 17.44 17.34 -16.35
C ARG B 124 18.39 16.42 -17.11
N VAL B 125 19.03 16.96 -18.15
CA VAL B 125 19.97 16.17 -18.92
C VAL B 125 21.41 16.60 -18.67
N THR B 126 21.64 17.89 -18.38
CA THR B 126 23.01 18.33 -18.15
C THR B 126 23.58 17.82 -16.81
N LEU B 127 22.72 17.72 -15.79
CA LEU B 127 23.17 17.25 -14.48
C LEU B 127 23.79 15.86 -14.56
N PRO B 128 23.04 14.86 -15.07
CA PRO B 128 23.64 13.52 -15.15
C PRO B 128 24.81 13.43 -16.13
N LEU B 129 24.71 14.13 -17.26
CA LEU B 129 25.77 14.08 -18.25
C LEU B 129 27.09 14.60 -17.68
N LYS B 130 27.01 15.63 -16.84
CA LYS B 130 28.21 16.20 -16.24
C LYS B 130 28.88 15.21 -15.29
N LYS B 131 28.12 14.30 -14.70
CA LYS B 131 28.70 13.31 -13.80
C LYS B 131 29.61 12.36 -14.59
N MET B 132 29.37 12.27 -15.89
CA MET B 132 30.15 11.38 -16.75
C MET B 132 31.41 12.05 -17.29
N GLY B 133 31.58 13.34 -17.02
CA GLY B 133 32.74 14.05 -17.50
C GLY B 133 32.41 14.98 -18.64
N VAL B 134 31.14 15.02 -19.05
CA VAL B 134 30.73 15.90 -20.12
C VAL B 134 30.60 17.32 -19.57
N SER B 135 30.97 18.30 -20.37
CA SER B 135 30.87 19.68 -19.97
C SER B 135 29.75 20.33 -20.79
N ILE B 136 28.58 20.54 -20.16
CA ILE B 136 27.43 21.12 -20.85
C ILE B 136 26.77 22.19 -20.01
N SER B 137 26.40 23.30 -20.64
CA SER B 137 25.75 24.39 -19.92
C SER B 137 24.79 25.16 -20.84
N GLY B 138 23.78 25.75 -20.22
CA GLY B 138 22.80 26.53 -20.95
C GLY B 138 22.54 27.82 -20.23
N GLN B 139 21.39 28.44 -20.50
CA GLN B 139 21.01 29.71 -19.89
C GLN B 139 20.26 29.48 -18.58
N THR B 140 20.64 30.24 -17.55
CA THR B 140 20.07 30.15 -16.21
C THR B 140 20.34 28.78 -15.60
N GLU B 141 19.94 28.61 -14.34
CA GLU B 141 20.16 27.35 -13.63
C GLU B 141 19.39 26.16 -14.22
N ARG B 142 18.36 26.42 -15.00
CA ARG B 142 17.59 25.35 -15.62
C ARG B 142 18.23 24.89 -16.92
N ASP B 143 19.32 25.55 -17.29
CA ASP B 143 20.04 25.25 -18.52
C ASP B 143 19.16 25.24 -19.75
N LEU B 144 18.54 26.40 -20.01
CA LEU B 144 17.69 26.55 -21.17
C LEU B 144 18.58 26.76 -22.40
N PRO B 145 18.11 26.31 -23.59
CA PRO B 145 18.89 26.47 -24.82
C PRO B 145 19.10 27.97 -25.08
N PRO B 146 20.15 28.33 -25.83
CA PRO B 146 21.15 27.47 -26.46
C PRO B 146 22.10 26.81 -25.47
N LEU B 147 22.55 25.62 -25.82
CA LEU B 147 23.48 24.88 -24.98
C LEU B 147 24.83 24.78 -25.66
N ARG B 148 25.85 24.59 -24.86
CA ARG B 148 27.21 24.42 -25.38
C ARG B 148 27.71 23.14 -24.75
N LEU B 149 28.11 22.20 -25.60
CA LEU B 149 28.57 20.91 -25.13
C LEU B 149 29.95 20.53 -25.63
N LYS B 150 30.78 20.10 -24.68
CA LYS B 150 32.14 19.66 -24.97
C LYS B 150 32.20 18.24 -24.43
N GLY B 151 32.39 17.28 -25.34
CA GLY B 151 32.47 15.90 -24.92
C GLY B 151 33.84 15.55 -24.37
N THR B 152 34.06 14.26 -24.13
CA THR B 152 35.34 13.81 -23.61
C THR B 152 35.66 12.41 -24.08
N LYS B 153 36.95 12.15 -24.28
CA LYS B 153 37.43 10.84 -24.72
C LYS B 153 37.46 9.87 -23.54
N ASN B 154 37.21 10.38 -22.34
CA ASN B 154 37.22 9.56 -21.14
C ASN B 154 35.91 9.58 -20.37
N LEU B 155 34.82 9.23 -21.05
CA LEU B 155 33.51 9.21 -20.43
C LEU B 155 33.46 8.21 -19.28
N ARG B 156 32.91 8.65 -18.15
CA ARG B 156 32.78 7.77 -17.01
C ARG B 156 31.36 7.21 -17.07
N PRO B 157 31.20 5.90 -16.82
CA PRO B 157 29.83 5.34 -16.87
C PRO B 157 28.90 6.10 -15.94
N ILE B 158 27.61 6.03 -16.21
CA ILE B 158 26.64 6.74 -15.39
C ILE B 158 25.78 5.87 -14.48
N HIS B 159 25.66 6.30 -13.23
CA HIS B 159 24.81 5.63 -12.24
C HIS B 159 23.86 6.75 -11.85
N TYR B 160 22.59 6.62 -12.24
CA TYR B 160 21.67 7.71 -11.94
C TYR B 160 20.22 7.29 -11.85
N GLU B 161 19.54 7.82 -10.84
CA GLU B 161 18.12 7.55 -10.64
C GLU B 161 17.37 8.76 -11.16
N LEU B 162 16.70 8.62 -12.30
CA LEU B 162 15.96 9.74 -12.86
C LEU B 162 14.97 10.28 -11.82
N PRO B 163 14.96 11.60 -11.63
CA PRO B 163 14.06 12.23 -10.67
C PRO B 163 12.68 12.45 -11.27
N ILE B 164 12.61 12.38 -12.60
CA ILE B 164 11.36 12.58 -13.33
C ILE B 164 11.13 11.42 -14.30
N ALA B 165 9.88 11.22 -14.69
CA ALA B 165 9.52 10.15 -15.59
C ALA B 165 9.77 10.56 -17.06
N SER B 166 11.04 10.76 -17.40
CA SER B 166 11.39 11.17 -18.75
C SER B 166 12.04 10.07 -19.58
N ALA B 167 11.50 9.84 -20.78
CA ALA B 167 12.07 8.84 -21.67
C ALA B 167 13.28 9.50 -22.33
N GLN B 168 13.19 10.82 -22.54
CA GLN B 168 14.28 11.55 -23.17
C GLN B 168 15.56 11.54 -22.35
N VAL B 169 15.46 11.85 -21.05
CA VAL B 169 16.64 11.82 -20.20
C VAL B 169 17.24 10.40 -20.21
N LYS B 170 16.39 9.40 -20.04
CA LYS B 170 16.82 8.00 -20.05
C LYS B 170 17.59 7.67 -21.32
N SER B 171 17.01 8.04 -22.46
CA SER B 171 17.62 7.76 -23.75
C SER B 171 18.97 8.46 -23.88
N ALA B 172 19.01 9.73 -23.51
CA ALA B 172 20.25 10.50 -23.58
C ALA B 172 21.36 9.75 -22.83
N LEU B 173 21.07 9.37 -21.60
CA LEU B 173 22.04 8.65 -20.79
C LEU B 173 22.44 7.32 -21.41
N MET B 174 21.47 6.61 -21.99
CA MET B 174 21.78 5.33 -22.63
C MET B 174 22.77 5.54 -23.78
N PHE B 175 22.55 6.57 -24.60
CA PHE B 175 23.45 6.83 -25.72
C PHE B 175 24.85 7.18 -25.23
N ALA B 176 24.91 7.87 -24.09
CA ALA B 176 26.21 8.24 -23.53
C ALA B 176 26.87 6.99 -22.93
N ALA B 177 26.08 6.15 -22.26
CA ALA B 177 26.58 4.93 -21.65
C ALA B 177 27.19 3.99 -22.67
N LEU B 178 26.78 4.15 -23.92
CA LEU B 178 27.28 3.33 -25.02
C LEU B 178 28.72 3.71 -25.38
N GLN B 179 29.08 4.94 -25.05
CA GLN B 179 30.42 5.45 -25.36
C GLN B 179 31.36 5.42 -24.16
N ALA B 180 30.79 5.28 -22.96
CA ALA B 180 31.61 5.26 -21.76
C ALA B 180 32.21 3.88 -21.53
N LYS B 181 33.38 3.84 -20.89
CA LYS B 181 34.04 2.58 -20.62
C LYS B 181 33.68 2.11 -19.21
N GLY B 182 32.88 1.06 -19.14
CA GLY B 182 32.47 0.54 -17.85
C GLY B 182 30.98 0.29 -17.83
N GLU B 183 30.46 0.00 -16.64
CA GLU B 183 29.03 -0.29 -16.51
C GLU B 183 28.19 0.86 -15.96
N SER B 184 27.13 1.18 -16.70
CA SER B 184 26.21 2.23 -16.28
C SER B 184 24.90 1.60 -15.84
N VAL B 185 24.25 2.21 -14.86
CA VAL B 185 22.96 1.71 -14.39
C VAL B 185 22.04 2.94 -14.37
N ILE B 186 21.01 2.89 -15.19
CA ILE B 186 20.06 3.98 -15.29
C ILE B 186 18.73 3.48 -14.73
N ILE B 187 18.23 4.15 -13.70
CA ILE B 187 17.00 3.74 -13.05
C ILE B 187 15.85 4.73 -13.27
N GLU B 188 14.76 4.22 -13.82
CA GLU B 188 13.59 5.06 -14.10
C GLU B 188 12.74 5.27 -12.85
N LYS B 189 12.11 6.43 -12.78
CA LYS B 189 11.23 6.76 -11.65
C LYS B 189 9.92 6.03 -11.92
N GLU B 190 9.56 5.98 -13.20
CA GLU B 190 8.34 5.31 -13.68
C GLU B 190 8.64 4.80 -15.09
N TYR B 191 7.99 3.71 -15.50
CA TYR B 191 8.20 3.17 -16.85
C TYR B 191 7.78 4.19 -17.90
N THR B 192 8.69 4.52 -18.81
CA THR B 192 8.42 5.48 -19.88
C THR B 192 8.65 4.73 -21.20
N ARG B 193 8.23 5.29 -22.34
CA ARG B 193 8.41 4.58 -23.60
C ARG B 193 9.83 4.03 -23.72
N ASN B 194 9.92 2.75 -24.08
CA ASN B 194 11.19 2.04 -24.17
C ASN B 194 11.70 1.84 -25.60
N HIS B 195 11.50 2.80 -26.47
CA HIS B 195 11.95 2.67 -27.85
C HIS B 195 13.47 2.59 -27.95
N THR B 196 14.17 3.29 -27.07
CA THR B 196 15.62 3.26 -27.09
C THR B 196 16.10 1.84 -26.74
N GLU B 197 15.51 1.24 -25.71
CA GLU B 197 15.88 -0.10 -25.30
C GLU B 197 15.63 -1.11 -26.43
N ASP B 198 14.44 -1.05 -27.03
CA ASP B 198 14.08 -1.95 -28.12
C ASP B 198 15.04 -1.85 -29.30
N MET B 199 15.28 -0.63 -29.74
CA MET B 199 16.14 -0.41 -30.88
C MET B 199 17.61 -0.67 -30.62
N LEU B 200 18.05 -0.51 -29.37
CA LEU B 200 19.45 -0.78 -29.04
C LEU B 200 19.68 -2.25 -29.37
N GLN B 201 18.74 -3.10 -28.95
CA GLN B 201 18.84 -4.53 -29.20
C GLN B 201 18.76 -4.80 -30.70
N GLN B 202 17.86 -4.10 -31.39
CA GLN B 202 17.70 -4.28 -32.82
C GLN B 202 18.97 -3.98 -33.60
N PHE B 203 19.79 -3.07 -33.09
CA PHE B 203 21.04 -2.70 -33.75
C PHE B 203 22.22 -3.51 -33.23
N GLY B 204 21.92 -4.65 -32.61
CA GLY B 204 22.93 -5.55 -32.10
C GLY B 204 23.60 -5.18 -30.80
N GLY B 205 23.05 -4.18 -30.11
CA GLY B 205 23.63 -3.78 -28.85
C GLY B 205 23.05 -4.63 -27.75
N HIS B 206 23.53 -4.43 -26.53
CA HIS B 206 23.03 -5.21 -25.40
C HIS B 206 22.78 -4.35 -24.17
N LEU B 207 21.82 -4.79 -23.36
CA LEU B 207 21.47 -4.10 -22.13
C LEU B 207 20.71 -5.07 -21.23
N SER B 208 20.60 -4.72 -19.95
CA SER B 208 19.86 -5.53 -18.99
C SER B 208 18.76 -4.70 -18.37
N VAL B 209 17.54 -5.22 -18.43
CA VAL B 209 16.40 -4.55 -17.86
C VAL B 209 15.86 -5.36 -16.70
N ASP B 210 15.95 -4.81 -15.50
CA ASP B 210 15.46 -5.47 -14.30
C ASP B 210 14.46 -4.50 -13.66
N GLY B 211 13.19 -4.67 -13.99
CA GLY B 211 12.20 -3.75 -13.46
C GLY B 211 12.52 -2.38 -14.07
N LYS B 212 12.64 -1.37 -13.22
CA LYS B 212 12.94 -0.02 -13.69
C LYS B 212 14.45 0.22 -13.82
N LYS B 213 15.25 -0.77 -13.44
CA LYS B 213 16.70 -0.66 -13.50
C LYS B 213 17.26 -1.13 -14.85
N ILE B 214 17.98 -0.24 -15.52
CA ILE B 214 18.56 -0.54 -16.82
C ILE B 214 20.08 -0.51 -16.73
N THR B 215 20.72 -1.62 -17.07
CA THR B 215 22.17 -1.69 -17.03
C THR B 215 22.71 -1.74 -18.44
N VAL B 216 23.60 -0.81 -18.75
CA VAL B 216 24.22 -0.74 -20.07
C VAL B 216 25.73 -0.82 -19.92
N GLN B 217 26.31 -1.77 -20.64
CA GLN B 217 27.75 -1.99 -20.62
C GLN B 217 28.31 -1.18 -21.78
N GLY B 218 29.42 -0.48 -21.53
CA GLY B 218 30.03 0.32 -22.58
C GLY B 218 31.53 0.07 -22.66
N PRO B 219 32.17 0.34 -23.81
CA PRO B 219 31.57 0.86 -25.03
C PRO B 219 31.02 -0.26 -25.91
N GLN B 220 30.06 0.08 -26.77
CA GLN B 220 29.51 -0.94 -27.66
C GLN B 220 29.62 -0.49 -29.10
N LYS B 221 29.53 -1.46 -30.01
CA LYS B 221 29.58 -1.22 -31.45
C LYS B 221 28.26 -1.74 -31.99
N LEU B 222 27.57 -0.93 -32.79
CA LEU B 222 26.29 -1.34 -33.35
C LEU B 222 26.40 -1.64 -34.84
N THR B 223 25.40 -2.34 -35.38
CA THR B 223 25.40 -2.68 -36.80
C THR B 223 24.19 -2.10 -37.52
N GLY B 224 24.41 -1.58 -38.72
CA GLY B 224 23.33 -1.00 -39.52
C GLY B 224 22.17 -1.96 -39.66
N GLN B 225 20.96 -1.41 -39.72
CA GLN B 225 19.75 -2.22 -39.83
C GLN B 225 18.74 -1.69 -40.84
N LYS B 226 17.71 -2.50 -41.07
CA LYS B 226 16.62 -2.10 -41.92
C LYS B 226 15.56 -1.79 -40.86
N VAL B 227 15.12 -0.55 -40.80
CA VAL B 227 14.13 -0.15 -39.81
C VAL B 227 12.78 0.21 -40.43
N VAL B 228 11.73 -0.46 -39.99
CA VAL B 228 10.39 -0.16 -40.49
C VAL B 228 9.62 0.58 -39.40
N VAL B 229 9.30 1.84 -39.66
CA VAL B 229 8.60 2.66 -38.68
C VAL B 229 7.08 2.43 -38.68
N PRO B 230 6.53 2.07 -37.51
CA PRO B 230 5.09 1.83 -37.40
C PRO B 230 4.41 3.19 -37.29
N GLY B 231 3.10 3.23 -37.55
CA GLY B 231 2.37 4.49 -37.45
C GLY B 231 2.44 5.00 -36.01
N ASP B 232 2.38 6.32 -35.85
CA ASP B 232 2.45 6.93 -34.53
C ASP B 232 1.09 6.94 -33.82
N ILE B 233 1.05 6.28 -32.68
CA ILE B 233 -0.15 6.18 -31.86
C ILE B 233 -0.55 7.58 -31.37
N SER B 234 0.43 8.42 -31.11
CA SER B 234 0.18 9.76 -30.63
C SER B 234 -0.50 10.61 -31.69
N SER B 235 -0.34 10.26 -32.97
CA SER B 235 -1.02 11.05 -33.97
C SER B 235 -2.33 10.34 -34.32
N ALA B 236 -2.38 9.02 -34.12
CA ALA B 236 -3.58 8.25 -34.36
C ALA B 236 -4.61 8.64 -33.29
N ALA B 237 -4.10 9.13 -32.16
CA ALA B 237 -4.93 9.54 -31.05
C ALA B 237 -5.93 10.65 -31.40
N PHE B 238 -5.55 11.56 -32.30
CA PHE B 238 -6.45 12.63 -32.65
C PHE B 238 -7.69 12.08 -33.34
N TRP B 239 -7.51 10.99 -34.09
CA TRP B 239 -8.62 10.35 -34.79
C TRP B 239 -9.40 9.41 -33.86
N LEU B 240 -8.68 8.75 -32.94
CA LEU B 240 -9.34 7.87 -31.99
C LEU B 240 -10.40 8.70 -31.25
N VAL B 241 -10.00 9.85 -30.74
CA VAL B 241 -10.91 10.73 -30.03
C VAL B 241 -12.00 11.28 -30.96
N ALA B 242 -11.59 11.75 -32.15
CA ALA B 242 -12.52 12.30 -33.13
C ALA B 242 -13.69 11.38 -33.45
N GLY B 243 -13.39 10.10 -33.67
CA GLY B 243 -14.43 9.14 -33.99
C GLY B 243 -15.37 8.84 -32.84
N LEU B 244 -14.85 8.92 -31.61
CA LEU B 244 -15.65 8.67 -30.42
C LEU B 244 -16.51 9.89 -30.14
N ILE B 245 -15.98 11.05 -30.50
CA ILE B 245 -16.60 12.34 -30.26
C ILE B 245 -17.57 12.89 -31.31
N ALA B 246 -17.23 12.76 -32.58
CA ALA B 246 -18.12 13.27 -33.62
C ALA B 246 -19.35 12.37 -33.74
N PRO B 247 -20.45 12.91 -34.30
CA PRO B 247 -21.65 12.10 -34.45
C PRO B 247 -21.57 11.20 -35.67
N ASN B 248 -22.45 10.19 -35.74
CA ASN B 248 -22.49 9.27 -36.87
C ASN B 248 -21.10 9.00 -37.44
N SER B 249 -20.17 8.55 -36.60
CA SER B 249 -18.82 8.30 -37.06
C SER B 249 -18.24 6.93 -36.76
N ARG B 250 -17.36 6.48 -37.65
CA ARG B 250 -16.65 5.21 -37.50
C ARG B 250 -15.34 5.35 -38.27
N LEU B 251 -14.22 5.34 -37.55
CA LEU B 251 -12.90 5.48 -38.17
C LEU B 251 -12.05 4.23 -37.99
N VAL B 252 -11.27 3.92 -39.01
CA VAL B 252 -10.38 2.77 -38.97
C VAL B 252 -8.95 3.26 -39.22
N LEU B 253 -8.12 3.12 -38.19
CA LEU B 253 -6.73 3.58 -38.23
C LEU B 253 -5.79 2.37 -38.32
N GLN B 254 -5.18 2.18 -39.48
CA GLN B 254 -4.29 1.03 -39.66
C GLN B 254 -2.82 1.30 -39.38
N ASN B 255 -2.11 0.21 -39.08
CA ASN B 255 -0.67 0.27 -38.84
C ASN B 255 -0.23 1.19 -37.70
N VAL B 256 -0.94 1.18 -36.58
CA VAL B 256 -0.56 2.04 -35.47
C VAL B 256 0.29 1.27 -34.47
N GLY B 257 1.41 1.86 -34.07
CA GLY B 257 2.28 1.22 -33.10
C GLY B 257 1.45 0.88 -31.88
N ILE B 258 1.69 -0.28 -31.30
CA ILE B 258 0.91 -0.70 -30.14
C ILE B 258 1.74 -1.01 -28.89
N ASN B 259 2.95 -0.46 -28.84
CA ASN B 259 3.86 -0.67 -27.71
C ASN B 259 3.14 -0.25 -26.42
N GLU B 260 3.09 -1.16 -25.46
CA GLU B 260 2.43 -0.95 -24.19
C GLU B 260 2.90 0.25 -23.38
N THR B 261 4.10 0.74 -23.65
CA THR B 261 4.60 1.91 -22.93
C THR B 261 4.05 3.19 -23.57
N ARG B 262 3.26 3.03 -24.63
CA ARG B 262 2.68 4.16 -25.35
C ARG B 262 1.16 4.12 -25.51
N THR B 263 0.53 3.02 -25.08
CA THR B 263 -0.91 2.85 -25.24
C THR B 263 -1.84 3.34 -24.12
N GLY B 264 -1.41 4.35 -23.37
CA GLY B 264 -2.23 4.86 -22.29
C GLY B 264 -3.62 5.34 -22.70
N ILE B 265 -3.75 5.92 -23.89
CA ILE B 265 -5.04 6.41 -24.34
C ILE B 265 -6.06 5.29 -24.52
N ILE B 266 -5.58 4.08 -24.76
CA ILE B 266 -6.46 2.95 -24.95
C ILE B 266 -7.16 2.65 -23.62
N ASP B 267 -6.37 2.57 -22.54
CA ASP B 267 -6.92 2.32 -21.21
C ASP B 267 -7.95 3.38 -20.85
N VAL B 268 -7.63 4.64 -21.16
CA VAL B 268 -8.53 5.74 -20.87
C VAL B 268 -9.83 5.58 -21.65
N ILE B 269 -9.72 5.32 -22.95
CA ILE B 269 -10.91 5.15 -23.79
C ILE B 269 -11.81 4.06 -23.23
N ARG B 270 -11.23 2.92 -22.86
CA ARG B 270 -12.02 1.83 -22.32
C ARG B 270 -12.63 2.21 -20.97
N ALA B 271 -11.88 2.95 -20.16
CA ALA B 271 -12.38 3.34 -18.85
C ALA B 271 -13.55 4.32 -18.99
N MET B 272 -13.52 5.12 -20.07
CA MET B 272 -14.59 6.10 -20.32
C MET B 272 -15.79 5.51 -21.07
N GLY B 273 -15.73 4.22 -21.37
CA GLY B 273 -16.83 3.59 -22.08
C GLY B 273 -16.83 3.77 -23.59
N GLY B 274 -15.72 4.21 -24.16
CA GLY B 274 -15.66 4.39 -25.60
C GLY B 274 -15.62 3.10 -26.41
N LYS B 275 -16.26 3.10 -27.58
CA LYS B 275 -16.30 1.94 -28.45
C LYS B 275 -15.01 1.78 -29.22
N LEU B 276 -14.10 0.97 -28.70
CA LEU B 276 -12.83 0.75 -29.37
C LEU B 276 -12.60 -0.70 -29.74
N GLU B 277 -12.30 -0.94 -31.01
CA GLU B 277 -12.03 -2.30 -31.47
C GLU B 277 -10.58 -2.38 -31.96
N ILE B 278 -9.86 -3.42 -31.54
CA ILE B 278 -8.47 -3.61 -31.94
C ILE B 278 -8.29 -4.91 -32.73
N THR B 279 -8.03 -4.78 -34.04
CA THR B 279 -7.84 -5.94 -34.91
C THR B 279 -6.48 -5.92 -35.60
N GLU B 280 -6.27 -6.93 -36.44
CA GLU B 280 -5.04 -7.07 -37.21
C GLU B 280 -3.80 -6.86 -36.35
N ILE B 281 -3.74 -7.56 -35.22
CA ILE B 281 -2.60 -7.42 -34.33
C ILE B 281 -1.36 -8.14 -34.86
N ASP B 282 -0.35 -7.35 -35.23
CA ASP B 282 0.91 -7.87 -35.75
C ASP B 282 1.91 -7.98 -34.61
N PRO B 283 2.06 -9.20 -34.04
CA PRO B 283 2.98 -9.45 -32.93
C PRO B 283 4.42 -9.02 -33.19
N VAL B 284 4.80 -9.02 -34.47
CA VAL B 284 6.13 -8.62 -34.88
C VAL B 284 6.38 -7.13 -34.64
N ALA B 285 5.91 -6.30 -35.56
CA ALA B 285 6.09 -4.86 -35.46
C ALA B 285 5.36 -4.20 -34.29
N LYS B 286 4.67 -5.00 -33.48
CA LYS B 286 3.91 -4.45 -32.37
C LYS B 286 2.99 -3.37 -32.93
N SER B 287 2.11 -3.75 -33.85
CA SER B 287 1.19 -2.82 -34.47
C SER B 287 -0.21 -3.43 -34.58
N ALA B 288 -1.19 -2.61 -34.90
CA ALA B 288 -2.55 -3.07 -35.02
C ALA B 288 -3.43 -2.00 -35.66
N THR B 289 -4.63 -2.39 -36.05
CA THR B 289 -5.56 -1.43 -36.62
C THR B 289 -6.59 -1.15 -35.52
N LEU B 290 -6.83 0.13 -35.24
CA LEU B 290 -7.77 0.54 -34.20
C LEU B 290 -9.03 1.10 -34.85
N ILE B 291 -10.19 0.68 -34.37
CA ILE B 291 -11.46 1.13 -34.91
C ILE B 291 -12.34 1.77 -33.82
N VAL B 292 -12.72 3.02 -34.05
CA VAL B 292 -13.55 3.77 -33.12
C VAL B 292 -14.90 4.17 -33.72
N GLU B 293 -15.93 4.21 -32.87
CA GLU B 293 -17.29 4.60 -33.26
C GLU B 293 -17.87 5.60 -32.26
N SER B 294 -18.78 6.46 -32.72
CA SER B 294 -19.41 7.45 -31.86
C SER B 294 -19.89 6.77 -30.59
N SER B 295 -19.45 7.27 -29.43
CA SER B 295 -19.81 6.69 -28.14
C SER B 295 -20.23 7.75 -27.13
N ASP B 296 -20.94 7.31 -26.10
CA ASP B 296 -21.38 8.18 -25.01
C ASP B 296 -20.34 7.89 -23.94
N LEU B 297 -19.60 8.91 -23.51
CA LEU B 297 -18.54 8.70 -22.53
C LEU B 297 -18.82 9.14 -21.10
N LYS B 298 -18.08 8.52 -20.18
CA LYS B 298 -18.20 8.81 -18.76
C LYS B 298 -16.81 9.25 -18.28
N GLY B 299 -16.78 10.19 -17.34
CA GLY B 299 -15.52 10.67 -16.80
C GLY B 299 -14.66 9.61 -16.13
N THR B 300 -13.37 9.87 -15.99
CA THR B 300 -12.47 8.90 -15.36
C THR B 300 -11.30 9.61 -14.66
N GLU B 301 -10.49 8.86 -13.93
CA GLU B 301 -9.32 9.42 -13.25
C GLU B 301 -8.06 9.00 -13.98
N ILE B 302 -7.16 9.95 -14.21
CA ILE B 302 -5.91 9.67 -14.91
C ILE B 302 -4.73 10.11 -14.05
N CYS B 303 -4.02 9.14 -13.47
CA CYS B 303 -2.90 9.45 -12.60
C CYS B 303 -1.76 8.44 -12.64
N GLY B 304 -0.76 8.68 -11.79
CA GLY B 304 0.43 7.84 -11.66
C GLY B 304 0.63 6.61 -12.53
N ALA B 305 1.87 6.42 -12.96
CA ALA B 305 2.26 5.28 -13.80
C ALA B 305 1.62 5.37 -15.18
N LEU B 306 0.34 5.72 -15.22
CA LEU B 306 -0.35 5.86 -16.50
C LEU B 306 0.12 7.11 -17.23
N ILE B 307 0.52 8.12 -16.47
CA ILE B 307 0.95 9.39 -17.04
C ILE B 307 1.99 9.27 -18.17
N PRO B 308 3.14 8.66 -17.90
CA PRO B 308 4.16 8.53 -18.96
C PRO B 308 3.74 7.71 -20.18
N ARG B 309 2.69 6.90 -20.03
CA ARG B 309 2.20 6.08 -21.13
C ARG B 309 1.25 6.88 -22.04
N LEU B 310 1.03 8.14 -21.67
CA LEU B 310 0.16 9.00 -22.48
C LEU B 310 0.37 10.50 -22.30
N ILE B 311 1.51 10.94 -21.78
CA ILE B 311 1.71 12.39 -21.57
C ILE B 311 1.33 13.24 -22.75
N ASP B 312 1.73 12.83 -23.94
CA ASP B 312 1.43 13.60 -25.14
C ASP B 312 -0.02 13.50 -25.61
N GLU B 313 -0.77 12.56 -25.06
CA GLU B 313 -2.19 12.42 -25.44
C GLU B 313 -3.10 13.17 -24.47
N LEU B 314 -2.53 13.86 -23.49
CA LEU B 314 -3.35 14.58 -22.54
C LEU B 314 -4.11 15.76 -23.15
N PRO B 315 -3.54 16.42 -24.17
CA PRO B 315 -4.30 17.53 -24.75
C PRO B 315 -5.61 17.05 -25.37
N ILE B 316 -5.53 16.05 -26.24
CA ILE B 316 -6.74 15.54 -26.88
C ILE B 316 -7.65 14.79 -25.93
N ILE B 317 -7.06 14.16 -24.92
CA ILE B 317 -7.84 13.43 -23.93
C ILE B 317 -8.67 14.47 -23.17
N ALA B 318 -8.10 15.67 -22.98
CA ALA B 318 -8.81 16.74 -22.29
C ALA B 318 -10.08 17.04 -23.10
N LEU B 319 -9.93 17.13 -24.43
CA LEU B 319 -11.07 17.40 -25.30
C LEU B 319 -12.03 16.22 -25.13
N LEU B 320 -11.48 15.01 -25.12
CA LEU B 320 -12.28 13.81 -24.94
C LEU B 320 -13.10 13.89 -23.65
N ALA B 321 -12.45 14.24 -22.55
CA ALA B 321 -13.13 14.37 -21.25
C ALA B 321 -14.21 15.43 -21.31
N THR B 322 -13.97 16.42 -22.16
CA THR B 322 -14.91 17.51 -22.37
C THR B 322 -16.27 16.98 -22.84
N GLN B 323 -16.26 15.85 -23.54
CA GLN B 323 -17.49 15.26 -24.05
C GLN B 323 -18.08 14.14 -23.21
N ALA B 324 -17.40 13.79 -22.11
CA ALA B 324 -17.90 12.73 -21.24
C ALA B 324 -18.82 13.31 -20.17
N GLN B 325 -19.74 12.48 -19.67
CA GLN B 325 -20.66 12.91 -18.63
C GLN B 325 -19.97 12.82 -17.29
N GLY B 326 -19.90 13.95 -16.58
CA GLY B 326 -19.27 13.92 -15.28
C GLY B 326 -17.87 14.51 -15.24
N VAL B 327 -17.14 14.15 -14.19
CA VAL B 327 -15.79 14.66 -13.98
C VAL B 327 -14.66 13.69 -14.31
N THR B 328 -13.60 14.23 -14.88
CA THR B 328 -12.41 13.44 -15.18
C THR B 328 -11.27 14.22 -14.55
N VAL B 329 -10.46 13.55 -13.75
CA VAL B 329 -9.34 14.19 -13.08
C VAL B 329 -8.01 13.71 -13.62
N ILE B 330 -7.16 14.67 -13.97
CA ILE B 330 -5.83 14.40 -14.48
C ILE B 330 -4.85 14.97 -13.47
N LYS B 331 -4.02 14.10 -12.90
CA LYS B 331 -3.02 14.55 -11.91
C LYS B 331 -1.70 13.82 -12.13
N ASP B 332 -0.69 14.26 -11.38
CA ASP B 332 0.66 13.70 -11.47
C ASP B 332 1.20 14.02 -12.87
N ALA B 333 0.66 15.05 -13.50
CA ALA B 333 1.07 15.44 -14.85
C ALA B 333 1.76 16.80 -14.92
N GLU B 334 2.52 17.12 -13.89
CA GLU B 334 3.26 18.37 -13.84
C GLU B 334 4.18 18.50 -15.05
N GLU B 335 4.59 17.37 -15.62
CA GLU B 335 5.46 17.37 -16.80
C GLU B 335 4.85 18.10 -18.02
N LEU B 336 3.53 18.28 -18.02
CA LEU B 336 2.89 18.95 -19.14
C LEU B 336 3.33 20.40 -19.28
N LYS B 337 3.62 21.03 -18.15
CA LYS B 337 4.03 22.44 -18.15
C LYS B 337 5.36 22.68 -18.84
N VAL B 338 6.16 21.64 -19.00
CA VAL B 338 7.46 21.80 -19.63
C VAL B 338 7.59 21.33 -21.08
N LYS B 339 6.44 21.13 -21.75
CA LYS B 339 6.44 20.66 -23.14
C LYS B 339 6.52 21.83 -24.14
N GLU B 340 6.27 21.54 -25.41
CA GLU B 340 6.28 22.55 -26.47
C GLU B 340 5.71 23.84 -25.89
N THR B 341 4.61 23.70 -25.15
CA THR B 341 3.95 24.81 -24.47
C THR B 341 3.54 24.21 -23.14
N ASP B 342 3.05 25.04 -22.24
CA ASP B 342 2.57 24.55 -20.94
C ASP B 342 1.24 23.93 -21.37
N ARG B 343 1.24 22.61 -21.56
CA ARG B 343 0.04 21.94 -22.01
C ARG B 343 -1.08 21.83 -20.99
N ILE B 344 -0.87 22.40 -19.82
CA ILE B 344 -1.92 22.43 -18.82
C ILE B 344 -2.64 23.75 -19.03
N GLN B 345 -1.90 24.86 -18.99
CA GLN B 345 -2.48 26.19 -19.17
C GLN B 345 -3.03 26.45 -20.56
N VAL B 346 -2.23 26.16 -21.59
CA VAL B 346 -2.66 26.39 -22.97
C VAL B 346 -3.89 25.58 -23.35
N VAL B 347 -3.92 24.31 -22.93
CA VAL B 347 -5.06 23.44 -23.23
C VAL B 347 -6.31 23.95 -22.50
N ALA B 348 -6.15 24.27 -21.22
CA ALA B 348 -7.25 24.77 -20.42
C ALA B 348 -7.85 26.03 -21.07
N ASP B 349 -6.98 26.99 -21.39
CA ASP B 349 -7.45 28.23 -22.01
C ASP B 349 -8.11 28.01 -23.36
N ALA B 350 -7.50 27.17 -24.20
CA ALA B 350 -8.05 26.90 -25.52
C ALA B 350 -9.44 26.29 -25.46
N LEU B 351 -9.59 25.20 -24.71
CA LEU B 351 -10.89 24.52 -24.61
C LEU B 351 -11.92 25.36 -23.85
N ASN B 352 -11.49 26.08 -22.82
CA ASN B 352 -12.43 26.92 -22.08
C ASN B 352 -12.99 27.99 -22.98
N SER B 353 -12.17 28.49 -23.90
CA SER B 353 -12.62 29.52 -24.82
C SER B 353 -13.60 28.97 -25.83
N MET B 354 -13.70 27.64 -25.92
CA MET B 354 -14.60 26.98 -26.87
C MET B 354 -15.87 26.35 -26.28
N GLY B 355 -15.72 25.55 -25.23
CA GLY B 355 -16.86 24.90 -24.60
C GLY B 355 -16.81 25.14 -23.11
N ALA B 356 -15.57 25.22 -22.62
CA ALA B 356 -15.30 25.50 -21.22
C ALA B 356 -15.48 24.41 -20.19
N ASP B 357 -15.16 24.81 -18.98
CA ASP B 357 -15.21 24.01 -17.76
C ASP B 357 -14.08 23.04 -17.53
N ILE B 358 -12.89 23.61 -17.50
CA ILE B 358 -11.66 22.89 -17.25
C ILE B 358 -10.95 23.75 -16.21
N THR B 359 -10.58 23.13 -15.09
CA THR B 359 -9.87 23.86 -14.05
C THR B 359 -8.43 23.36 -14.01
N PRO B 360 -7.48 24.19 -14.45
CA PRO B 360 -6.08 23.78 -14.44
C PRO B 360 -5.52 23.70 -13.02
N THR B 361 -4.66 22.73 -12.77
CA THR B 361 -4.04 22.57 -11.45
C THR B 361 -2.53 22.54 -11.67
N ALA B 362 -1.77 22.48 -10.59
CA ALA B 362 -0.31 22.46 -10.68
C ALA B 362 0.23 21.17 -11.29
N ASP B 363 -0.56 20.10 -11.25
CA ASP B 363 -0.11 18.85 -11.82
C ASP B 363 -1.11 18.22 -12.77
N GLY B 364 -2.01 19.04 -13.31
CA GLY B 364 -3.01 18.51 -14.21
C GLY B 364 -4.17 19.45 -14.41
N MET B 365 -5.37 18.88 -14.49
CA MET B 365 -6.57 19.68 -14.66
C MET B 365 -7.79 18.86 -14.27
N ILE B 366 -8.87 19.57 -13.95
CA ILE B 366 -10.14 18.95 -13.58
C ILE B 366 -11.11 19.29 -14.70
N ILE B 367 -11.75 18.29 -15.27
CA ILE B 367 -12.67 18.50 -16.37
C ILE B 367 -14.11 18.09 -16.07
N LYS B 368 -15.02 19.06 -16.16
CA LYS B 368 -16.44 18.86 -15.91
C LYS B 368 -17.04 18.54 -17.28
N GLY B 369 -17.43 17.28 -17.46
CA GLY B 369 -17.93 16.81 -18.74
C GLY B 369 -19.29 17.08 -19.35
N LYS B 370 -19.24 17.04 -20.68
CA LYS B 370 -20.35 17.25 -21.59
C LYS B 370 -20.70 18.70 -21.83
N SER B 371 -19.82 19.35 -22.57
CA SER B 371 -19.99 20.74 -22.92
C SER B 371 -20.26 20.83 -24.41
N ALA B 372 -21.20 21.69 -24.78
CA ALA B 372 -21.49 21.93 -26.17
C ALA B 372 -20.42 22.97 -26.50
N LEU B 373 -19.62 22.73 -27.54
CA LEU B 373 -18.56 23.68 -27.89
C LEU B 373 -19.01 24.74 -28.88
N HIS B 374 -18.40 25.92 -28.79
CA HIS B 374 -18.73 27.03 -29.67
C HIS B 374 -17.45 27.67 -30.23
N GLY B 375 -17.64 28.56 -31.20
CA GLY B 375 -16.53 29.24 -31.85
C GLY B 375 -15.50 29.93 -30.97
N ALA B 376 -14.34 30.22 -31.55
CA ALA B 376 -13.25 30.89 -30.84
C ALA B 376 -11.99 30.95 -31.68
N ARG B 377 -11.02 31.71 -31.20
CA ARG B 377 -9.74 31.83 -31.89
C ARG B 377 -8.72 31.19 -30.97
N VAL B 378 -7.93 30.26 -31.52
CA VAL B 378 -6.92 29.58 -30.73
C VAL B 378 -5.56 29.72 -31.38
N ASN B 379 -4.54 29.98 -30.56
CA ASN B 379 -3.19 30.10 -31.06
C ASN B 379 -2.42 28.87 -30.63
N THR B 380 -1.76 28.26 -31.59
CA THR B 380 -0.93 27.07 -31.39
C THR B 380 0.27 27.31 -30.47
N PHE B 381 0.80 28.54 -30.53
CA PHE B 381 1.98 28.90 -29.75
C PHE B 381 3.13 27.96 -30.14
N GLY B 382 3.06 27.44 -31.37
CA GLY B 382 4.10 26.55 -31.89
C GLY B 382 4.02 25.09 -31.45
N ASP B 383 2.88 24.70 -30.87
CA ASP B 383 2.70 23.33 -30.39
C ASP B 383 1.75 22.53 -31.30
N HIS B 384 2.31 21.59 -32.07
CA HIS B 384 1.51 20.77 -32.97
C HIS B 384 0.28 20.10 -32.34
N ARG B 385 0.42 19.63 -31.10
CA ARG B 385 -0.70 18.97 -30.44
C ARG B 385 -1.83 19.92 -30.05
N ILE B 386 -1.49 21.19 -29.82
CA ILE B 386 -2.51 22.18 -29.49
C ILE B 386 -3.31 22.40 -30.77
N GLY B 387 -2.58 22.42 -31.89
CA GLY B 387 -3.21 22.62 -33.18
C GLY B 387 -4.16 21.51 -33.58
N MET B 388 -3.69 20.26 -33.54
CA MET B 388 -4.54 19.14 -33.91
C MET B 388 -5.70 18.96 -32.93
N MET B 389 -5.48 19.30 -31.66
CA MET B 389 -6.53 19.19 -30.66
C MET B 389 -7.67 20.15 -31.01
N THR B 390 -7.32 21.38 -31.35
CA THR B 390 -8.32 22.39 -31.70
C THR B 390 -9.08 21.98 -32.97
N ALA B 391 -8.35 21.43 -33.94
CA ALA B 391 -8.96 21.00 -35.19
C ALA B 391 -10.06 19.97 -34.94
N ILE B 392 -9.82 19.02 -34.06
CA ILE B 392 -10.83 18.01 -33.79
C ILE B 392 -11.97 18.66 -32.98
N ALA B 393 -11.61 19.49 -32.00
CA ALA B 393 -12.62 20.15 -31.18
C ALA B 393 -13.54 20.99 -32.07
N ALA B 394 -12.95 21.66 -33.05
CA ALA B 394 -13.71 22.51 -33.97
C ALA B 394 -14.80 21.73 -34.71
N LEU B 395 -14.55 20.44 -34.92
CA LEU B 395 -15.51 19.60 -35.63
C LEU B 395 -16.84 19.57 -34.89
N LEU B 396 -16.78 19.68 -33.57
CA LEU B 396 -17.97 19.65 -32.71
C LEU B 396 -18.68 20.99 -32.54
N VAL B 397 -18.13 22.06 -33.09
CA VAL B 397 -18.78 23.36 -32.96
C VAL B 397 -19.95 23.41 -33.93
N ALA B 398 -21.14 23.42 -33.38
CA ALA B 398 -22.36 23.45 -34.18
C ALA B 398 -22.64 24.84 -34.73
N ASP B 399 -22.42 25.86 -33.91
CA ASP B 399 -22.68 27.23 -34.32
C ASP B 399 -21.51 28.17 -33.99
N GLY B 400 -20.93 28.75 -35.03
CA GLY B 400 -19.81 29.67 -34.83
C GLY B 400 -18.59 29.26 -35.64
N GLU B 401 -17.52 30.02 -35.54
CA GLU B 401 -16.31 29.69 -36.27
C GLU B 401 -15.07 29.58 -35.38
N VAL B 402 -14.08 28.85 -35.89
CA VAL B 402 -12.85 28.67 -35.15
C VAL B 402 -11.64 28.99 -36.01
N GLU B 403 -10.82 29.93 -35.52
CA GLU B 403 -9.61 30.35 -36.22
C GLU B 403 -8.43 29.75 -35.46
N LEU B 404 -7.51 29.13 -36.21
CA LEU B 404 -6.35 28.52 -35.60
C LEU B 404 -5.11 29.26 -36.10
N ASP B 405 -4.51 30.07 -35.24
CA ASP B 405 -3.31 30.81 -35.62
C ASP B 405 -2.08 29.93 -35.45
N ARG B 406 -1.08 30.16 -36.31
CA ARG B 406 0.17 29.40 -36.26
C ARG B 406 -0.09 27.90 -36.41
N ALA B 407 -1.00 27.56 -37.32
CA ALA B 407 -1.37 26.17 -37.56
C ALA B 407 -0.26 25.32 -38.19
N GLU B 408 0.68 25.95 -38.89
CA GLU B 408 1.74 25.18 -39.52
C GLU B 408 2.60 24.40 -38.53
N ALA B 409 2.45 24.68 -37.24
CA ALA B 409 3.21 23.97 -36.21
C ALA B 409 2.89 22.47 -36.26
N ILE B 410 1.72 22.15 -36.79
CA ILE B 410 1.30 20.76 -36.90
C ILE B 410 2.29 19.96 -37.76
N ASN B 411 2.96 20.66 -38.69
CA ASN B 411 3.93 19.99 -39.57
C ASN B 411 5.11 19.41 -38.81
N THR B 412 5.16 19.71 -37.52
CA THR B 412 6.23 19.21 -36.67
C THR B 412 6.17 17.69 -36.53
N SER B 413 4.97 17.13 -36.63
CA SER B 413 4.81 15.69 -36.49
C SER B 413 3.75 15.08 -37.40
N TYR B 414 2.98 15.91 -38.09
CA TYR B 414 1.90 15.39 -38.92
C TYR B 414 1.60 16.34 -40.09
N PRO B 415 2.51 16.43 -41.06
CA PRO B 415 2.38 17.28 -42.24
C PRO B 415 1.06 17.15 -43.00
N SER B 416 0.56 15.93 -43.12
CA SER B 416 -0.68 15.71 -43.85
C SER B 416 -1.94 15.64 -42.97
N PHE B 417 -1.86 16.19 -41.76
CA PHE B 417 -3.01 16.15 -40.86
C PHE B 417 -4.30 16.55 -41.55
N PHE B 418 -4.32 17.75 -42.14
CA PHE B 418 -5.52 18.23 -42.81
C PHE B 418 -5.93 17.45 -44.06
N ASP B 419 -4.95 16.85 -44.73
CA ASP B 419 -5.26 16.03 -45.90
C ASP B 419 -6.07 14.81 -45.43
N ASP B 420 -5.70 14.27 -44.27
CA ASP B 420 -6.40 13.11 -43.73
C ASP B 420 -7.80 13.46 -43.23
N LEU B 421 -7.94 14.64 -42.64
CA LEU B 421 -9.23 15.08 -42.14
C LEU B 421 -10.21 15.18 -43.30
N GLU B 422 -9.77 15.81 -44.39
CA GLU B 422 -10.59 15.99 -45.58
C GLU B 422 -11.10 14.67 -46.14
N SER B 423 -10.27 13.64 -46.09
CA SER B 423 -10.65 12.33 -46.61
C SER B 423 -11.73 11.69 -45.74
N LEU B 424 -11.82 12.13 -44.48
CA LEU B 424 -12.81 11.59 -43.55
C LEU B 424 -14.13 12.30 -43.69
N ILE B 425 -14.06 13.57 -44.08
CA ILE B 425 -15.25 14.41 -44.24
C ILE B 425 -16.21 13.95 -45.34
N HIS B 426 -15.66 13.67 -46.52
CA HIS B 426 -16.49 13.25 -47.64
C HIS B 426 -16.79 11.76 -47.58
N GLY B 427 -18.03 11.43 -47.27
CA GLY B 427 -18.44 10.05 -47.17
C GLY B 427 -18.17 9.48 -45.79
N MET C 1 21.64 -21.04 40.13
CA MET C 1 20.60 -21.47 41.11
C MET C 1 19.64 -22.45 40.46
N LYS C 2 19.02 -23.30 41.28
CA LYS C 2 18.08 -24.28 40.78
C LYS C 2 16.69 -23.65 40.73
N LEU C 3 16.05 -23.71 39.56
CA LEU C 3 14.72 -23.14 39.38
C LEU C 3 13.63 -24.17 39.62
N LYS C 4 12.53 -23.73 40.22
CA LYS C 4 11.41 -24.62 40.50
C LYS C 4 10.98 -25.18 39.15
N THR C 5 10.64 -26.47 39.12
CA THR C 5 10.25 -27.11 37.87
C THR C 5 8.89 -27.79 37.99
N ASN C 6 8.38 -28.26 36.86
CA ASN C 6 7.08 -28.95 36.81
C ASN C 6 6.00 -28.40 37.73
N ILE C 7 5.50 -27.19 37.46
CA ILE C 7 4.45 -26.63 38.29
C ILE C 7 3.09 -27.12 37.81
N ARG C 8 2.19 -27.41 38.73
CA ARG C 8 0.88 -27.93 38.38
C ARG C 8 -0.23 -26.90 38.40
N HIS C 9 0.04 -25.73 39.00
CA HIS C 9 -0.96 -24.67 39.06
C HIS C 9 -0.38 -23.36 39.56
N LEU C 10 -0.89 -22.25 39.03
CA LEU C 10 -0.45 -20.92 39.42
C LEU C 10 -1.66 -20.05 39.71
N HIS C 11 -1.81 -19.62 40.96
CA HIS C 11 -2.93 -18.79 41.35
C HIS C 11 -2.51 -17.70 42.32
N GLY C 12 -3.10 -16.53 42.16
CA GLY C 12 -2.77 -15.44 43.06
C GLY C 12 -2.89 -14.08 42.42
N ILE C 13 -2.70 -13.05 43.23
CA ILE C 13 -2.74 -11.69 42.78
C ILE C 13 -1.34 -11.14 42.92
N ILE C 14 -0.82 -10.52 41.87
CA ILE C 14 0.51 -9.95 41.93
C ILE C 14 0.49 -8.48 41.54
N ARG C 15 1.24 -7.69 42.29
CA ARG C 15 1.36 -6.27 42.01
C ARG C 15 2.80 -6.06 41.61
N VAL C 16 3.07 -6.14 40.31
CA VAL C 16 4.43 -5.99 39.81
C VAL C 16 5.03 -4.65 40.20
N PRO C 17 6.37 -4.59 40.36
CA PRO C 17 7.04 -3.33 40.73
C PRO C 17 6.84 -2.21 39.73
N GLY C 18 7.28 -1.01 40.09
CA GLY C 18 7.12 0.14 39.23
C GLY C 18 7.81 0.05 37.88
N ASP C 19 7.22 0.73 36.90
CA ASP C 19 7.75 0.77 35.54
C ASP C 19 9.17 1.34 35.53
N LYS C 20 10.11 0.59 34.96
CA LYS C 20 11.49 1.04 34.91
C LYS C 20 11.70 2.30 34.06
N SER C 21 11.08 2.36 32.88
CA SER C 21 11.23 3.53 32.02
C SER C 21 10.75 4.81 32.70
N ILE C 22 9.59 4.74 33.35
CA ILE C 22 9.04 5.91 34.03
C ILE C 22 9.84 6.27 35.26
N SER C 23 10.33 5.26 35.97
CA SER C 23 11.13 5.49 37.17
C SER C 23 12.40 6.26 36.84
N HIS C 24 13.12 5.82 35.80
CA HIS C 24 14.33 6.50 35.37
C HIS C 24 14.00 7.97 35.11
N ARG C 25 13.00 8.20 34.28
CA ARG C 25 12.59 9.55 33.91
C ARG C 25 12.14 10.41 35.09
N SER C 26 11.48 9.81 36.08
CA SER C 26 11.03 10.56 37.24
C SER C 26 12.22 11.23 37.94
N ILE C 27 13.36 10.54 37.95
CA ILE C 27 14.56 11.07 38.58
C ILE C 27 15.21 12.14 37.70
N ILE C 28 15.16 11.94 36.39
CA ILE C 28 15.74 12.90 35.46
C ILE C 28 14.95 14.21 35.52
N PHE C 29 13.65 14.13 35.29
CA PHE C 29 12.81 15.32 35.35
C PHE C 29 12.86 15.99 36.72
N GLY C 30 12.79 15.19 37.78
CA GLY C 30 12.84 15.74 39.12
C GLY C 30 14.12 16.53 39.33
N SER C 31 15.21 16.02 38.79
CA SER C 31 16.50 16.69 38.92
C SER C 31 16.60 17.99 38.14
N LEU C 32 16.10 17.98 36.90
CA LEU C 32 16.14 19.16 36.05
C LEU C 32 15.10 20.24 36.37
N ALA C 33 14.06 19.87 37.11
CA ALA C 33 13.02 20.84 37.45
C ALA C 33 13.42 21.74 38.61
N GLU C 34 12.55 22.68 38.94
CA GLU C 34 12.77 23.60 40.06
C GLU C 34 11.74 23.18 41.10
N GLY C 35 12.12 23.23 42.37
CA GLY C 35 11.20 22.82 43.41
C GLY C 35 11.45 21.34 43.63
N GLU C 36 10.78 20.74 44.61
CA GLU C 36 11.02 19.34 44.84
C GLU C 36 10.05 18.41 44.12
N THR C 37 10.52 17.20 43.89
CA THR C 37 9.76 16.16 43.21
C THR C 37 9.72 14.94 44.13
N LYS C 38 8.53 14.36 44.32
CA LYS C 38 8.40 13.17 45.16
C LYS C 38 7.90 12.04 44.26
N VAL C 39 8.57 10.91 44.31
CA VAL C 39 8.18 9.77 43.49
C VAL C 39 7.69 8.63 44.38
N TYR C 40 6.47 8.16 44.13
CA TYR C 40 5.88 7.09 44.92
C TYR C 40 5.87 5.79 44.12
N ASP C 41 6.05 4.67 44.83
CA ASP C 41 6.05 3.35 44.20
C ASP C 41 7.10 3.22 43.09
N ILE C 42 8.22 3.91 43.26
CA ILE C 42 9.30 3.87 42.27
C ILE C 42 9.90 2.46 42.21
N LEU C 43 10.43 2.10 41.04
CA LEU C 43 11.06 0.80 40.88
C LEU C 43 12.40 0.91 41.59
N ARG C 44 12.69 -0.01 42.50
CA ARG C 44 13.96 0.04 43.19
C ARG C 44 14.97 -0.97 42.65
N GLY C 45 14.88 -1.25 41.36
CA GLY C 45 15.80 -2.18 40.74
C GLY C 45 17.17 -1.51 40.64
N GLU C 46 18.20 -2.30 40.39
CA GLU C 46 19.57 -1.79 40.29
C GLU C 46 19.76 -0.69 39.26
N ASP C 47 19.11 -0.80 38.10
CA ASP C 47 19.26 0.23 37.08
C ASP C 47 18.75 1.59 37.55
N VAL C 48 17.61 1.61 38.23
CA VAL C 48 17.06 2.87 38.72
C VAL C 48 17.98 3.44 39.79
N LEU C 49 18.50 2.59 40.67
CA LEU C 49 19.41 3.05 41.72
C LEU C 49 20.65 3.65 41.08
N SER C 50 21.05 3.12 39.93
CA SER C 50 22.22 3.64 39.24
C SER C 50 21.95 5.08 38.80
N THR C 51 20.75 5.33 38.28
CA THR C 51 20.39 6.67 37.83
C THR C 51 20.36 7.65 39.00
N MET C 52 19.81 7.21 40.12
CA MET C 52 19.74 8.08 41.29
C MET C 52 21.13 8.50 41.73
N GLN C 53 22.04 7.53 41.83
CA GLN C 53 23.40 7.84 42.28
C GLN C 53 24.12 8.75 41.30
N VAL C 54 23.85 8.60 40.00
CA VAL C 54 24.47 9.43 38.99
C VAL C 54 24.13 10.90 39.24
N PHE C 55 22.85 11.17 39.52
CA PHE C 55 22.46 12.56 39.76
C PHE C 55 22.99 13.05 41.08
N ARG C 56 23.11 12.16 42.07
CA ARG C 56 23.67 12.58 43.35
C ARG C 56 25.11 13.01 43.07
N ASP C 57 25.80 12.26 42.21
CA ASP C 57 27.17 12.59 41.85
C ASP C 57 27.21 13.94 41.14
N LEU C 58 26.11 14.32 40.48
CA LEU C 58 26.04 15.60 39.80
C LEU C 58 25.60 16.73 40.71
N GLY C 59 25.52 16.45 42.01
CA GLY C 59 25.12 17.46 42.98
C GLY C 59 23.67 17.52 43.40
N VAL C 60 22.84 16.59 42.92
CA VAL C 60 21.42 16.58 43.24
C VAL C 60 21.11 15.81 44.53
N GLU C 61 20.26 16.39 45.39
CA GLU C 61 19.88 15.73 46.62
C GLU C 61 18.73 14.79 46.33
N ILE C 62 18.95 13.50 46.53
CA ILE C 62 17.92 12.50 46.29
C ILE C 62 17.82 11.62 47.52
N GLU C 63 16.74 11.81 48.27
CA GLU C 63 16.51 11.06 49.50
C GLU C 63 15.47 9.95 49.33
N ASP C 64 15.82 8.77 49.82
CA ASP C 64 14.91 7.63 49.78
C ASP C 64 14.57 7.42 51.25
N LYS C 65 13.40 7.88 51.64
CA LYS C 65 12.96 7.79 53.02
C LYS C 65 11.51 7.32 53.13
N ASP C 66 11.29 6.33 54.00
CA ASP C 66 9.98 5.77 54.23
C ASP C 66 9.23 5.39 52.97
N GLY C 67 9.97 4.87 51.98
CA GLY C 67 9.37 4.44 50.73
C GLY C 67 9.10 5.50 49.69
N VAL C 68 9.49 6.74 49.98
CA VAL C 68 9.26 7.84 49.06
C VAL C 68 10.57 8.46 48.61
N ILE C 69 10.69 8.75 47.31
CA ILE C 69 11.90 9.37 46.79
C ILE C 69 11.63 10.86 46.66
N THR C 70 12.45 11.67 47.34
CA THR C 70 12.30 13.12 47.26
C THR C 70 13.52 13.70 46.57
N VAL C 71 13.28 14.45 45.49
CA VAL C 71 14.34 15.08 44.72
C VAL C 71 14.27 16.61 44.82
N GLN C 72 15.41 17.23 45.11
CA GLN C 72 15.49 18.67 45.21
C GLN C 72 16.03 19.17 43.87
N GLY C 73 15.12 19.59 42.98
CA GLY C 73 15.53 20.06 41.67
C GLY C 73 16.60 21.13 41.70
N VAL C 74 17.47 21.11 40.71
CA VAL C 74 18.54 22.10 40.63
C VAL C 74 18.37 22.99 39.39
N GLY C 75 17.23 22.87 38.71
CA GLY C 75 17.00 23.68 37.54
C GLY C 75 17.62 23.10 36.28
N MET C 76 17.21 23.62 35.14
CA MET C 76 17.69 23.13 33.85
C MET C 76 19.21 23.19 33.68
N ALA C 77 19.88 24.11 34.38
CA ALA C 77 21.33 24.22 34.27
C ALA C 77 22.01 24.08 35.63
N GLY C 78 21.38 23.35 36.55
CA GLY C 78 21.94 23.19 37.88
C GLY C 78 22.86 22.02 38.14
N LEU C 79 23.02 21.12 37.18
CA LEU C 79 23.90 19.96 37.36
C LEU C 79 25.35 20.38 37.53
N LYS C 80 26.05 19.74 38.46
CA LYS C 80 27.45 20.08 38.74
C LYS C 80 28.45 19.01 38.33
N ALA C 81 29.66 19.45 37.99
CA ALA C 81 30.73 18.56 37.57
C ALA C 81 30.99 17.51 38.66
N PRO C 82 30.93 16.23 38.30
CA PRO C 82 31.15 15.13 39.24
C PRO C 82 32.62 14.94 39.63
N GLN C 83 32.83 14.42 40.84
CA GLN C 83 34.15 14.17 41.38
C GLN C 83 34.82 12.98 40.67
N ASN C 84 34.00 12.01 40.24
CA ASN C 84 34.51 10.84 39.55
C ASN C 84 33.65 10.48 38.33
N ALA C 85 34.01 9.38 37.66
CA ALA C 85 33.27 8.94 36.49
C ALA C 85 31.88 8.45 36.89
N LEU C 86 30.88 8.74 36.05
CA LEU C 86 29.50 8.35 36.34
C LEU C 86 29.31 6.86 36.03
N ASN C 87 28.89 6.13 37.05
CA ASN C 87 28.68 4.68 36.91
C ASN C 87 27.26 4.35 36.45
N MET C 88 27.11 4.08 35.15
CA MET C 88 25.81 3.74 34.58
C MET C 88 25.41 2.28 34.85
N GLY C 89 26.34 1.50 35.38
CA GLY C 89 26.04 0.10 35.68
C GLY C 89 25.58 -0.69 34.47
N ASN C 90 24.37 -1.24 34.53
CA ASN C 90 23.83 -2.06 33.44
C ASN C 90 22.76 -1.32 32.63
N SER C 91 22.39 -0.13 33.08
CA SER C 91 21.33 0.64 32.43
C SER C 91 21.64 1.40 31.14
N GLY C 92 21.15 0.87 30.02
CA GLY C 92 21.35 1.55 28.75
C GLY C 92 20.50 2.82 28.78
N THR C 93 19.34 2.72 29.42
CA THR C 93 18.43 3.87 29.54
C THR C 93 19.17 5.02 30.23
N SER C 94 19.92 4.69 31.28
CA SER C 94 20.67 5.69 32.04
C SER C 94 21.70 6.42 31.20
N ILE C 95 22.64 5.68 30.63
CA ILE C 95 23.69 6.32 29.85
C ILE C 95 23.19 7.05 28.60
N ARG C 96 22.19 6.50 27.93
CA ARG C 96 21.69 7.16 26.73
C ARG C 96 20.92 8.44 27.06
N LEU C 97 19.96 8.38 27.98
CA LEU C 97 19.20 9.58 28.31
C LEU C 97 20.06 10.64 28.98
N ILE C 98 20.91 10.22 29.91
CA ILE C 98 21.75 11.17 30.63
C ILE C 98 22.76 11.85 29.71
N SER C 99 23.11 11.20 28.60
CA SER C 99 24.03 11.80 27.64
C SER C 99 23.41 13.07 27.08
N GLY C 100 22.09 13.03 26.89
CA GLY C 100 21.39 14.20 26.39
C GLY C 100 21.16 15.23 27.48
N VAL C 101 20.98 14.75 28.71
CA VAL C 101 20.76 15.62 29.86
C VAL C 101 21.99 16.49 30.11
N LEU C 102 23.16 15.92 29.85
CA LEU C 102 24.41 16.64 30.06
C LEU C 102 24.83 17.45 28.84
N ALA C 103 24.02 17.41 27.79
CA ALA C 103 24.34 18.12 26.56
C ALA C 103 24.63 19.60 26.83
N GLY C 104 23.99 20.16 27.85
CA GLY C 104 24.20 21.56 28.17
C GLY C 104 25.15 21.79 29.33
N ALA C 105 25.66 20.71 29.91
CA ALA C 105 26.57 20.83 31.05
C ALA C 105 27.92 21.38 30.58
N ASP C 106 28.32 22.51 31.15
CA ASP C 106 29.58 23.13 30.77
C ASP C 106 30.77 22.54 31.51
N PHE C 107 30.96 21.24 31.32
CA PHE C 107 32.06 20.53 31.94
C PHE C 107 32.13 19.14 31.32
N GLU C 108 33.26 18.47 31.49
CA GLU C 108 33.40 17.14 30.90
C GLU C 108 33.18 16.06 31.94
N VAL C 109 32.75 14.90 31.47
CA VAL C 109 32.49 13.79 32.35
C VAL C 109 32.76 12.48 31.65
N GLU C 110 32.91 11.42 32.43
CA GLU C 110 33.14 10.11 31.87
C GLU C 110 32.01 9.18 32.33
N MET C 111 31.42 8.48 31.37
CA MET C 111 30.33 7.57 31.68
C MET C 111 30.73 6.16 31.31
N PHE C 112 30.65 5.26 32.28
CA PHE C 112 31.00 3.86 32.04
C PHE C 112 29.93 2.93 32.60
N GLY C 113 30.04 1.65 32.24
CA GLY C 113 29.10 0.66 32.71
C GLY C 113 29.78 -0.69 32.85
N ASP C 114 28.99 -1.75 33.02
CA ASP C 114 29.55 -3.08 33.15
C ASP C 114 29.85 -3.69 31.78
N ASP C 115 30.49 -4.86 31.77
CA ASP C 115 30.84 -5.55 30.53
C ASP C 115 29.66 -5.53 29.55
N SER C 116 28.49 -5.85 30.07
CA SER C 116 27.27 -5.87 29.28
C SER C 116 27.03 -4.54 28.57
N LEU C 117 27.06 -3.46 29.34
CA LEU C 117 26.82 -2.11 28.81
C LEU C 117 27.90 -1.67 27.81
N SER C 118 29.15 -2.03 28.09
CA SER C 118 30.26 -1.66 27.24
C SER C 118 30.22 -2.31 25.86
N LYS C 119 29.28 -3.23 25.65
CA LYS C 119 29.17 -3.90 24.36
C LYS C 119 28.08 -3.29 23.49
N ARG C 120 27.36 -2.31 24.03
CA ARG C 120 26.26 -1.68 23.31
C ARG C 120 26.67 -0.33 22.73
N PRO C 121 26.27 -0.06 21.47
CA PRO C 121 26.58 1.18 20.75
C PRO C 121 25.92 2.46 21.25
N MET C 122 26.71 3.53 21.33
CA MET C 122 26.21 4.81 21.77
C MET C 122 26.24 5.78 20.58
N ASP C 123 26.70 5.30 19.44
CA ASP C 123 26.76 6.14 18.25
C ASP C 123 25.39 6.70 17.90
N ARG C 124 24.34 5.89 18.10
CA ARG C 124 22.98 6.32 17.82
C ARG C 124 22.64 7.62 18.54
N VAL C 125 23.30 7.87 19.66
CA VAL C 125 23.03 9.09 20.39
C VAL C 125 24.15 10.12 20.26
N THR C 126 25.37 9.67 19.99
CA THR C 126 26.49 10.60 19.86
C THR C 126 26.44 11.44 18.58
N LEU C 127 25.98 10.82 17.50
CA LEU C 127 25.88 11.49 16.21
C LEU C 127 24.94 12.70 16.30
N PRO C 128 23.71 12.50 16.78
CA PRO C 128 22.81 13.65 16.88
C PRO C 128 23.28 14.70 17.88
N LEU C 129 23.70 14.27 19.07
CA LEU C 129 24.17 15.23 20.08
C LEU C 129 25.33 16.11 19.62
N LYS C 130 26.23 15.56 18.80
CA LYS C 130 27.37 16.32 18.30
C LYS C 130 26.91 17.39 17.32
N LYS C 131 25.82 17.11 16.62
CA LYS C 131 25.28 18.08 15.68
C LYS C 131 24.90 19.35 16.44
N MET C 132 24.46 19.17 17.69
CA MET C 132 24.04 20.27 18.53
C MET C 132 25.21 21.00 19.15
N GLY C 133 26.40 20.42 19.02
CA GLY C 133 27.58 21.06 19.56
C GLY C 133 28.18 20.33 20.74
N VAL C 134 27.57 19.21 21.13
CA VAL C 134 28.08 18.45 22.25
C VAL C 134 29.30 17.66 21.79
N SER C 135 30.29 17.56 22.66
CA SER C 135 31.50 16.81 22.32
C SER C 135 31.41 15.46 23.04
N ILE C 136 31.19 14.39 22.26
CA ILE C 136 31.06 13.04 22.83
C ILE C 136 31.77 11.99 21.99
N SER C 137 32.40 11.03 22.67
CA SER C 137 33.10 9.96 21.98
C SER C 137 33.25 8.73 22.86
N GLY C 138 33.17 7.56 22.23
CA GLY C 138 33.32 6.31 22.94
C GLY C 138 34.41 5.48 22.27
N GLN C 139 34.41 4.18 22.49
CA GLN C 139 35.42 3.31 21.88
C GLN C 139 34.91 2.70 20.58
N THR C 140 35.75 2.77 19.55
CA THR C 140 35.44 2.29 18.20
C THR C 140 34.46 3.26 17.57
N GLU C 141 34.19 3.11 16.28
CA GLU C 141 33.27 4.01 15.58
C GLU C 141 31.84 3.87 16.09
N ARG C 142 31.57 2.83 16.86
CA ARG C 142 30.25 2.62 17.40
C ARG C 142 30.08 3.34 18.74
N ASP C 143 31.14 4.02 19.16
CA ASP C 143 31.14 4.75 20.43
C ASP C 143 30.62 3.89 21.58
N LEU C 144 31.32 2.80 21.87
CA LEU C 144 30.92 1.91 22.95
C LEU C 144 31.42 2.51 24.27
N PRO C 145 30.73 2.23 25.39
CA PRO C 145 31.20 2.78 26.66
C PRO C 145 32.60 2.27 26.98
N PRO C 146 33.40 3.04 27.75
CA PRO C 146 33.09 4.34 28.34
C PRO C 146 33.08 5.51 27.38
N LEU C 147 32.22 6.49 27.67
CA LEU C 147 32.12 7.68 26.83
C LEU C 147 32.67 8.88 27.59
N ARG C 148 33.18 9.84 26.85
CA ARG C 148 33.67 11.08 27.44
C ARG C 148 32.77 12.13 26.84
N LEU C 149 32.23 13.00 27.69
CA LEU C 149 31.32 14.03 27.23
C LEU C 149 31.58 15.40 27.84
N LYS C 150 31.43 16.42 27.01
CA LYS C 150 31.58 17.79 27.43
C LYS C 150 30.52 18.56 26.68
N GLY C 151 29.54 19.10 27.41
CA GLY C 151 28.48 19.86 26.78
C GLY C 151 28.92 21.29 26.52
N THR C 152 27.99 22.14 26.14
CA THR C 152 28.29 23.53 25.86
C THR C 152 27.16 24.44 26.32
N LYS C 153 27.49 25.69 26.60
CA LYS C 153 26.50 26.67 27.01
C LYS C 153 25.80 27.20 25.79
N ASN C 154 26.33 26.87 24.62
CA ASN C 154 25.77 27.31 23.36
C ASN C 154 25.23 26.14 22.55
N LEU C 155 24.32 25.39 23.14
CA LEU C 155 23.71 24.24 22.48
C LEU C 155 22.85 24.70 21.31
N ARG C 156 22.93 23.96 20.20
CA ARG C 156 22.13 24.28 19.03
C ARG C 156 20.92 23.35 18.95
N PRO C 157 19.74 23.90 18.64
CA PRO C 157 18.55 23.05 18.55
C PRO C 157 18.83 21.88 17.61
N ILE C 158 18.11 20.78 17.79
CA ILE C 158 18.34 19.61 16.97
C ILE C 158 17.25 19.27 15.96
N HIS C 159 17.65 19.06 14.71
CA HIS C 159 16.70 18.67 13.67
C HIS C 159 17.19 17.30 13.27
N TYR C 160 16.48 16.26 13.70
CA TYR C 160 16.92 14.91 13.41
C TYR C 160 15.81 13.90 13.15
N GLU C 161 16.05 13.08 12.13
CA GLU C 161 15.14 12.03 11.71
C GLU C 161 15.83 10.74 12.18
N LEU C 162 15.32 10.13 13.24
CA LEU C 162 15.94 8.90 13.77
C LEU C 162 15.94 7.75 12.76
N PRO C 163 17.09 7.08 12.59
CA PRO C 163 17.21 5.95 11.66
C PRO C 163 16.71 4.65 12.26
N ILE C 164 16.46 4.64 13.57
CA ILE C 164 15.97 3.45 14.25
C ILE C 164 14.82 3.79 15.19
N ALA C 165 13.92 2.83 15.41
CA ALA C 165 12.77 3.03 16.29
C ALA C 165 13.21 2.98 17.74
N SER C 166 13.97 4.00 18.16
CA SER C 166 14.50 4.07 19.51
C SER C 166 13.93 5.18 20.39
N ALA C 167 13.30 4.78 21.50
CA ALA C 167 12.73 5.73 22.44
C ALA C 167 13.85 6.43 23.21
N GLN C 168 14.92 5.69 23.48
CA GLN C 168 16.06 6.24 24.21
C GLN C 168 16.72 7.39 23.45
N VAL C 169 16.96 7.21 22.16
CA VAL C 169 17.60 8.27 21.39
C VAL C 169 16.67 9.47 21.35
N LYS C 170 15.37 9.22 21.22
CA LYS C 170 14.37 10.28 21.19
C LYS C 170 14.40 11.07 22.49
N SER C 171 14.41 10.36 23.62
CA SER C 171 14.41 10.97 24.95
C SER C 171 15.67 11.81 25.18
N ALA C 172 16.83 11.24 24.86
CA ALA C 172 18.07 11.96 25.02
C ALA C 172 17.97 13.28 24.27
N LEU C 173 17.54 13.20 23.01
CA LEU C 173 17.41 14.39 22.18
C LEU C 173 16.43 15.42 22.75
N MET C 174 15.33 14.94 23.32
CA MET C 174 14.34 15.84 23.91
C MET C 174 14.96 16.57 25.12
N PHE C 175 15.65 15.84 25.99
CA PHE C 175 16.28 16.46 27.15
C PHE C 175 17.27 17.52 26.66
N ALA C 176 18.02 17.18 25.62
CA ALA C 176 18.99 18.11 25.04
C ALA C 176 18.26 19.34 24.50
N ALA C 177 17.12 19.11 23.85
CA ALA C 177 16.31 20.19 23.28
C ALA C 177 15.83 21.17 24.33
N LEU C 178 15.47 20.67 25.51
CA LEU C 178 15.00 21.51 26.61
C LEU C 178 16.04 22.56 27.01
N GLN C 179 17.30 22.30 26.67
CA GLN C 179 18.39 23.20 27.03
C GLN C 179 18.93 24.02 25.86
N ALA C 180 18.56 23.65 24.64
CA ALA C 180 19.03 24.36 23.46
C ALA C 180 18.20 25.63 23.24
N LYS C 181 18.79 26.61 22.58
CA LYS C 181 18.10 27.87 22.32
C LYS C 181 17.52 27.82 20.91
N GLY C 182 16.21 27.60 20.81
CA GLY C 182 15.59 27.53 19.50
C GLY C 182 14.67 26.34 19.40
N GLU C 183 14.13 26.12 18.20
CA GLU C 183 13.20 25.04 17.96
C GLU C 183 13.81 23.77 17.39
N SER C 184 13.65 22.67 18.11
CA SER C 184 14.16 21.37 17.67
C SER C 184 13.01 20.54 17.12
N VAL C 185 13.31 19.69 16.15
CA VAL C 185 12.31 18.82 15.56
C VAL C 185 12.89 17.40 15.52
N ILE C 186 12.24 16.50 16.25
CA ILE C 186 12.67 15.12 16.35
C ILE C 186 11.63 14.22 15.69
N ILE C 187 12.03 13.52 14.63
CA ILE C 187 11.12 12.66 13.91
C ILE C 187 11.39 11.17 14.12
N GLU C 188 10.41 10.49 14.73
CA GLU C 188 10.54 9.06 14.99
C GLU C 188 10.42 8.27 13.70
N LYS C 189 11.11 7.14 13.62
CA LYS C 189 11.05 6.27 12.46
C LYS C 189 9.76 5.46 12.59
N GLU C 190 9.39 5.17 13.83
CA GLU C 190 8.17 4.44 14.15
C GLU C 190 7.83 4.94 15.55
N TYR C 191 6.56 4.84 15.94
CA TYR C 191 6.16 5.28 17.27
C TYR C 191 6.81 4.38 18.32
N THR C 192 7.48 4.99 19.29
CA THR C 192 8.11 4.25 20.37
C THR C 192 7.51 4.74 21.69
N ARG C 193 7.81 4.09 22.81
CA ARG C 193 7.24 4.51 24.09
C ARG C 193 7.38 6.02 24.26
N ASN C 194 6.26 6.66 24.61
CA ASN C 194 6.22 8.10 24.74
C ASN C 194 6.21 8.65 26.16
N HIS C 195 6.86 7.95 27.09
CA HIS C 195 6.90 8.41 28.47
C HIS C 195 7.58 9.77 28.64
N THR C 196 8.64 10.02 27.87
CA THR C 196 9.33 11.30 27.98
C THR C 196 8.37 12.44 27.61
N GLU C 197 7.61 12.25 26.53
CA GLU C 197 6.64 13.26 26.09
C GLU C 197 5.58 13.51 27.17
N ASP C 198 5.01 12.42 27.70
CA ASP C 198 4.00 12.50 28.74
C ASP C 198 4.47 13.25 29.98
N MET C 199 5.62 12.83 30.52
CA MET C 199 6.15 13.46 31.72
C MET C 199 6.63 14.88 31.52
N LEU C 200 7.11 15.19 30.31
CA LEU C 200 7.55 16.56 30.05
C LEU C 200 6.37 17.48 30.31
N GLN C 201 5.20 17.11 29.78
CA GLN C 201 3.99 17.89 29.96
C GLN C 201 3.59 17.90 31.43
N GLN C 202 3.75 16.76 32.11
CA GLN C 202 3.41 16.67 33.51
C GLN C 202 4.27 17.61 34.35
N PHE C 203 5.50 17.85 33.91
CA PHE C 203 6.40 18.75 34.65
C PHE C 203 6.33 20.22 34.24
N GLY C 204 5.25 20.61 33.56
CA GLY C 204 5.10 22.00 33.17
C GLY C 204 5.75 22.38 31.84
N GLY C 205 6.32 21.38 31.17
CA GLY C 205 6.97 21.62 29.89
C GLY C 205 6.01 21.58 28.72
N HIS C 206 6.50 21.98 27.56
CA HIS C 206 5.66 22.00 26.37
C HIS C 206 6.34 21.41 25.14
N LEU C 207 5.53 20.78 24.30
CA LEU C 207 6.01 20.17 23.09
C LEU C 207 4.84 20.06 22.13
N SER C 208 5.14 19.81 20.86
CA SER C 208 4.11 19.67 19.85
C SER C 208 4.32 18.35 19.11
N VAL C 209 3.34 17.45 19.21
CA VAL C 209 3.45 16.18 18.53
C VAL C 209 2.49 16.13 17.35
N ASP C 210 3.06 15.95 16.16
CA ASP C 210 2.29 15.87 14.92
C ASP C 210 2.65 14.54 14.26
N GLY C 211 1.87 13.51 14.55
CA GLY C 211 2.19 12.21 14.00
C GLY C 211 3.49 11.78 14.63
N LYS C 212 4.50 11.48 13.81
CA LYS C 212 5.80 11.06 14.33
C LYS C 212 6.75 12.24 14.52
N LYS C 213 6.33 13.42 14.08
CA LYS C 213 7.15 14.63 14.20
C LYS C 213 6.92 15.31 15.55
N ILE C 214 7.99 15.38 16.33
CA ILE C 214 7.93 15.99 17.65
C ILE C 214 8.71 17.29 17.66
N THR C 215 8.03 18.38 18.04
CA THR C 215 8.68 19.68 18.08
C THR C 215 8.84 20.17 19.52
N VAL C 216 10.06 20.57 19.85
CA VAL C 216 10.36 21.05 21.20
C VAL C 216 11.12 22.36 21.14
N GLN C 217 10.54 23.39 21.75
CA GLN C 217 11.13 24.71 21.80
C GLN C 217 12.00 24.80 23.06
N GLY C 218 13.18 25.40 22.94
CA GLY C 218 14.06 25.53 24.08
C GLY C 218 14.59 26.95 24.23
N PRO C 219 15.07 27.34 25.42
CA PRO C 219 15.14 26.51 26.62
C PRO C 219 13.82 26.52 27.40
N GLN C 220 13.60 25.51 28.23
CA GLN C 220 12.38 25.45 29.03
C GLN C 220 12.71 25.32 30.50
N LYS C 221 11.76 25.70 31.33
CA LYS C 221 11.89 25.62 32.78
C LYS C 221 10.81 24.66 33.24
N LEU C 222 11.18 23.69 34.07
CA LEU C 222 10.25 22.69 34.56
C LEU C 222 9.99 22.87 36.05
N THR C 223 8.90 22.25 36.53
CA THR C 223 8.52 22.37 37.92
C THR C 223 8.35 21.01 38.59
N GLY C 224 8.92 20.86 39.77
CA GLY C 224 8.83 19.62 40.52
C GLY C 224 7.40 19.10 40.64
N GLN C 225 7.26 17.77 40.60
CA GLN C 225 5.96 17.15 40.66
C GLN C 225 5.89 15.99 41.64
N LYS C 226 4.68 15.51 41.85
CA LYS C 226 4.43 14.35 42.69
C LYS C 226 4.18 13.29 41.62
N VAL C 227 5.04 12.28 41.59
CA VAL C 227 4.93 11.24 40.58
C VAL C 227 4.60 9.86 41.15
N VAL C 228 3.50 9.28 40.67
CA VAL C 228 3.10 7.96 41.10
C VAL C 228 3.42 7.00 39.95
N VAL C 229 4.37 6.11 40.20
CA VAL C 229 4.78 5.16 39.18
C VAL C 229 3.86 3.95 39.09
N PRO C 230 3.36 3.64 37.89
CA PRO C 230 2.48 2.49 37.71
C PRO C 230 3.28 1.19 37.56
N GLY C 231 2.59 0.06 37.68
CA GLY C 231 3.26 -1.23 37.53
C GLY C 231 3.85 -1.37 36.13
N ASP C 232 5.00 -2.02 36.04
CA ASP C 232 5.68 -2.21 34.75
C ASP C 232 5.05 -3.35 33.94
N ILE C 233 4.62 -3.00 32.74
CA ILE C 233 4.01 -3.95 31.83
C ILE C 233 5.04 -5.01 31.45
N SER C 234 6.28 -4.59 31.25
CA SER C 234 7.35 -5.50 30.88
C SER C 234 7.62 -6.53 31.98
N SER C 235 7.23 -6.21 33.20
CA SER C 235 7.41 -7.13 34.32
C SER C 235 6.18 -8.03 34.41
N ALA C 236 5.01 -7.44 34.19
CA ALA C 236 3.77 -8.20 34.23
C ALA C 236 3.76 -9.19 33.07
N ALA C 237 4.42 -8.84 31.97
CA ALA C 237 4.49 -9.71 30.80
C ALA C 237 4.92 -11.14 31.15
N PHE C 238 5.88 -11.27 32.06
CA PHE C 238 6.34 -12.58 32.45
C PHE C 238 5.23 -13.40 33.11
N TRP C 239 4.36 -12.72 33.84
CA TRP C 239 3.24 -13.40 34.51
C TRP C 239 2.08 -13.61 33.54
N LEU C 240 1.91 -12.68 32.60
CA LEU C 240 0.86 -12.83 31.61
C LEU C 240 1.08 -14.14 30.86
N VAL C 241 2.34 -14.38 30.47
CA VAL C 241 2.69 -15.59 29.74
C VAL C 241 2.66 -16.85 30.61
N ALA C 242 3.11 -16.74 31.85
CA ALA C 242 3.11 -17.87 32.77
C ALA C 242 1.70 -18.44 32.97
N GLY C 243 0.74 -17.56 33.18
CA GLY C 243 -0.64 -18.00 33.39
C GLY C 243 -1.32 -18.62 32.18
N LEU C 244 -0.94 -18.16 30.99
CA LEU C 244 -1.51 -18.69 29.74
C LEU C 244 -0.90 -20.03 29.40
N ILE C 245 0.37 -20.17 29.76
CA ILE C 245 1.18 -21.36 29.49
C ILE C 245 1.19 -22.50 30.50
N ALA C 246 1.09 -22.18 31.78
CA ALA C 246 1.09 -23.21 32.81
C ALA C 246 -0.27 -23.87 32.92
N PRO C 247 -0.32 -25.12 33.41
CA PRO C 247 -1.59 -25.83 33.55
C PRO C 247 -2.40 -25.30 34.74
N ASN C 248 -3.73 -25.41 34.63
CA ASN C 248 -4.64 -24.96 35.69
C ASN C 248 -4.20 -23.67 36.34
N SER C 249 -4.08 -22.61 35.55
CA SER C 249 -3.65 -21.34 36.11
C SER C 249 -4.58 -20.17 35.86
N ARG C 250 -4.59 -19.24 36.81
CA ARG C 250 -5.38 -18.01 36.71
C ARG C 250 -4.61 -16.96 37.52
N LEU C 251 -4.03 -16.01 36.82
CA LEU C 251 -3.25 -14.96 37.47
C LEU C 251 -3.88 -13.59 37.26
N VAL C 252 -3.96 -12.82 38.35
CA VAL C 252 -4.52 -11.48 38.29
C VAL C 252 -3.41 -10.49 38.60
N LEU C 253 -3.11 -9.64 37.62
CA LEU C 253 -2.05 -8.65 37.74
C LEU C 253 -2.63 -7.26 37.92
N GLN C 254 -2.43 -6.68 39.09
CA GLN C 254 -2.97 -5.35 39.38
C GLN C 254 -2.02 -4.20 39.11
N ASN C 255 -2.62 -3.03 38.91
CA ASN C 255 -1.91 -1.78 38.70
C ASN C 255 -0.79 -1.81 37.65
N VAL C 256 -1.04 -2.41 36.50
CA VAL C 256 -0.03 -2.46 35.45
C VAL C 256 -0.31 -1.41 34.38
N GLY C 257 0.71 -0.61 34.09
CA GLY C 257 0.58 0.43 33.09
C GLY C 257 -0.06 -0.11 31.82
N ILE C 258 -0.81 0.75 31.13
CA ILE C 258 -1.49 0.31 29.93
C ILE C 258 -1.32 1.29 28.76
N ASN C 259 -0.24 2.06 28.80
CA ASN C 259 0.08 3.01 27.76
C ASN C 259 0.13 2.27 26.39
N GLU C 260 -0.69 2.71 25.46
CA GLU C 260 -0.76 2.11 24.13
C GLU C 260 0.57 1.84 23.44
N THR C 261 1.59 2.64 23.73
CA THR C 261 2.89 2.44 23.11
C THR C 261 3.74 1.36 23.80
N ARG C 262 3.14 0.69 24.78
CA ARG C 262 3.84 -0.37 25.54
C ARG C 262 2.99 -1.65 25.63
N THR C 263 1.82 -1.66 24.99
CA THR C 263 0.93 -2.82 25.08
C THR C 263 0.99 -3.85 23.97
N GLY C 264 2.11 -3.91 23.27
CA GLY C 264 2.25 -4.87 22.19
C GLY C 264 1.93 -6.31 22.57
N ILE C 265 2.35 -6.73 23.76
CA ILE C 265 2.11 -8.11 24.16
C ILE C 265 0.62 -8.43 24.27
N ILE C 266 -0.19 -7.42 24.56
CA ILE C 266 -1.62 -7.64 24.66
C ILE C 266 -2.17 -8.10 23.30
N ASP C 267 -1.88 -7.33 22.26
CA ASP C 267 -2.34 -7.67 20.92
C ASP C 267 -1.85 -9.04 20.48
N VAL C 268 -0.64 -9.40 20.90
CA VAL C 268 -0.06 -10.70 20.55
C VAL C 268 -0.88 -11.81 21.20
N ILE C 269 -1.13 -11.65 22.51
CA ILE C 269 -1.91 -12.64 23.26
C ILE C 269 -3.30 -12.85 22.65
N ARG C 270 -3.95 -11.76 22.26
CA ARG C 270 -5.28 -11.86 21.64
C ARG C 270 -5.17 -12.61 20.33
N ALA C 271 -4.14 -12.29 19.54
CA ALA C 271 -3.93 -12.94 18.25
C ALA C 271 -3.71 -14.44 18.41
N MET C 272 -2.95 -14.81 19.41
CA MET C 272 -2.64 -16.21 19.67
C MET C 272 -3.78 -16.97 20.33
N GLY C 273 -4.87 -16.28 20.62
CA GLY C 273 -6.02 -16.92 21.25
C GLY C 273 -5.95 -17.04 22.76
N GLY C 274 -5.08 -16.27 23.40
CA GLY C 274 -4.96 -16.37 24.85
C GLY C 274 -6.13 -15.76 25.59
N LYS C 275 -6.51 -16.38 26.70
CA LYS C 275 -7.61 -15.87 27.52
C LYS C 275 -7.10 -14.74 28.39
N LEU C 276 -7.40 -13.51 27.97
CA LEU C 276 -6.97 -12.32 28.70
C LEU C 276 -8.15 -11.43 28.98
N GLU C 277 -8.17 -10.87 30.19
CA GLU C 277 -9.25 -9.99 30.61
C GLU C 277 -8.65 -8.71 31.17
N ILE C 278 -9.21 -7.58 30.79
CA ILE C 278 -8.74 -6.29 31.27
C ILE C 278 -9.87 -5.60 32.05
N THR C 279 -9.68 -5.46 33.36
CA THR C 279 -10.65 -4.84 34.23
C THR C 279 -10.05 -3.65 34.97
N GLU C 280 -10.84 -3.07 35.88
CA GLU C 280 -10.41 -1.94 36.68
C GLU C 280 -9.55 -0.96 35.89
N ILE C 281 -10.07 -0.49 34.76
CA ILE C 281 -9.33 0.45 33.93
C ILE C 281 -9.29 1.83 34.56
N ASP C 282 -8.11 2.26 34.97
CA ASP C 282 -7.91 3.57 35.59
C ASP C 282 -7.56 4.56 34.48
N PRO C 283 -8.43 5.57 34.27
CA PRO C 283 -8.22 6.59 33.25
C PRO C 283 -7.09 7.55 33.61
N VAL C 284 -6.90 7.76 34.91
CA VAL C 284 -5.86 8.64 35.42
C VAL C 284 -4.47 8.09 35.11
N ALA C 285 -4.04 7.11 35.90
CA ALA C 285 -2.72 6.50 35.75
C ALA C 285 -2.49 5.66 34.50
N LYS C 286 -3.48 5.56 33.62
CA LYS C 286 -3.31 4.74 32.42
C LYS C 286 -2.89 3.33 32.89
N SER C 287 -3.68 2.74 33.78
CA SER C 287 -3.37 1.42 34.29
C SER C 287 -4.63 0.56 34.36
N ALA C 288 -4.45 -0.71 34.72
CA ALA C 288 -5.58 -1.63 34.82
C ALA C 288 -5.08 -2.95 35.38
N THR C 289 -6.01 -3.87 35.68
CA THR C 289 -5.60 -5.16 36.17
C THR C 289 -5.78 -6.12 35.00
N LEU C 290 -4.79 -6.98 34.82
CA LEU C 290 -4.77 -7.95 33.75
C LEU C 290 -4.94 -9.36 34.32
N ILE C 291 -5.90 -10.10 33.78
CA ILE C 291 -6.17 -11.45 34.26
C ILE C 291 -5.95 -12.46 33.14
N VAL C 292 -5.15 -13.49 33.44
CA VAL C 292 -4.84 -14.51 32.46
C VAL C 292 -5.20 -15.91 32.98
N GLU C 293 -5.52 -16.81 32.04
CA GLU C 293 -5.88 -18.19 32.37
C GLU C 293 -5.27 -19.15 31.36
N SER C 294 -5.07 -20.40 31.79
CA SER C 294 -4.49 -21.43 30.92
C SER C 294 -5.24 -21.47 29.60
N SER C 295 -4.52 -21.31 28.50
CA SER C 295 -5.14 -21.33 27.18
C SER C 295 -4.40 -22.19 26.17
N ASP C 296 -5.06 -22.49 25.06
CA ASP C 296 -4.47 -23.24 23.97
C ASP C 296 -4.16 -22.14 22.95
N LEU C 297 -2.90 -22.05 22.54
CA LEU C 297 -2.50 -21.00 21.63
C LEU C 297 -2.16 -21.43 20.21
N LYS C 298 -2.19 -20.45 19.32
CA LYS C 298 -1.88 -20.63 17.91
C LYS C 298 -0.81 -19.59 17.54
N GLY C 299 0.06 -19.93 16.60
CA GLY C 299 1.12 -19.01 16.19
C GLY C 299 0.62 -17.75 15.51
N THR C 300 1.49 -16.75 15.42
CA THR C 300 1.13 -15.47 14.81
C THR C 300 2.38 -14.81 14.25
N GLU C 301 2.19 -13.70 13.55
CA GLU C 301 3.32 -12.96 13.00
C GLU C 301 3.47 -11.63 13.73
N ILE C 302 4.70 -11.33 14.12
CA ILE C 302 5.01 -10.11 14.84
C ILE C 302 6.02 -9.32 14.00
N CYS C 303 5.61 -8.15 13.52
CA CYS C 303 6.45 -7.33 12.66
C CYS C 303 6.19 -5.82 12.70
N GLY C 304 7.05 -5.08 12.01
CA GLY C 304 6.99 -3.62 11.93
C GLY C 304 5.85 -2.85 12.59
N ALA C 305 6.22 -1.77 13.28
CA ALA C 305 5.26 -0.91 13.99
C ALA C 305 4.90 -1.51 15.32
N LEU C 306 4.56 -2.80 15.33
CA LEU C 306 4.22 -3.47 16.58
C LEU C 306 5.50 -3.71 17.38
N ILE C 307 6.62 -3.81 16.67
CA ILE C 307 7.91 -4.07 17.29
C ILE C 307 8.27 -3.16 18.46
N PRO C 308 8.41 -1.85 18.23
CA PRO C 308 8.75 -0.98 19.36
C PRO C 308 7.75 -1.01 20.52
N ARG C 309 6.58 -1.57 20.29
CA ARG C 309 5.56 -1.65 21.32
C ARG C 309 5.74 -2.88 22.22
N LEU C 310 6.67 -3.75 21.86
CA LEU C 310 6.92 -4.95 22.63
C LEU C 310 8.34 -5.51 22.52
N ILE C 311 9.31 -4.67 22.17
CA ILE C 311 10.68 -5.15 22.00
C ILE C 311 11.18 -5.97 23.18
N ASP C 312 10.99 -5.47 24.40
CA ASP C 312 11.46 -6.18 25.59
C ASP C 312 10.62 -7.38 25.99
N GLU C 313 9.49 -7.58 25.32
CA GLU C 313 8.66 -8.73 25.63
C GLU C 313 8.91 -9.88 24.64
N LEU C 314 9.74 -9.65 23.64
CA LEU C 314 10.02 -10.70 22.67
C LEU C 314 10.62 -11.97 23.30
N PRO C 315 11.42 -11.83 24.36
CA PRO C 315 11.95 -13.06 24.96
C PRO C 315 10.86 -13.97 25.53
N ILE C 316 9.95 -13.44 26.36
CA ILE C 316 8.89 -14.31 26.89
C ILE C 316 7.90 -14.67 25.81
N ILE C 317 7.69 -13.76 24.87
CA ILE C 317 6.76 -14.06 23.78
C ILE C 317 7.35 -15.23 23.00
N ALA C 318 8.67 -15.33 22.99
CA ALA C 318 9.33 -16.43 22.29
C ALA C 318 8.92 -17.69 23.04
N LEU C 319 8.99 -17.64 24.36
CA LEU C 319 8.62 -18.80 25.18
C LEU C 319 7.15 -19.10 24.89
N LEU C 320 6.34 -18.04 24.84
CA LEU C 320 4.90 -18.16 24.57
C LEU C 320 4.69 -18.86 23.23
N ALA C 321 5.41 -18.41 22.21
CA ALA C 321 5.32 -18.97 20.86
C ALA C 321 5.63 -20.46 20.89
N THR C 322 6.56 -20.83 21.76
CA THR C 322 6.99 -22.21 21.94
C THR C 322 5.82 -23.12 22.32
N GLN C 323 4.87 -22.58 23.06
CA GLN C 323 3.72 -23.36 23.51
C GLN C 323 2.52 -23.28 22.58
N ALA C 324 2.62 -22.45 21.54
CA ALA C 324 1.52 -22.30 20.59
C ALA C 324 1.55 -23.39 19.54
N GLN C 325 0.38 -23.65 18.95
CA GLN C 325 0.27 -24.64 17.89
C GLN C 325 0.60 -23.93 16.59
N GLY C 326 1.64 -24.39 15.89
CA GLY C 326 1.97 -23.76 14.63
C GLY C 326 3.23 -22.92 14.62
N VAL C 327 3.35 -22.08 13.60
CA VAL C 327 4.50 -21.23 13.44
C VAL C 327 4.27 -19.77 13.82
N THR C 328 5.28 -19.20 14.46
CA THR C 328 5.22 -17.80 14.86
C THR C 328 6.51 -17.17 14.33
N VAL C 329 6.34 -16.13 13.53
CA VAL C 329 7.48 -15.43 12.93
C VAL C 329 7.67 -14.04 13.52
N ILE C 330 8.92 -13.73 13.88
CA ILE C 330 9.27 -12.43 14.42
C ILE C 330 10.30 -11.77 13.52
N LYS C 331 9.96 -10.64 12.93
CA LYS C 331 10.87 -9.91 12.04
C LYS C 331 10.86 -8.41 12.30
N ASP C 332 11.78 -7.69 11.67
CA ASP C 332 11.89 -6.23 11.85
C ASP C 332 12.33 -5.95 13.28
N ALA C 333 12.88 -6.98 13.93
CA ALA C 333 13.34 -6.86 15.30
C ALA C 333 14.84 -6.99 15.42
N GLU C 334 15.57 -6.43 14.47
CA GLU C 334 17.02 -6.51 14.51
C GLU C 334 17.56 -5.77 15.73
N GLU C 335 16.77 -4.84 16.26
CA GLU C 335 17.17 -4.07 17.43
C GLU C 335 17.46 -4.95 18.65
N LEU C 336 16.96 -6.18 18.63
CA LEU C 336 17.17 -7.12 19.73
C LEU C 336 18.65 -7.50 19.88
N LYS C 337 19.36 -7.60 18.76
CA LYS C 337 20.76 -7.99 18.80
C LYS C 337 21.61 -7.01 19.58
N VAL C 338 21.10 -5.82 19.82
CA VAL C 338 21.88 -4.80 20.51
C VAL C 338 21.45 -4.47 21.94
N LYS C 339 20.62 -5.32 22.53
CA LYS C 339 20.15 -5.11 23.90
C LYS C 339 21.17 -5.56 24.94
N GLU C 340 20.74 -5.68 26.19
CA GLU C 340 21.65 -6.10 27.27
C GLU C 340 22.47 -7.32 26.84
N THR C 341 21.88 -8.09 25.91
CA THR C 341 22.53 -9.24 25.30
C THR C 341 21.91 -9.28 23.91
N ASP C 342 22.46 -10.12 23.04
CA ASP C 342 21.87 -10.26 21.71
C ASP C 342 20.68 -11.14 22.05
N ARG C 343 19.52 -10.53 22.23
CA ARG C 343 18.33 -11.28 22.60
C ARG C 343 17.78 -12.24 21.56
N ILE C 344 18.32 -12.19 20.34
CA ILE C 344 17.88 -13.11 19.31
C ILE C 344 18.66 -14.41 19.52
N GLN C 345 19.98 -14.28 19.62
CA GLN C 345 20.87 -15.42 19.80
C GLN C 345 20.76 -16.08 21.17
N VAL C 346 20.72 -15.28 22.23
CA VAL C 346 20.63 -15.83 23.58
C VAL C 346 19.29 -16.52 23.85
N VAL C 347 18.21 -15.94 23.35
CA VAL C 347 16.88 -16.53 23.56
C VAL C 347 16.75 -17.85 22.79
N ALA C 348 17.20 -17.86 21.55
CA ALA C 348 17.13 -19.05 20.71
C ALA C 348 17.93 -20.19 21.35
N ASP C 349 19.20 -19.91 21.66
CA ASP C 349 20.05 -20.92 22.28
C ASP C 349 19.42 -21.44 23.56
N ALA C 350 19.02 -20.51 24.42
CA ALA C 350 18.41 -20.88 25.70
C ALA C 350 17.21 -21.79 25.53
N LEU C 351 16.19 -21.35 24.80
CA LEU C 351 14.99 -22.16 24.62
C LEU C 351 15.25 -23.45 23.84
N ASN C 352 16.15 -23.41 22.87
CA ASN C 352 16.47 -24.62 22.11
C ASN C 352 17.07 -25.67 23.04
N SER C 353 17.84 -25.22 24.03
CA SER C 353 18.48 -26.12 24.98
C SER C 353 17.49 -26.69 25.99
N MET C 354 16.24 -26.24 25.93
CA MET C 354 15.22 -26.71 26.85
C MET C 354 14.10 -27.48 26.16
N GLY C 355 13.86 -27.18 24.89
CA GLY C 355 12.78 -27.84 24.18
C GLY C 355 12.95 -27.63 22.70
N ALA C 356 13.71 -26.59 22.37
CA ALA C 356 14.05 -26.26 21.00
C ALA C 356 12.98 -25.84 20.00
N ASP C 357 13.44 -25.80 18.76
CA ASP C 357 12.71 -25.43 17.55
C ASP C 357 12.49 -23.95 17.34
N ILE C 358 13.61 -23.22 17.43
CA ILE C 358 13.64 -21.79 17.21
C ILE C 358 14.79 -21.48 16.26
N THR C 359 14.47 -21.03 15.04
CA THR C 359 15.49 -20.67 14.06
C THR C 359 15.71 -19.15 14.08
N PRO C 360 16.84 -18.70 14.64
CA PRO C 360 17.11 -17.27 14.70
C PRO C 360 17.44 -16.69 13.33
N THR C 361 17.07 -15.44 13.10
CA THR C 361 17.36 -14.78 11.84
C THR C 361 18.03 -13.44 12.12
N ALA C 362 18.46 -12.77 11.06
CA ALA C 362 19.12 -11.48 11.20
C ALA C 362 18.23 -10.42 11.85
N ASP C 363 16.90 -10.55 11.68
CA ASP C 363 15.98 -9.58 12.26
C ASP C 363 14.92 -10.20 13.17
N GLY C 364 15.20 -11.38 13.72
CA GLY C 364 14.22 -12.01 14.59
C GLY C 364 14.40 -13.51 14.74
N MET C 365 13.30 -14.24 14.63
CA MET C 365 13.34 -15.69 14.77
C MET C 365 12.02 -16.34 14.34
N ILE C 366 12.13 -17.61 13.93
CA ILE C 366 10.97 -18.40 13.51
C ILE C 366 10.82 -19.46 14.57
N ILE C 367 9.59 -19.63 15.07
CA ILE C 367 9.32 -20.60 16.12
C ILE C 367 8.21 -21.59 15.76
N LYS C 368 8.52 -22.88 15.76
CA LYS C 368 7.50 -23.90 15.48
C LYS C 368 7.02 -24.32 16.84
N GLY C 369 5.76 -24.03 17.11
CA GLY C 369 5.16 -24.29 18.40
C GLY C 369 4.66 -25.64 18.88
N LYS C 370 4.58 -25.67 20.21
CA LYS C 370 4.14 -26.79 21.01
C LYS C 370 5.26 -27.76 21.26
N SER C 371 6.24 -27.29 22.03
CA SER C 371 7.40 -28.08 22.39
C SER C 371 7.34 -28.43 23.86
N ALA C 372 7.49 -29.71 24.17
CA ALA C 372 7.50 -30.14 25.57
C ALA C 372 8.92 -29.80 26.00
N LEU C 373 9.06 -29.05 27.09
CA LEU C 373 10.39 -28.65 27.55
C LEU C 373 11.05 -29.59 28.55
N HIS C 374 12.38 -29.56 28.58
CA HIS C 374 13.17 -30.39 29.49
C HIS C 374 14.27 -29.55 30.13
N GLY C 375 15.02 -30.19 31.03
CA GLY C 375 16.08 -29.50 31.75
C GLY C 375 17.23 -28.96 30.93
N ALA C 376 18.05 -28.13 31.58
CA ALA C 376 19.22 -27.51 30.95
C ALA C 376 19.80 -26.43 31.85
N ARG C 377 21.04 -26.06 31.57
CA ARG C 377 21.72 -25.01 32.32
C ARG C 377 21.72 -23.79 31.41
N VAL C 378 21.18 -22.69 31.90
CA VAL C 378 21.13 -21.47 31.10
C VAL C 378 21.82 -20.34 31.81
N ASN C 379 22.60 -19.57 31.06
CA ASN C 379 23.31 -18.43 31.62
C ASN C 379 22.57 -17.16 31.21
N THR C 380 22.30 -16.33 32.21
CA THR C 380 21.62 -15.06 32.03
C THR C 380 22.46 -14.09 31.22
N PHE C 381 23.78 -14.27 31.30
CA PHE C 381 24.72 -13.39 30.61
C PHE C 381 24.49 -11.94 31.04
N GLY C 382 23.98 -11.77 32.27
CA GLY C 382 23.73 -10.45 32.82
C GLY C 382 22.52 -9.70 32.29
N ASP C 383 21.57 -10.42 31.72
CA ASP C 383 20.34 -9.83 31.17
C ASP C 383 19.12 -10.37 31.92
N HIS C 384 18.52 -9.50 32.74
CA HIS C 384 17.35 -9.85 33.55
C HIS C 384 16.19 -10.52 32.82
N ARG C 385 15.98 -10.17 31.56
CA ARG C 385 14.88 -10.77 30.80
C ARG C 385 15.14 -12.23 30.48
N ILE C 386 16.39 -12.56 30.15
CA ILE C 386 16.74 -13.93 29.85
C ILE C 386 16.46 -14.71 31.14
N GLY C 387 16.94 -14.15 32.25
CA GLY C 387 16.73 -14.79 33.54
C GLY C 387 15.28 -15.07 33.87
N MET C 388 14.40 -14.09 33.69
CA MET C 388 12.99 -14.30 34.00
C MET C 388 12.30 -15.18 32.97
N MET C 389 12.73 -15.08 31.72
CA MET C 389 12.13 -15.93 30.68
C MET C 389 12.40 -17.39 31.04
N THR C 390 13.65 -17.67 31.42
CA THR C 390 14.06 -19.02 31.79
C THR C 390 13.29 -19.55 33.00
N ALA C 391 13.07 -18.67 33.97
CA ALA C 391 12.36 -19.02 35.20
C ALA C 391 10.95 -19.57 34.94
N ILE C 392 10.17 -18.90 34.10
CA ILE C 392 8.84 -19.40 33.83
C ILE C 392 8.86 -20.56 32.83
N ALA C 393 9.88 -20.59 31.98
CA ALA C 393 10.02 -21.68 31.01
C ALA C 393 10.26 -22.96 31.82
N ALA C 394 11.00 -22.83 32.91
CA ALA C 394 11.31 -23.95 33.78
C ALA C 394 10.04 -24.55 34.41
N LEU C 395 9.03 -23.70 34.61
CA LEU C 395 7.78 -24.14 35.21
C LEU C 395 7.11 -25.24 34.40
N LEU C 396 7.44 -25.31 33.11
CA LEU C 396 6.85 -26.30 32.20
C LEU C 396 7.66 -27.58 32.03
N VAL C 397 8.87 -27.63 32.58
CA VAL C 397 9.68 -28.83 32.46
C VAL C 397 9.16 -29.91 33.41
N ALA C 398 8.42 -30.85 32.84
CA ALA C 398 7.81 -31.95 33.59
C ALA C 398 8.82 -32.86 34.28
N ASP C 399 9.84 -33.29 33.54
CA ASP C 399 10.85 -34.17 34.10
C ASP C 399 12.25 -33.72 33.73
N GLY C 400 12.94 -33.14 34.70
CA GLY C 400 14.29 -32.66 34.48
C GLY C 400 14.60 -31.51 35.41
N GLU C 401 15.77 -30.91 35.26
CA GLU C 401 16.13 -29.78 36.10
C GLU C 401 16.76 -28.65 35.29
N VAL C 402 16.52 -27.43 35.76
CA VAL C 402 17.06 -26.27 35.08
C VAL C 402 17.88 -25.42 36.04
N GLU C 403 19.12 -25.17 35.67
CA GLU C 403 20.02 -24.36 36.47
C GLU C 403 20.16 -23.02 35.78
N LEU C 404 20.05 -21.94 36.55
CA LEU C 404 20.15 -20.60 36.00
C LEU C 404 21.37 -19.93 36.61
N ASP C 405 22.35 -19.58 35.78
CA ASP C 405 23.54 -18.90 36.25
C ASP C 405 23.38 -17.38 36.06
N ARG C 406 24.04 -16.61 36.92
CA ARG C 406 23.97 -15.15 36.87
C ARG C 406 22.52 -14.69 36.97
N ALA C 407 21.76 -15.31 37.85
CA ALA C 407 20.35 -14.98 38.05
C ALA C 407 20.13 -13.64 38.74
N GLU C 408 21.13 -13.15 39.47
CA GLU C 408 20.98 -11.87 40.16
C GLU C 408 20.82 -10.72 39.18
N ALA C 409 20.95 -11.02 37.88
CA ALA C 409 20.79 -9.99 36.87
C ALA C 409 19.33 -9.54 36.88
N ILE C 410 18.47 -10.40 37.40
CA ILE C 410 17.05 -10.11 37.48
C ILE C 410 16.79 -8.92 38.41
N ASN C 411 17.72 -8.67 39.32
CA ASN C 411 17.59 -7.54 40.25
C ASN C 411 17.62 -6.22 39.52
N THR C 412 17.93 -6.27 38.23
CA THR C 412 18.00 -5.07 37.41
C THR C 412 16.64 -4.38 37.27
N SER C 413 15.57 -5.15 37.25
CA SER C 413 14.23 -4.59 37.09
C SER C 413 13.15 -5.24 37.93
N TYR C 414 13.46 -6.37 38.55
CA TYR C 414 12.46 -7.09 39.33
C TYR C 414 13.07 -7.84 40.53
N PRO C 415 13.70 -7.11 41.45
CA PRO C 415 14.33 -7.68 42.64
C PRO C 415 13.52 -8.78 43.32
N SER C 416 12.22 -8.56 43.48
CA SER C 416 11.35 -9.52 44.14
C SER C 416 10.68 -10.54 43.22
N PHE C 417 11.25 -10.74 42.04
CA PHE C 417 10.68 -11.68 41.08
C PHE C 417 10.40 -13.05 41.69
N PHE C 418 11.42 -13.65 42.31
CA PHE C 418 11.24 -14.97 42.91
C PHE C 418 10.30 -14.99 44.11
N ASP C 419 10.23 -13.89 44.86
CA ASP C 419 9.31 -13.85 45.98
C ASP C 419 7.90 -13.96 45.42
N ASP C 420 7.63 -13.22 44.34
CA ASP C 420 6.32 -13.25 43.71
C ASP C 420 6.04 -14.63 43.11
N LEU C 421 7.06 -15.24 42.52
CA LEU C 421 6.90 -16.57 41.95
C LEU C 421 6.40 -17.55 43.01
N GLU C 422 7.08 -17.59 44.15
CA GLU C 422 6.72 -18.50 45.24
C GLU C 422 5.33 -18.24 45.83
N SER C 423 4.77 -17.06 45.60
CA SER C 423 3.45 -16.75 46.13
C SER C 423 2.38 -17.36 45.24
N LEU C 424 2.69 -17.47 43.95
CA LEU C 424 1.76 -18.03 42.97
C LEU C 424 1.72 -19.55 43.01
N ILE C 425 2.89 -20.14 43.25
CA ILE C 425 3.05 -21.59 43.30
C ILE C 425 2.19 -22.25 44.37
N HIS C 426 1.94 -21.55 45.45
CA HIS C 426 1.14 -22.10 46.54
C HIS C 426 -0.29 -21.57 46.52
N GLY C 427 -1.25 -22.48 46.38
CA GLY C 427 -2.65 -22.09 46.33
C GLY C 427 -3.05 -21.68 44.93
N MET D 1 -31.61 35.60 7.08
CA MET D 1 -31.02 36.66 7.96
C MET D 1 -29.75 37.25 7.35
N LYS D 2 -29.46 38.49 7.72
CA LYS D 2 -28.28 39.17 7.21
C LYS D 2 -27.07 38.79 8.07
N LEU D 3 -26.06 38.21 7.44
CA LEU D 3 -24.84 37.79 8.13
C LEU D 3 -23.76 38.87 8.12
N LYS D 4 -22.96 38.89 9.18
CA LYS D 4 -21.88 39.85 9.32
C LYS D 4 -20.85 39.61 8.22
N THR D 5 -20.31 40.69 7.65
CA THR D 5 -19.32 40.58 6.58
C THR D 5 -18.10 41.47 6.77
N ASN D 6 -17.06 41.17 5.99
CA ASN D 6 -15.81 41.93 6.01
C ASN D 6 -15.26 42.19 7.41
N ILE D 7 -15.16 41.13 8.24
CA ILE D 7 -14.64 41.30 9.58
C ILE D 7 -13.14 41.56 9.50
N ARG D 8 -12.64 42.50 10.29
CA ARG D 8 -11.22 42.83 10.24
C ARG D 8 -10.40 42.20 11.36
N HIS D 9 -11.07 41.58 12.32
CA HIS D 9 -10.38 40.94 13.43
C HIS D 9 -11.31 40.12 14.32
N LEU D 10 -10.75 39.05 14.88
CA LEU D 10 -11.47 38.15 15.78
C LEU D 10 -10.55 37.81 16.93
N HIS D 11 -10.88 38.30 18.12
CA HIS D 11 -10.08 38.02 19.31
C HIS D 11 -11.02 37.66 20.45
N GLY D 12 -10.54 36.82 21.36
CA GLY D 12 -11.35 36.44 22.50
C GLY D 12 -11.32 34.98 22.88
N ILE D 13 -11.88 34.68 24.03
CA ILE D 13 -11.96 33.33 24.55
C ILE D 13 -13.37 32.81 24.34
N ILE D 14 -13.47 31.58 23.89
CA ILE D 14 -14.76 30.94 23.67
C ILE D 14 -14.75 29.55 24.29
N ARG D 15 -15.78 29.25 25.07
CA ARG D 15 -15.92 27.92 25.65
C ARG D 15 -17.12 27.37 24.88
N VAL D 16 -16.86 26.56 23.86
CA VAL D 16 -17.95 26.00 23.06
C VAL D 16 -18.88 25.13 23.90
N PRO D 17 -20.12 24.94 23.43
CA PRO D 17 -21.09 24.12 24.16
C PRO D 17 -20.73 22.63 24.16
N GLY D 18 -21.42 21.87 24.99
CA GLY D 18 -21.14 20.45 25.10
C GLY D 18 -21.14 19.64 23.81
N ASP D 19 -20.39 18.55 23.86
CA ASP D 19 -20.27 17.64 22.73
C ASP D 19 -21.64 16.97 22.48
N LYS D 20 -22.11 17.04 21.25
CA LYS D 20 -23.41 16.46 20.91
C LYS D 20 -23.46 14.94 21.04
N SER D 21 -22.50 14.24 20.47
CA SER D 21 -22.47 12.78 20.53
C SER D 21 -22.51 12.29 21.98
N ILE D 22 -21.67 12.87 22.82
CA ILE D 22 -21.61 12.50 24.23
C ILE D 22 -22.90 12.87 24.99
N SER D 23 -23.48 14.04 24.68
CA SER D 23 -24.71 14.49 25.33
C SER D 23 -25.84 13.51 25.05
N HIS D 24 -25.97 13.11 23.79
CA HIS D 24 -26.98 12.16 23.40
C HIS D 24 -26.82 10.88 24.22
N ARG D 25 -25.61 10.33 24.20
CA ARG D 25 -25.30 9.10 24.92
C ARG D 25 -25.47 9.19 26.43
N SER D 26 -25.22 10.37 27.02
CA SER D 26 -25.38 10.52 28.45
C SER D 26 -26.83 10.21 28.86
N ILE D 27 -27.77 10.63 28.03
CA ILE D 27 -29.19 10.39 28.27
C ILE D 27 -29.54 8.91 28.11
N ILE D 28 -29.03 8.30 27.04
CA ILE D 28 -29.28 6.88 26.78
C ILE D 28 -28.76 6.01 27.93
N PHE D 29 -27.48 6.13 28.27
CA PHE D 29 -26.93 5.34 29.36
C PHE D 29 -27.62 5.67 30.67
N GLY D 30 -27.90 6.96 30.88
CA GLY D 30 -28.58 7.36 32.10
C GLY D 30 -29.92 6.67 32.22
N SER D 31 -30.62 6.53 31.09
CA SER D 31 -31.93 5.90 31.08
C SER D 31 -31.87 4.39 31.30
N LEU D 32 -30.93 3.74 30.61
CA LEU D 32 -30.77 2.30 30.71
C LEU D 32 -30.14 1.83 32.01
N ALA D 33 -29.37 2.68 32.67
CA ALA D 33 -28.71 2.29 33.92
C ALA D 33 -29.64 2.25 35.11
N GLU D 34 -29.14 1.71 36.22
CA GLU D 34 -29.90 1.63 37.45
C GLU D 34 -29.38 2.73 38.36
N GLY D 35 -30.29 3.41 39.05
CA GLY D 35 -29.88 4.48 39.92
C GLY D 35 -29.95 5.78 39.16
N GLU D 36 -29.54 6.86 39.82
CA GLU D 36 -29.57 8.19 39.25
C GLU D 36 -28.30 8.63 38.52
N THR D 37 -28.49 9.34 37.42
CA THR D 37 -27.40 9.88 36.62
C THR D 37 -27.59 11.38 36.49
N LYS D 38 -26.49 12.12 36.64
CA LYS D 38 -26.51 13.57 36.51
C LYS D 38 -25.54 13.97 35.42
N VAL D 39 -25.98 14.89 34.55
CA VAL D 39 -25.15 15.35 33.46
C VAL D 39 -24.94 16.85 33.58
N TYR D 40 -23.68 17.27 33.56
CA TYR D 40 -23.33 18.67 33.67
C TYR D 40 -22.77 19.21 32.36
N ASP D 41 -23.08 20.47 32.07
CA ASP D 41 -22.61 21.11 30.85
C ASP D 41 -23.09 20.38 29.60
N ILE D 42 -24.29 19.83 29.68
CA ILE D 42 -24.86 19.11 28.55
C ILE D 42 -25.16 20.10 27.43
N LEU D 43 -25.15 19.61 26.19
CA LEU D 43 -25.45 20.46 25.05
C LEU D 43 -26.98 20.51 25.03
N ARG D 44 -27.55 21.70 25.01
CA ARG D 44 -29.00 21.80 24.98
C ARG D 44 -29.56 22.12 23.60
N GLY D 45 -28.82 21.72 22.56
CA GLY D 45 -29.29 21.94 21.21
C GLY D 45 -30.59 21.17 21.03
N GLU D 46 -31.36 21.50 19.99
CA GLU D 46 -32.63 20.82 19.76
C GLU D 46 -32.54 19.30 19.65
N ASP D 47 -31.47 18.80 19.05
CA ASP D 47 -31.30 17.35 18.89
C ASP D 47 -31.22 16.62 20.23
N VAL D 48 -30.49 17.19 21.18
CA VAL D 48 -30.38 16.55 22.49
C VAL D 48 -31.73 16.62 23.20
N LEU D 49 -32.42 17.75 23.05
CA LEU D 49 -33.74 17.92 23.66
C LEU D 49 -34.68 16.87 23.12
N SER D 50 -34.53 16.56 21.83
CA SER D 50 -35.37 15.54 21.21
C SER D 50 -35.15 14.19 21.89
N THR D 51 -33.90 13.81 22.04
CA THR D 51 -33.56 12.54 22.70
C THR D 51 -34.17 12.49 24.10
N MET D 52 -33.98 13.56 24.86
CA MET D 52 -34.51 13.61 26.22
C MET D 52 -36.01 13.36 26.23
N GLN D 53 -36.75 14.07 25.38
CA GLN D 53 -38.19 13.92 25.33
C GLN D 53 -38.56 12.48 24.93
N VAL D 54 -37.77 11.88 24.05
CA VAL D 54 -38.03 10.51 23.63
C VAL D 54 -38.06 9.57 24.83
N PHE D 55 -37.03 9.63 25.66
CA PHE D 55 -37.00 8.75 26.83
C PHE D 55 -38.05 9.11 27.86
N ARG D 56 -38.47 10.37 27.89
CA ARG D 56 -39.53 10.77 28.80
C ARG D 56 -40.80 10.07 28.29
N ASP D 57 -40.99 10.06 26.97
CA ASP D 57 -42.15 9.40 26.38
C ASP D 57 -42.10 7.90 26.69
N LEU D 58 -40.89 7.37 26.86
CA LEU D 58 -40.73 5.96 27.17
C LEU D 58 -40.82 5.71 28.68
N GLY D 59 -41.26 6.73 29.41
CA GLY D 59 -41.45 6.60 30.84
C GLY D 59 -40.30 7.00 31.77
N VAL D 60 -39.21 7.50 31.22
CA VAL D 60 -38.06 7.88 32.04
C VAL D 60 -38.13 9.30 32.60
N GLU D 61 -37.87 9.45 33.89
CA GLU D 61 -37.88 10.77 34.52
C GLU D 61 -36.61 11.52 34.19
N ILE D 62 -36.75 12.64 33.50
CA ILE D 62 -35.61 13.45 33.13
C ILE D 62 -35.92 14.90 33.43
N GLU D 63 -35.24 15.41 34.45
CA GLU D 63 -35.42 16.78 34.91
C GLU D 63 -34.23 17.68 34.58
N ASP D 64 -34.51 18.83 33.99
CA ASP D 64 -33.47 19.80 33.68
C ASP D 64 -33.73 20.88 34.72
N LYS D 65 -32.90 20.91 35.75
CA LYS D 65 -33.06 21.88 36.83
C LYS D 65 -31.74 22.54 37.18
N ASP D 66 -31.78 23.86 37.33
CA ASP D 66 -30.60 24.65 37.67
C ASP D 66 -29.36 24.23 36.87
N GLY D 67 -29.54 24.07 35.56
CA GLY D 67 -28.45 23.72 34.67
C GLY D 67 -28.02 22.27 34.68
N VAL D 68 -28.59 21.48 35.58
CA VAL D 68 -28.23 20.07 35.69
C VAL D 68 -29.33 19.13 35.23
N ILE D 69 -28.93 18.10 34.48
CA ILE D 69 -29.87 17.11 33.99
C ILE D 69 -29.82 15.90 34.90
N THR D 70 -30.96 15.54 35.48
CA THR D 70 -31.01 14.37 36.35
C THR D 70 -31.91 13.32 35.73
N VAL D 71 -31.33 12.15 35.45
CA VAL D 71 -32.07 11.04 34.86
C VAL D 71 -32.23 9.94 35.89
N GLN D 72 -33.46 9.49 36.08
CA GLN D 72 -33.74 8.40 37.02
C GLN D 72 -33.75 7.13 36.18
N GLY D 73 -32.63 6.41 36.19
CA GLY D 73 -32.50 5.19 35.41
C GLY D 73 -33.63 4.19 35.64
N VAL D 74 -34.01 3.48 34.59
CA VAL D 74 -35.07 2.48 34.71
C VAL D 74 -34.58 1.04 34.60
N GLY D 75 -33.27 0.83 34.52
CA GLY D 75 -32.77 -0.54 34.49
C GLY D 75 -31.95 -1.08 33.33
N MET D 76 -32.61 -1.39 32.22
CA MET D 76 -31.97 -1.95 31.03
C MET D 76 -33.10 -2.62 30.26
N ALA D 77 -34.15 -2.95 31.00
CA ALA D 77 -35.34 -3.58 30.45
C ALA D 77 -36.50 -2.83 31.09
N GLY D 78 -36.24 -1.58 31.47
CA GLY D 78 -37.25 -0.75 32.12
C GLY D 78 -38.01 0.24 31.25
N LEU D 79 -37.67 0.32 29.97
CA LEU D 79 -38.36 1.25 29.08
C LEU D 79 -39.83 0.83 28.93
N LYS D 80 -40.71 1.81 28.79
CA LYS D 80 -42.15 1.53 28.65
C LYS D 80 -42.72 1.98 27.31
N ALA D 81 -43.76 1.28 26.85
CA ALA D 81 -44.41 1.60 25.57
C ALA D 81 -44.91 3.03 25.61
N PRO D 82 -44.61 3.81 24.57
CA PRO D 82 -45.04 5.22 24.47
C PRO D 82 -46.49 5.41 24.05
N GLN D 83 -47.07 6.52 24.49
CA GLN D 83 -48.45 6.84 24.16
C GLN D 83 -48.57 7.22 22.68
N ASN D 84 -47.54 7.85 22.13
CA ASN D 84 -47.56 8.27 20.74
C ASN D 84 -46.25 7.96 20.02
N ALA D 85 -46.14 8.42 18.79
CA ALA D 85 -44.94 8.19 17.98
C ALA D 85 -43.77 8.97 18.59
N LEU D 86 -42.56 8.44 18.45
CA LEU D 86 -41.37 9.09 18.99
C LEU D 86 -40.84 10.12 17.99
N ASN D 87 -40.76 11.37 18.43
CA ASN D 87 -40.29 12.46 17.57
C ASN D 87 -38.78 12.64 17.67
N MET D 88 -38.08 12.18 16.65
CA MET D 88 -36.62 12.28 16.60
C MET D 88 -36.15 13.61 16.05
N GLY D 89 -37.10 14.45 15.62
CA GLY D 89 -36.76 15.75 15.07
C GLY D 89 -35.76 15.65 13.91
N ASN D 90 -34.63 16.33 14.04
CA ASN D 90 -33.59 16.30 13.00
C ASN D 90 -32.43 15.36 13.38
N SER D 91 -32.49 14.82 14.59
CA SER D 91 -31.43 13.95 15.09
C SER D 91 -31.26 12.56 14.49
N GLY D 92 -30.22 12.40 13.67
CA GLY D 92 -29.94 11.11 13.08
C GLY D 92 -29.42 10.20 14.19
N THR D 93 -28.64 10.79 15.09
CA THR D 93 -28.08 10.05 16.20
C THR D 93 -29.19 9.44 17.04
N SER D 94 -30.24 10.23 17.32
CA SER D 94 -31.34 9.75 18.13
C SER D 94 -32.04 8.53 17.56
N ILE D 95 -32.49 8.63 16.31
CA ILE D 95 -33.21 7.52 15.70
C ILE D 95 -32.33 6.29 15.48
N ARG D 96 -31.09 6.49 15.05
CA ARG D 96 -30.21 5.37 14.83
C ARG D 96 -29.82 4.67 16.15
N LEU D 97 -29.35 5.44 17.12
CA LEU D 97 -28.95 4.84 18.40
C LEU D 97 -30.13 4.23 19.17
N ILE D 98 -31.24 4.95 19.22
CA ILE D 98 -32.41 4.48 19.95
C ILE D 98 -33.06 3.22 19.34
N SER D 99 -32.87 3.00 18.05
CA SER D 99 -33.42 1.81 17.43
C SER D 99 -32.78 0.60 18.12
N GLY D 100 -31.49 0.70 18.36
CA GLY D 100 -30.78 -0.38 19.04
C GLY D 100 -31.20 -0.48 20.50
N VAL D 101 -31.44 0.67 21.13
CA VAL D 101 -31.87 0.70 22.53
C VAL D 101 -33.20 -0.01 22.72
N LEU D 102 -34.06 0.03 21.70
CA LEU D 102 -35.37 -0.61 21.78
C LEU D 102 -35.38 -2.05 21.29
N ALA D 103 -34.22 -2.53 20.82
CA ALA D 103 -34.08 -3.88 20.32
C ALA D 103 -34.70 -4.92 21.25
N GLY D 104 -34.77 -4.59 22.54
CA GLY D 104 -35.31 -5.52 23.51
C GLY D 104 -36.63 -5.09 24.12
N ALA D 105 -37.17 -3.98 23.63
CA ALA D 105 -38.44 -3.46 24.13
C ALA D 105 -39.58 -4.33 23.61
N ASP D 106 -40.26 -5.00 24.53
CA ASP D 106 -41.35 -5.89 24.15
C ASP D 106 -42.66 -5.15 23.87
N PHE D 107 -42.63 -4.29 22.86
CA PHE D 107 -43.79 -3.53 22.44
C PHE D 107 -43.43 -2.87 21.12
N GLU D 108 -44.42 -2.35 20.42
CA GLU D 108 -44.17 -1.71 19.13
C GLU D 108 -44.13 -0.20 19.26
N VAL D 109 -43.34 0.44 18.41
CA VAL D 109 -43.23 1.89 18.43
C VAL D 109 -42.92 2.43 17.06
N GLU D 110 -43.32 3.67 16.81
CA GLU D 110 -43.06 4.30 15.52
C GLU D 110 -42.12 5.47 15.75
N MET D 111 -41.14 5.61 14.86
CA MET D 111 -40.14 6.68 14.95
C MET D 111 -40.12 7.52 13.68
N PHE D 112 -40.41 8.81 13.83
CA PHE D 112 -40.42 9.73 12.72
C PHE D 112 -39.54 10.92 13.04
N GLY D 113 -39.25 11.72 12.01
CA GLY D 113 -38.44 12.91 12.18
C GLY D 113 -38.89 13.99 11.22
N ASP D 114 -38.10 15.05 11.07
CA ASP D 114 -38.46 16.13 10.15
C ASP D 114 -38.15 15.74 8.72
N ASP D 115 -38.37 16.66 7.78
CA ASP D 115 -38.14 16.41 6.37
C ASP D 115 -36.75 15.84 6.07
N SER D 116 -35.70 16.51 6.56
CA SER D 116 -34.34 16.09 6.33
C SER D 116 -34.07 14.68 6.84
N LEU D 117 -34.46 14.41 8.08
CA LEU D 117 -34.23 13.10 8.67
C LEU D 117 -34.92 12.02 7.85
N SER D 118 -36.14 12.30 7.40
CA SER D 118 -36.93 11.35 6.62
C SER D 118 -36.30 10.98 5.28
N LYS D 119 -35.23 11.68 4.90
CA LYS D 119 -34.54 11.39 3.64
C LYS D 119 -33.27 10.57 3.83
N ARG D 120 -32.91 10.35 5.09
CA ARG D 120 -31.70 9.58 5.41
C ARG D 120 -32.03 8.11 5.69
N PRO D 121 -31.24 7.19 5.15
CA PRO D 121 -31.40 5.74 5.29
C PRO D 121 -31.18 5.12 6.67
N MET D 122 -32.03 4.17 7.02
CA MET D 122 -31.93 3.49 8.29
C MET D 122 -31.70 2.01 8.04
N ASP D 123 -31.58 1.64 6.76
CA ASP D 123 -31.35 0.26 6.40
C ASP D 123 -30.06 -0.23 7.03
N ARG D 124 -29.09 0.67 7.16
CA ARG D 124 -27.80 0.35 7.77
C ARG D 124 -27.96 -0.18 9.19
N VAL D 125 -29.04 0.20 9.86
CA VAL D 125 -29.25 -0.26 11.23
C VAL D 125 -30.35 -1.32 11.30
N THR D 126 -31.35 -1.21 10.43
CA THR D 126 -32.43 -2.20 10.41
C THR D 126 -31.94 -3.59 10.00
N LEU D 127 -31.04 -3.63 9.02
CA LEU D 127 -30.49 -4.89 8.53
C LEU D 127 -29.86 -5.71 9.67
N PRO D 128 -28.81 -5.17 10.33
CA PRO D 128 -28.20 -5.95 11.40
C PRO D 128 -29.15 -6.23 12.58
N LEU D 129 -29.97 -5.24 12.94
CA LEU D 129 -30.91 -5.41 14.05
C LEU D 129 -31.91 -6.55 13.79
N LYS D 130 -32.22 -6.79 12.52
CA LYS D 130 -33.15 -7.86 12.19
C LYS D 130 -32.50 -9.23 12.35
N LYS D 131 -31.17 -9.27 12.35
CA LYS D 131 -30.46 -10.53 12.53
C LYS D 131 -30.62 -10.96 13.98
N MET D 132 -30.88 -9.98 14.84
CA MET D 132 -31.04 -10.22 16.28
C MET D 132 -32.48 -10.58 16.66
N GLY D 133 -33.39 -10.50 15.70
CA GLY D 133 -34.78 -10.85 15.97
C GLY D 133 -35.64 -9.63 16.18
N VAL D 134 -35.14 -8.46 15.79
CA VAL D 134 -35.90 -7.23 15.92
C VAL D 134 -36.74 -7.02 14.66
N SER D 135 -37.96 -6.53 14.84
CA SER D 135 -38.84 -6.25 13.69
C SER D 135 -38.80 -4.75 13.44
N ILE D 136 -38.12 -4.35 12.37
CA ILE D 136 -38.00 -2.95 12.02
C ILE D 136 -38.02 -2.74 10.53
N SER D 137 -38.88 -1.82 10.08
CA SER D 137 -39.02 -1.53 8.67
C SER D 137 -39.36 -0.06 8.44
N GLY D 138 -38.81 0.50 7.38
CA GLY D 138 -39.07 1.89 7.04
C GLY D 138 -39.66 2.00 5.65
N GLN D 139 -39.43 3.14 4.99
CA GLN D 139 -39.95 3.34 3.64
C GLN D 139 -38.88 2.94 2.60
N THR D 140 -39.32 2.19 1.59
CA THR D 140 -38.43 1.72 0.52
C THR D 140 -37.41 0.73 1.07
N GLU D 141 -36.49 0.28 0.21
CA GLU D 141 -35.47 -0.68 0.62
C GLU D 141 -34.47 -0.05 1.58
N ARG D 142 -34.30 1.26 1.49
CA ARG D 142 -33.37 1.98 2.33
C ARG D 142 -33.90 2.21 3.75
N ASP D 143 -35.15 1.81 3.97
CA ASP D 143 -35.80 1.97 5.27
C ASP D 143 -35.74 3.41 5.78
N LEU D 144 -36.21 4.34 4.97
CA LEU D 144 -36.24 5.75 5.35
C LEU D 144 -37.34 5.94 6.39
N PRO D 145 -37.20 6.96 7.25
CA PRO D 145 -38.24 7.18 8.26
C PRO D 145 -39.54 7.63 7.57
N PRO D 146 -40.69 7.46 8.24
CA PRO D 146 -40.84 6.91 9.58
C PRO D 146 -40.53 5.41 9.71
N LEU D 147 -40.28 4.96 10.93
CA LEU D 147 -39.96 3.56 11.19
C LEU D 147 -40.91 2.90 12.18
N ARG D 148 -41.14 1.61 11.99
CA ARG D 148 -41.97 0.83 12.88
C ARG D 148 -41.04 -0.17 13.54
N LEU D 149 -41.09 -0.25 14.87
CA LEU D 149 -40.22 -1.18 15.58
C LEU D 149 -40.89 -1.91 16.73
N LYS D 150 -40.58 -3.20 16.83
CA LYS D 150 -41.09 -4.04 17.90
C LYS D 150 -39.91 -4.91 18.33
N GLY D 151 -39.45 -4.69 19.55
CA GLY D 151 -38.33 -5.47 20.06
C GLY D 151 -38.76 -6.86 20.46
N THR D 152 -37.84 -7.62 21.06
CA THR D 152 -38.15 -8.98 21.48
C THR D 152 -37.46 -9.35 22.78
N LYS D 153 -38.17 -10.08 23.63
CA LYS D 153 -37.62 -10.52 24.91
C LYS D 153 -36.56 -11.58 24.66
N ASN D 154 -36.45 -12.03 23.42
CA ASN D 154 -35.47 -13.04 23.05
C ASN D 154 -34.51 -12.53 21.98
N LEU D 155 -33.74 -11.49 22.34
CA LEU D 155 -32.76 -10.88 21.44
C LEU D 155 -31.58 -11.82 21.23
N ARG D 156 -31.15 -11.97 19.98
CA ARG D 156 -30.01 -12.84 19.70
C ARG D 156 -28.76 -11.99 19.55
N PRO D 157 -27.63 -12.43 20.14
CA PRO D 157 -26.39 -11.65 20.03
C PRO D 157 -26.08 -11.36 18.57
N ILE D 158 -25.33 -10.29 18.31
CA ILE D 158 -25.00 -9.91 16.94
C ILE D 158 -23.53 -10.10 16.59
N HIS D 159 -23.30 -10.65 15.40
CA HIS D 159 -21.97 -10.84 14.85
C HIS D 159 -22.10 -10.11 13.52
N TYR D 160 -21.55 -8.90 13.47
CA TYR D 160 -21.68 -8.08 12.27
C TYR D 160 -20.46 -7.26 11.92
N GLU D 161 -20.14 -7.22 10.63
CA GLU D 161 -19.00 -6.47 10.12
C GLU D 161 -19.61 -5.25 9.43
N LEU D 162 -19.47 -4.08 10.04
CA LEU D 162 -20.03 -2.89 9.42
C LEU D 162 -19.50 -2.66 8.02
N PRO D 163 -20.39 -2.43 7.05
CA PRO D 163 -19.98 -2.20 5.66
C PRO D 163 -19.57 -0.73 5.47
N ILE D 164 -19.89 0.09 6.46
CA ILE D 164 -19.58 1.52 6.42
C ILE D 164 -18.94 2.00 7.72
N ALA D 165 -18.17 3.07 7.64
CA ALA D 165 -17.51 3.61 8.81
C ALA D 165 -18.46 4.46 9.64
N SER D 166 -19.51 3.83 10.16
CA SER D 166 -20.52 4.54 10.95
C SER D 166 -20.48 4.25 12.44
N ALA D 167 -20.28 5.29 13.24
CA ALA D 167 -20.24 5.13 14.68
C ALA D 167 -21.67 4.90 15.18
N GLN D 168 -22.63 5.50 14.48
CA GLN D 168 -24.03 5.36 14.85
C GLN D 168 -24.52 3.92 14.74
N VAL D 169 -24.17 3.24 13.66
CA VAL D 169 -24.59 1.86 13.50
C VAL D 169 -23.88 1.01 14.56
N LYS D 170 -22.61 1.33 14.83
CA LYS D 170 -21.83 0.62 15.84
C LYS D 170 -22.49 0.77 17.20
N SER D 171 -22.80 2.01 17.56
CA SER D 171 -23.42 2.33 18.83
C SER D 171 -24.76 1.61 19.03
N ALA D 172 -25.63 1.69 18.02
CA ALA D 172 -26.94 1.03 18.10
C ALA D 172 -26.78 -0.45 18.39
N LEU D 173 -25.83 -1.09 17.70
CA LEU D 173 -25.56 -2.50 17.85
C LEU D 173 -25.05 -2.81 19.26
N MET D 174 -24.24 -1.91 19.79
CA MET D 174 -23.71 -2.09 21.14
C MET D 174 -24.84 -2.05 22.14
N PHE D 175 -25.74 -1.07 22.02
CA PHE D 175 -26.86 -0.97 22.94
C PHE D 175 -27.76 -2.21 22.83
N ALA D 176 -27.91 -2.73 21.62
CA ALA D 176 -28.73 -3.93 21.44
C ALA D 176 -28.04 -5.12 22.11
N ALA D 177 -26.71 -5.16 21.99
CA ALA D 177 -25.93 -6.25 22.56
C ALA D 177 -26.04 -6.32 24.08
N LEU D 178 -26.20 -5.17 24.71
CA LEU D 178 -26.31 -5.13 26.16
C LEU D 178 -27.59 -5.81 26.64
N GLN D 179 -28.51 -6.08 25.72
CA GLN D 179 -29.78 -6.71 26.08
C GLN D 179 -29.88 -8.16 25.61
N ALA D 180 -29.03 -8.56 24.68
CA ALA D 180 -29.07 -9.94 24.17
C ALA D 180 -28.29 -10.88 25.09
N LYS D 181 -28.77 -12.12 25.23
CA LYS D 181 -28.09 -13.09 26.07
C LYS D 181 -27.08 -13.86 25.24
N GLY D 182 -25.80 -13.58 25.46
CA GLY D 182 -24.76 -14.24 24.71
C GLY D 182 -23.70 -13.25 24.26
N GLU D 183 -22.75 -13.71 23.47
CA GLU D 183 -21.67 -12.85 23.02
C GLU D 183 -21.86 -12.25 21.64
N SER D 184 -21.81 -10.93 21.57
CA SER D 184 -21.93 -10.22 20.30
C SER D 184 -20.54 -9.74 19.90
N VAL D 185 -20.30 -9.67 18.60
CA VAL D 185 -19.01 -9.20 18.08
C VAL D 185 -19.29 -8.25 16.93
N ILE D 186 -18.93 -6.98 17.14
CA ILE D 186 -19.15 -5.92 16.17
C ILE D 186 -17.80 -5.44 15.65
N ILE D 187 -17.57 -5.57 14.35
CA ILE D 187 -16.31 -5.18 13.76
C ILE D 187 -16.42 -3.92 12.89
N GLU D 188 -15.62 -2.91 13.21
CA GLU D 188 -15.63 -1.66 12.45
C GLU D 188 -14.89 -1.80 11.12
N LYS D 189 -15.34 -1.06 10.11
CA LYS D 189 -14.68 -1.09 8.82
C LYS D 189 -13.47 -0.19 9.00
N GLU D 190 -13.69 0.91 9.71
CA GLU D 190 -12.65 1.87 10.03
C GLU D 190 -12.98 2.33 11.44
N TYR D 191 -11.99 2.88 12.14
CA TYR D 191 -12.24 3.36 13.49
C TYR D 191 -13.10 4.63 13.44
N THR D 192 -14.18 4.64 14.21
CA THR D 192 -15.08 5.78 14.26
C THR D 192 -15.13 6.24 15.72
N ARG D 193 -15.69 7.42 15.97
CA ARG D 193 -15.75 7.94 17.35
C ARG D 193 -16.14 6.83 18.31
N ASN D 194 -15.34 6.66 19.35
CA ASN D 194 -15.56 5.61 20.33
C ASN D 194 -16.18 6.05 21.64
N HIS D 195 -17.11 7.00 21.57
CA HIS D 195 -17.77 7.50 22.77
C HIS D 195 -18.62 6.45 23.48
N THR D 196 -19.33 5.62 22.72
CA THR D 196 -20.17 4.59 23.30
C THR D 196 -19.32 3.62 24.13
N GLU D 197 -18.16 3.24 23.59
CA GLU D 197 -17.23 2.34 24.28
C GLU D 197 -16.75 2.96 25.59
N ASP D 198 -16.30 4.21 25.53
CA ASP D 198 -15.84 4.92 26.72
C ASP D 198 -16.94 5.01 27.77
N MET D 199 -18.12 5.42 27.36
CA MET D 199 -19.21 5.56 28.30
C MET D 199 -19.74 4.24 28.84
N LEU D 200 -19.73 3.19 28.01
CA LEU D 200 -20.17 1.89 28.50
C LEU D 200 -19.32 1.56 29.73
N GLN D 201 -18.01 1.77 29.62
CA GLN D 201 -17.10 1.50 30.74
C GLN D 201 -17.36 2.45 31.91
N GLN D 202 -17.65 3.71 31.61
CA GLN D 202 -17.90 4.70 32.66
C GLN D 202 -19.13 4.32 33.49
N PHE D 203 -20.13 3.74 32.84
CA PHE D 203 -21.35 3.35 33.53
C PHE D 203 -21.28 1.95 34.10
N GLY D 204 -20.06 1.46 34.32
CA GLY D 204 -19.89 0.13 34.90
C GLY D 204 -20.06 -1.06 33.98
N GLY D 205 -20.16 -0.80 32.68
CA GLY D 205 -20.33 -1.89 31.72
C GLY D 205 -18.99 -2.46 31.30
N HIS D 206 -19.02 -3.56 30.54
CA HIS D 206 -17.78 -4.17 30.10
C HIS D 206 -17.82 -4.56 28.63
N LEU D 207 -16.64 -4.47 28.00
CA LEU D 207 -16.49 -4.82 26.59
C LEU D 207 -15.01 -5.10 26.33
N SER D 208 -14.74 -5.74 25.22
CA SER D 208 -13.38 -6.05 24.85
C SER D 208 -13.12 -5.48 23.46
N VAL D 209 -12.08 -4.67 23.34
CA VAL D 209 -11.74 -4.09 22.05
C VAL D 209 -10.40 -4.64 21.58
N ASP D 210 -10.40 -5.26 20.42
CA ASP D 210 -9.18 -5.81 19.84
C ASP D 210 -9.10 -5.28 18.42
N GLY D 211 -8.45 -4.13 18.28
CA GLY D 211 -8.34 -3.50 16.97
C GLY D 211 -9.72 -2.97 16.65
N LYS D 212 -10.22 -3.27 15.46
CA LYS D 212 -11.53 -2.82 15.05
C LYS D 212 -12.62 -3.75 15.56
N LYS D 213 -12.21 -4.85 16.19
CA LYS D 213 -13.18 -5.84 16.70
C LYS D 213 -13.61 -5.54 18.13
N ILE D 214 -14.92 -5.38 18.31
CA ILE D 214 -15.48 -5.08 19.62
C ILE D 214 -16.35 -6.22 20.11
N THR D 215 -15.99 -6.81 21.24
CA THR D 215 -16.76 -7.92 21.79
C THR D 215 -17.56 -7.42 22.99
N VAL D 216 -18.87 -7.62 22.95
CA VAL D 216 -19.76 -7.20 24.01
C VAL D 216 -20.63 -8.36 24.50
N GLN D 217 -20.49 -8.70 25.76
CA GLN D 217 -21.26 -9.79 26.37
C GLN D 217 -22.57 -9.23 26.91
N GLY D 218 -23.66 -9.97 26.75
CA GLY D 218 -24.94 -9.52 27.26
C GLY D 218 -25.68 -10.61 28.02
N PRO D 219 -26.67 -10.26 28.85
CA PRO D 219 -27.16 -8.90 29.13
C PRO D 219 -26.29 -8.27 30.21
N GLN D 220 -26.20 -6.94 30.21
CA GLN D 220 -25.42 -6.27 31.22
C GLN D 220 -26.31 -5.33 32.02
N LYS D 221 -25.85 -5.00 33.22
CA LYS D 221 -26.56 -4.09 34.11
C LYS D 221 -25.62 -2.90 34.25
N LEU D 222 -26.16 -1.69 34.15
CA LEU D 222 -25.35 -0.50 34.27
C LEU D 222 -25.72 0.29 35.52
N THR D 223 -24.82 1.17 35.95
CA THR D 223 -25.05 1.99 37.13
C THR D 223 -24.97 3.47 36.80
N GLY D 224 -25.91 4.25 37.36
CA GLY D 224 -25.93 5.68 37.13
C GLY D 224 -24.62 6.36 37.48
N GLN D 225 -24.25 7.36 36.69
CA GLN D 225 -23.00 8.09 36.88
C GLN D 225 -23.14 9.59 36.84
N LYS D 226 -22.06 10.28 37.18
CA LYS D 226 -22.02 11.72 37.10
C LYS D 226 -21.28 11.93 35.77
N VAL D 227 -21.92 12.62 34.83
CA VAL D 227 -21.33 12.86 33.53
C VAL D 227 -21.05 14.33 33.32
N VAL D 228 -19.79 14.66 33.05
CA VAL D 228 -19.39 16.03 32.79
C VAL D 228 -19.04 16.08 31.30
N VAL D 229 -19.85 16.78 30.53
CA VAL D 229 -19.64 16.87 29.08
C VAL D 229 -18.64 17.93 28.68
N PRO D 230 -17.60 17.53 27.92
CA PRO D 230 -16.55 18.44 27.44
C PRO D 230 -17.06 19.22 26.23
N GLY D 231 -16.36 20.29 25.88
CA GLY D 231 -16.77 21.08 24.73
C GLY D 231 -16.72 20.25 23.46
N ASP D 232 -17.56 20.58 22.49
CA ASP D 232 -17.61 19.84 21.22
C ASP D 232 -16.58 20.34 20.22
N ILE D 233 -15.71 19.45 19.77
CA ILE D 233 -14.67 19.76 18.79
C ILE D 233 -15.33 20.20 17.48
N SER D 234 -16.47 19.58 17.18
CA SER D 234 -17.22 19.89 15.96
C SER D 234 -17.75 21.32 15.97
N SER D 235 -18.03 21.85 17.15
CA SER D 235 -18.51 23.23 17.25
C SER D 235 -17.30 24.14 17.26
N ALA D 236 -16.26 23.72 17.97
CA ALA D 236 -15.01 24.49 18.05
C ALA D 236 -14.36 24.59 16.67
N ALA D 237 -14.61 23.60 15.83
CA ALA D 237 -14.04 23.57 14.48
C ALA D 237 -14.36 24.83 13.67
N PHE D 238 -15.50 25.45 13.93
CA PHE D 238 -15.87 26.66 13.20
C PHE D 238 -15.01 27.85 13.57
N TRP D 239 -14.63 27.94 14.84
CA TRP D 239 -13.78 29.03 15.30
C TRP D 239 -12.32 28.74 14.97
N LEU D 240 -11.97 27.46 14.91
CA LEU D 240 -10.60 27.08 14.58
C LEU D 240 -10.30 27.61 13.17
N VAL D 241 -11.19 27.29 12.24
CA VAL D 241 -11.05 27.73 10.86
C VAL D 241 -11.16 29.23 10.73
N ALA D 242 -12.07 29.83 11.51
CA ALA D 242 -12.27 31.28 11.46
C ALA D 242 -11.01 32.03 11.89
N GLY D 243 -10.38 31.57 12.96
CA GLY D 243 -9.17 32.23 13.46
C GLY D 243 -7.99 32.09 12.50
N LEU D 244 -7.96 31.01 11.74
CA LEU D 244 -6.89 30.75 10.76
C LEU D 244 -7.14 31.53 9.47
N ILE D 245 -8.42 31.63 9.12
CA ILE D 245 -8.88 32.27 7.89
C ILE D 245 -9.07 33.78 7.85
N ALA D 246 -9.55 34.37 8.94
CA ALA D 246 -9.79 35.81 8.98
C ALA D 246 -8.51 36.58 9.28
N PRO D 247 -8.46 37.87 8.90
CA PRO D 247 -7.27 38.69 9.14
C PRO D 247 -7.13 39.12 10.61
N ASN D 248 -5.90 39.32 11.05
CA ASN D 248 -5.59 39.74 12.42
C ASN D 248 -6.44 39.05 13.47
N SER D 249 -6.45 37.72 13.44
CA SER D 249 -7.25 36.98 14.41
C SER D 249 -6.45 36.03 15.28
N ARG D 250 -6.93 35.85 16.50
CA ARG D 250 -6.33 34.94 17.47
C ARG D 250 -7.46 34.54 18.40
N LEU D 251 -7.88 33.29 18.29
CA LEU D 251 -8.96 32.79 19.11
C LEU D 251 -8.46 31.70 20.05
N VAL D 252 -9.01 31.67 21.26
CA VAL D 252 -8.65 30.67 22.26
C VAL D 252 -9.91 29.88 22.64
N LEU D 253 -9.94 28.60 22.31
CA LEU D 253 -11.08 27.75 22.59
C LEU D 253 -10.78 26.85 23.77
N GLN D 254 -11.45 27.11 24.88
CA GLN D 254 -11.23 26.33 26.09
C GLN D 254 -12.14 25.14 26.25
N ASN D 255 -11.68 24.19 27.06
CA ASN D 255 -12.45 23.00 27.37
C ASN D 255 -13.02 22.28 26.14
N VAL D 256 -12.18 22.02 25.16
CA VAL D 256 -12.64 21.33 23.96
C VAL D 256 -12.29 19.85 24.01
N GLY D 257 -13.28 18.99 23.76
CA GLY D 257 -13.06 17.56 23.77
C GLY D 257 -11.91 17.23 22.83
N ILE D 258 -11.00 16.37 23.25
CA ILE D 258 -9.85 16.05 22.43
C ILE D 258 -9.63 14.58 22.08
N ASN D 259 -10.69 13.78 22.18
CA ASN D 259 -10.64 12.35 21.87
C ASN D 259 -10.00 12.13 20.49
N GLU D 260 -9.02 11.25 20.43
CA GLU D 260 -8.29 10.94 19.21
C GLU D 260 -9.16 10.53 18.02
N THR D 261 -10.36 10.01 18.29
CA THR D 261 -11.24 9.59 17.21
C THR D 261 -12.06 10.75 16.65
N ARG D 262 -11.86 11.94 17.19
CA ARG D 262 -12.59 13.14 16.76
C ARG D 262 -11.69 14.31 16.39
N THR D 263 -10.37 14.11 16.43
CA THR D 263 -9.45 15.21 16.15
C THR D 263 -8.89 15.32 14.74
N GLY D 264 -9.64 14.83 13.77
CA GLY D 264 -9.18 14.90 12.38
C GLY D 264 -8.80 16.29 11.91
N ILE D 265 -9.61 17.29 12.24
CA ILE D 265 -9.32 18.65 11.79
C ILE D 265 -7.95 19.16 12.26
N ILE D 266 -7.52 18.73 13.43
CA ILE D 266 -6.23 19.16 13.95
C ILE D 266 -5.11 18.71 12.99
N ASP D 267 -5.19 17.49 12.50
CA ASP D 267 -4.18 16.99 11.59
C ASP D 267 -4.24 17.74 10.26
N VAL D 268 -5.43 18.09 9.80
CA VAL D 268 -5.57 18.83 8.55
C VAL D 268 -4.97 20.22 8.73
N ILE D 269 -5.28 20.87 9.84
CA ILE D 269 -4.74 22.19 10.08
C ILE D 269 -3.21 22.15 10.08
N ARG D 270 -2.64 21.16 10.75
CA ARG D 270 -1.18 21.01 10.78
C ARG D 270 -0.68 20.79 9.35
N ALA D 271 -1.34 19.89 8.63
CA ALA D 271 -0.96 19.60 7.26
C ALA D 271 -0.95 20.83 6.36
N MET D 272 -1.95 21.69 6.53
CA MET D 272 -2.07 22.89 5.73
C MET D 272 -1.17 24.03 6.20
N GLY D 273 -0.49 23.82 7.33
CA GLY D 273 0.42 24.84 7.83
C GLY D 273 -0.24 25.92 8.67
N GLY D 274 -1.42 25.64 9.23
CA GLY D 274 -2.09 26.63 10.04
C GLY D 274 -1.41 26.75 11.40
N LYS D 275 -1.50 27.91 12.02
CA LYS D 275 -0.90 28.10 13.33
C LYS D 275 -1.87 27.69 14.43
N LEU D 276 -1.57 26.57 15.07
CA LEU D 276 -2.43 26.05 16.12
C LEU D 276 -1.62 25.61 17.32
N GLU D 277 -2.06 26.02 18.50
CA GLU D 277 -1.37 25.66 19.72
C GLU D 277 -2.35 24.91 20.63
N ILE D 278 -1.87 23.85 21.26
CA ILE D 278 -2.69 23.05 22.16
C ILE D 278 -2.09 23.13 23.57
N THR D 279 -2.88 23.59 24.53
CA THR D 279 -2.40 23.71 25.91
C THR D 279 -3.46 23.30 26.92
N GLU D 280 -3.11 23.45 28.19
CA GLU D 280 -4.00 23.10 29.29
C GLU D 280 -4.62 21.74 29.02
N ILE D 281 -3.78 20.78 28.63
CA ILE D 281 -4.29 19.44 28.34
C ILE D 281 -4.71 18.69 29.60
N ASP D 282 -5.97 18.28 29.63
CA ASP D 282 -6.49 17.50 30.76
C ASP D 282 -6.52 16.07 30.24
N PRO D 283 -5.53 15.25 30.62
CA PRO D 283 -5.41 13.85 30.21
C PRO D 283 -6.55 12.97 30.72
N VAL D 284 -7.33 13.51 31.65
CA VAL D 284 -8.44 12.78 32.23
C VAL D 284 -9.68 12.95 31.35
N ALA D 285 -10.22 14.17 31.36
CA ALA D 285 -11.40 14.50 30.58
C ALA D 285 -11.09 14.61 29.10
N LYS D 286 -9.91 14.18 28.69
CA LYS D 286 -9.49 14.26 27.29
C LYS D 286 -9.96 15.57 26.65
N SER D 287 -9.48 16.68 27.17
CA SER D 287 -9.83 18.00 26.65
C SER D 287 -8.63 18.91 26.76
N ALA D 288 -8.70 20.05 26.08
CA ALA D 288 -7.59 21.00 26.11
C ALA D 288 -8.07 22.33 25.54
N THR D 289 -7.21 23.32 25.54
CA THR D 289 -7.56 24.60 24.96
C THR D 289 -6.82 24.68 23.63
N LEU D 290 -7.56 25.02 22.58
CA LEU D 290 -6.98 25.14 21.24
C LEU D 290 -6.87 26.62 20.88
N ILE D 291 -5.68 27.04 20.50
CA ILE D 291 -5.46 28.44 20.13
C ILE D 291 -5.05 28.55 18.67
N VAL D 292 -5.72 29.44 17.94
CA VAL D 292 -5.45 29.63 16.53
C VAL D 292 -5.19 31.10 16.17
N GLU D 293 -4.40 31.29 15.11
CA GLU D 293 -4.03 32.62 14.61
C GLU D 293 -4.02 32.64 13.08
N SER D 294 -4.31 33.81 12.50
CA SER D 294 -4.31 33.98 11.05
C SER D 294 -3.09 33.32 10.42
N SER D 295 -3.31 32.50 9.40
CA SER D 295 -2.22 31.79 8.75
C SER D 295 -2.38 31.71 7.23
N ASP D 296 -1.25 31.50 6.55
CA ASP D 296 -1.25 31.33 5.10
C ASP D 296 -1.27 29.82 4.94
N LEU D 297 -2.35 29.28 4.39
CA LEU D 297 -2.46 27.83 4.23
C LEU D 297 -2.05 27.27 2.87
N LYS D 298 -1.81 25.97 2.86
CA LYS D 298 -1.44 25.25 1.66
C LYS D 298 -2.35 24.01 1.55
N GLY D 299 -2.79 23.70 0.34
CA GLY D 299 -3.66 22.56 0.13
C GLY D 299 -3.13 21.26 0.72
N THR D 300 -3.99 20.25 0.81
CA THR D 300 -3.59 18.96 1.36
C THR D 300 -4.58 17.88 0.91
N GLU D 301 -4.23 16.62 1.14
CA GLU D 301 -5.11 15.51 0.76
C GLU D 301 -5.79 14.93 2.00
N ILE D 302 -7.09 14.72 1.89
CA ILE D 302 -7.86 14.19 3.00
C ILE D 302 -8.58 12.93 2.51
N CYS D 303 -8.10 11.77 2.96
CA CYS D 303 -8.67 10.50 2.53
C CYS D 303 -8.70 9.42 3.61
N GLY D 304 -9.21 8.25 3.21
CA GLY D 304 -9.33 7.08 4.07
C GLY D 304 -8.70 7.06 5.45
N ALA D 305 -9.43 6.49 6.40
CA ALA D 305 -9.00 6.37 7.80
C ALA D 305 -9.22 7.71 8.50
N LEU D 306 -8.78 8.79 7.86
CA LEU D 306 -8.94 10.11 8.45
C LEU D 306 -10.38 10.58 8.35
N ILE D 307 -11.09 10.13 7.32
CA ILE D 307 -12.49 10.52 7.09
C ILE D 307 -13.38 10.44 8.33
N PRO D 308 -13.57 9.25 8.92
CA PRO D 308 -14.44 9.16 10.10
C PRO D 308 -14.00 9.99 11.31
N ARG D 309 -12.76 10.45 11.32
CA ARG D 309 -12.25 11.26 12.43
C ARG D 309 -12.60 12.74 12.23
N LEU D 310 -13.21 13.07 11.10
CA LEU D 310 -13.59 14.45 10.81
C LEU D 310 -14.72 14.65 9.78
N ILE D 311 -15.58 13.65 9.58
CA ILE D 311 -16.67 13.78 8.59
C ILE D 311 -17.51 15.03 8.75
N ASP D 312 -17.84 15.39 9.99
CA ASP D 312 -18.66 16.56 10.23
C ASP D 312 -17.91 17.87 10.05
N GLU D 313 -16.59 17.80 10.00
CA GLU D 313 -15.78 19.01 9.82
C GLU D 313 -15.44 19.28 8.35
N LEU D 314 -15.78 18.35 7.46
CA LEU D 314 -15.46 18.57 6.06
C LEU D 314 -16.14 19.84 5.52
N PRO D 315 -17.34 20.17 6.01
CA PRO D 315 -17.94 21.41 5.48
C PRO D 315 -17.06 22.63 5.76
N ILE D 316 -16.65 22.84 7.01
CA ILE D 316 -15.80 24.00 7.28
C ILE D 316 -14.40 23.83 6.74
N ILE D 317 -13.97 22.59 6.59
CA ILE D 317 -12.65 22.32 6.04
C ILE D 317 -12.68 22.74 4.58
N ALA D 318 -13.81 22.53 3.93
CA ALA D 318 -13.95 22.93 2.53
C ALA D 318 -13.71 24.44 2.45
N LEU D 319 -14.25 25.18 3.41
CA LEU D 319 -14.06 26.64 3.43
C LEU D 319 -12.59 26.94 3.70
N LEU D 320 -12.01 26.24 4.67
CA LEU D 320 -10.61 26.40 5.02
C LEU D 320 -9.76 26.16 3.77
N ALA D 321 -10.12 25.13 3.01
CA ALA D 321 -9.40 24.78 1.79
C ALA D 321 -9.56 25.87 0.74
N THR D 322 -10.65 26.63 0.86
CA THR D 322 -10.91 27.71 -0.07
C THR D 322 -9.86 28.80 0.08
N GLN D 323 -9.34 28.93 1.30
CA GLN D 323 -8.35 29.95 1.61
C GLN D 323 -6.90 29.48 1.52
N ALA D 324 -6.70 28.24 1.08
CA ALA D 324 -5.35 27.68 0.97
C ALA D 324 -4.82 27.79 -0.45
N GLN D 325 -3.51 27.92 -0.60
CA GLN D 325 -2.90 27.99 -1.91
C GLN D 325 -2.91 26.59 -2.51
N GLY D 326 -3.32 26.48 -3.77
CA GLY D 326 -3.34 25.17 -4.39
C GLY D 326 -4.60 24.36 -4.21
N VAL D 327 -4.49 23.07 -4.47
CA VAL D 327 -5.62 22.17 -4.40
C VAL D 327 -5.67 21.25 -3.17
N THR D 328 -6.88 21.03 -2.66
CA THR D 328 -7.08 20.12 -1.55
C THR D 328 -8.08 19.13 -2.09
N VAL D 329 -7.79 17.84 -1.88
CA VAL D 329 -8.67 16.80 -2.34
C VAL D 329 -9.30 16.08 -1.17
N ILE D 330 -10.60 15.82 -1.29
CA ILE D 330 -11.32 15.09 -0.27
C ILE D 330 -11.96 13.90 -0.95
N LYS D 331 -11.56 12.69 -0.55
CA LYS D 331 -12.11 11.48 -1.14
C LYS D 331 -12.43 10.46 -0.03
N ASP D 332 -13.10 9.37 -0.40
CA ASP D 332 -13.47 8.34 0.55
C ASP D 332 -14.48 8.94 1.53
N ALA D 333 -15.19 9.96 1.08
CA ALA D 333 -16.17 10.64 1.93
C ALA D 333 -17.59 10.59 1.39
N GLU D 334 -17.95 9.52 0.69
CA GLU D 334 -19.30 9.41 0.16
C GLU D 334 -20.35 9.43 1.26
N GLU D 335 -19.92 9.26 2.50
CA GLU D 335 -20.84 9.29 3.63
C GLU D 335 -21.48 10.67 3.80
N LEU D 336 -20.83 11.70 3.26
CA LEU D 336 -21.34 13.06 3.33
C LEU D 336 -22.69 13.20 2.62
N LYS D 337 -22.83 12.51 1.49
CA LYS D 337 -24.07 12.56 0.72
C LYS D 337 -25.30 12.20 1.53
N VAL D 338 -25.13 11.38 2.55
CA VAL D 338 -26.26 10.94 3.33
C VAL D 338 -26.47 11.63 4.70
N LYS D 339 -25.83 12.77 4.90
CA LYS D 339 -25.97 13.47 6.17
C LYS D 339 -27.26 14.29 6.23
N GLU D 340 -27.36 15.22 7.16
CA GLU D 340 -28.58 16.03 7.28
C GLU D 340 -28.95 16.65 5.95
N THR D 341 -27.94 16.79 5.09
CA THR D 341 -28.09 17.28 3.72
C THR D 341 -26.96 16.57 2.99
N ASP D 342 -26.93 16.68 1.67
CA ASP D 342 -25.85 16.08 0.90
C ASP D 342 -24.72 17.08 1.09
N ARG D 343 -23.88 16.86 2.08
CA ARG D 343 -22.79 17.80 2.37
C ARG D 343 -21.74 17.95 1.29
N ILE D 344 -21.85 17.16 0.23
CA ILE D 344 -20.92 17.29 -0.88
C ILE D 344 -21.54 18.33 -1.83
N GLN D 345 -22.76 18.06 -2.28
CA GLN D 345 -23.45 18.97 -3.20
C GLN D 345 -23.80 20.32 -2.58
N VAL D 346 -24.43 20.31 -1.41
CA VAL D 346 -24.82 21.57 -0.76
C VAL D 346 -23.64 22.47 -0.36
N VAL D 347 -22.53 21.86 0.05
CA VAL D 347 -21.37 22.66 0.42
C VAL D 347 -20.72 23.22 -0.83
N ALA D 348 -20.61 22.39 -1.87
CA ALA D 348 -20.00 22.82 -3.11
C ALA D 348 -20.82 23.94 -3.72
N ASP D 349 -22.14 23.81 -3.70
CA ASP D 349 -22.99 24.85 -4.25
C ASP D 349 -22.92 26.11 -3.40
N ALA D 350 -23.07 25.94 -2.09
CA ALA D 350 -23.03 27.07 -1.16
C ALA D 350 -21.77 27.90 -1.32
N LEU D 351 -20.62 27.25 -1.22
CA LEU D 351 -19.36 27.96 -1.34
C LEU D 351 -19.09 28.48 -2.75
N ASN D 352 -19.53 27.73 -3.77
CA ASN D 352 -19.32 28.19 -5.13
C ASN D 352 -20.09 29.47 -5.43
N SER D 353 -21.23 29.64 -4.78
CA SER D 353 -22.03 30.84 -4.98
C SER D 353 -21.35 32.04 -4.32
N MET D 354 -20.30 31.79 -3.54
CA MET D 354 -19.59 32.84 -2.84
C MET D 354 -18.18 33.15 -3.34
N GLY D 355 -17.40 32.13 -3.65
CA GLY D 355 -16.04 32.35 -4.10
C GLY D 355 -15.68 31.38 -5.20
N ALA D 356 -16.23 30.18 -5.10
CA ALA D 356 -16.05 29.12 -6.10
C ALA D 356 -14.86 28.17 -6.01
N ASP D 357 -14.59 27.55 -7.14
CA ASP D 357 -13.54 26.57 -7.36
C ASP D 357 -13.60 25.30 -6.53
N ILE D 358 -14.80 24.77 -6.38
CA ILE D 358 -15.04 23.54 -5.66
C ILE D 358 -15.76 22.58 -6.61
N THR D 359 -15.06 21.52 -7.01
CA THR D 359 -15.64 20.53 -7.91
C THR D 359 -16.09 19.32 -7.13
N PRO D 360 -17.42 19.08 -7.07
CA PRO D 360 -17.91 17.91 -6.34
C PRO D 360 -17.65 16.61 -7.09
N THR D 361 -17.39 15.54 -6.35
CA THR D 361 -17.15 14.24 -6.94
C THR D 361 -18.00 13.21 -6.22
N ALA D 362 -17.98 11.98 -6.70
CA ALA D 362 -18.77 10.90 -6.11
C ALA D 362 -18.40 10.56 -4.67
N ASP D 363 -17.17 10.84 -4.27
CA ASP D 363 -16.74 10.53 -2.91
C ASP D 363 -16.07 11.71 -2.20
N GLY D 364 -16.43 12.92 -2.58
CA GLY D 364 -15.83 14.08 -1.94
C GLY D 364 -15.89 15.32 -2.79
N MET D 365 -14.77 16.03 -2.87
CA MET D 365 -14.69 17.23 -3.67
C MET D 365 -13.25 17.67 -3.81
N ILE D 366 -12.98 18.48 -4.82
CA ILE D 366 -11.64 18.99 -5.08
C ILE D 366 -11.77 20.49 -5.01
N ILE D 367 -10.92 21.12 -4.21
CA ILE D 367 -10.97 22.56 -4.02
C ILE D 367 -9.69 23.25 -4.48
N LYS D 368 -9.82 24.17 -5.42
CA LYS D 368 -8.65 24.91 -5.90
C LYS D 368 -8.67 26.17 -5.06
N GLY D 369 -7.63 26.33 -4.25
CA GLY D 369 -7.56 27.45 -3.34
C GLY D 369 -7.05 28.82 -3.68
N LYS D 370 -7.43 29.72 -2.76
CA LYS D 370 -7.13 31.13 -2.76
C LYS D 370 -8.22 31.89 -3.50
N SER D 371 -9.42 31.85 -2.94
CA SER D 371 -10.56 32.51 -3.54
C SER D 371 -10.98 33.70 -2.70
N ALA D 372 -11.31 34.80 -3.37
CA ALA D 372 -11.78 36.00 -2.70
C ALA D 372 -13.29 35.75 -2.70
N LEU D 373 -13.89 35.70 -1.53
CA LEU D 373 -15.33 35.44 -1.43
C LEU D 373 -16.20 36.67 -1.63
N HIS D 374 -17.42 36.46 -2.15
CA HIS D 374 -18.36 37.55 -2.36
C HIS D 374 -19.75 37.18 -1.86
N GLY D 375 -20.68 38.13 -1.94
CA GLY D 375 -22.04 37.93 -1.46
C GLY D 375 -22.89 36.88 -2.15
N ALA D 376 -23.95 36.46 -1.47
CA ALA D 376 -24.87 35.47 -2.01
C ALA D 376 -25.93 35.12 -0.97
N ARG D 377 -26.99 34.46 -1.41
CA ARG D 377 -28.04 34.04 -0.50
C ARG D 377 -27.85 32.54 -0.37
N VAL D 378 -27.67 32.09 0.86
CA VAL D 378 -27.44 30.69 1.10
C VAL D 378 -28.53 30.08 1.95
N ASN D 379 -28.96 28.88 1.57
CA ASN D 379 -29.99 28.20 2.31
C ASN D 379 -29.38 27.04 3.07
N THR D 380 -29.73 26.94 4.34
CA THR D 380 -29.25 25.90 5.24
C THR D 380 -29.80 24.53 4.88
N PHE D 381 -31.02 24.50 4.38
CA PHE D 381 -31.70 23.26 4.03
C PHE D 381 -31.85 22.40 5.28
N GLY D 382 -31.91 23.06 6.44
CA GLY D 382 -32.08 22.37 7.71
C GLY D 382 -30.83 21.77 8.32
N ASP D 383 -29.68 21.99 7.69
CA ASP D 383 -28.40 21.46 8.17
C ASP D 383 -27.60 22.55 8.92
N HIS D 384 -27.47 22.37 10.23
CA HIS D 384 -26.74 23.33 11.08
C HIS D 384 -25.30 23.61 10.68
N ARG D 385 -24.62 22.61 10.11
CA ARG D 385 -23.23 22.81 9.72
C ARG D 385 -23.11 23.70 8.49
N ILE D 386 -24.08 23.60 7.58
CA ILE D 386 -24.05 24.46 6.40
C ILE D 386 -24.20 25.88 6.89
N GLY D 387 -25.10 26.07 7.84
CA GLY D 387 -25.35 27.39 8.39
C GLY D 387 -24.12 28.04 9.00
N MET D 388 -23.46 27.33 9.92
CA MET D 388 -22.27 27.86 10.59
C MET D 388 -21.11 28.04 9.62
N MET D 389 -21.04 27.19 8.60
CA MET D 389 -19.99 27.30 7.60
C MET D 389 -20.16 28.62 6.83
N THR D 390 -21.39 28.90 6.43
CA THR D 390 -21.69 30.11 5.68
C THR D 390 -21.40 31.32 6.54
N ALA D 391 -21.78 31.24 7.81
CA ALA D 391 -21.56 32.32 8.75
C ALA D 391 -20.09 32.71 8.79
N ILE D 392 -19.20 31.74 8.97
CA ILE D 392 -17.78 32.07 9.02
C ILE D 392 -17.26 32.50 7.64
N ALA D 393 -17.80 31.91 6.57
CA ALA D 393 -17.37 32.27 5.22
C ALA D 393 -17.74 33.74 4.95
N ALA D 394 -18.90 34.13 5.47
CA ALA D 394 -19.38 35.50 5.30
C ALA D 394 -18.39 36.51 5.86
N LEU D 395 -17.67 36.09 6.90
CA LEU D 395 -16.70 36.96 7.54
C LEU D 395 -15.63 37.42 6.57
N LEU D 396 -15.40 36.64 5.51
CA LEU D 396 -14.40 36.97 4.51
C LEU D 396 -14.93 37.67 3.27
N VAL D 397 -16.20 38.05 3.26
CA VAL D 397 -16.75 38.75 2.11
C VAL D 397 -16.37 40.23 2.21
N ALA D 398 -15.37 40.62 1.43
CA ALA D 398 -14.85 41.99 1.42
C ALA D 398 -15.83 43.07 0.99
N ASP D 399 -16.65 42.76 -0.01
CA ASP D 399 -17.63 43.71 -0.51
C ASP D 399 -18.84 42.96 -1.05
N GLY D 400 -19.96 43.06 -0.35
CA GLY D 400 -21.16 42.38 -0.77
C GLY D 400 -21.97 41.93 0.43
N GLU D 401 -23.13 41.32 0.19
CA GLU D 401 -23.98 40.86 1.27
C GLU D 401 -24.30 39.39 1.16
N VAL D 402 -24.30 38.71 2.30
CA VAL D 402 -24.60 37.29 2.34
C VAL D 402 -25.84 37.07 3.22
N GLU D 403 -26.86 36.47 2.62
CA GLU D 403 -28.09 36.19 3.34
C GLU D 403 -28.19 34.70 3.61
N LEU D 404 -28.57 34.36 4.83
CA LEU D 404 -28.68 32.97 5.25
C LEU D 404 -30.11 32.62 5.61
N ASP D 405 -30.72 31.72 4.84
CA ASP D 405 -32.08 31.29 5.13
C ASP D 405 -32.05 30.00 5.94
N ARG D 406 -33.10 29.77 6.71
CA ARG D 406 -33.21 28.60 7.56
C ARG D 406 -32.04 28.52 8.55
N ALA D 407 -31.59 29.68 9.01
CA ALA D 407 -30.47 29.75 9.95
C ALA D 407 -30.78 29.08 11.29
N GLU D 408 -32.07 28.93 11.60
CA GLU D 408 -32.47 28.32 12.87
C GLU D 408 -31.98 26.88 13.02
N ALA D 409 -31.60 26.25 11.92
CA ALA D 409 -31.12 24.88 11.95
C ALA D 409 -29.91 24.79 12.88
N ILE D 410 -29.16 25.88 12.94
CA ILE D 410 -27.97 25.94 13.79
C ILE D 410 -28.27 25.59 15.24
N ASN D 411 -29.51 25.83 15.68
CA ASN D 411 -29.91 25.53 17.05
C ASN D 411 -29.85 24.05 17.36
N THR D 412 -29.68 23.25 16.32
CA THR D 412 -29.61 21.80 16.47
C THR D 412 -28.41 21.40 17.33
N SER D 413 -27.33 22.16 17.25
CA SER D 413 -26.14 21.83 18.01
C SER D 413 -25.40 23.01 18.65
N TYR D 414 -25.74 24.23 18.25
CA TYR D 414 -25.03 25.39 18.77
C TYR D 414 -25.93 26.63 18.86
N PRO D 415 -26.90 26.61 19.81
CA PRO D 415 -27.85 27.71 20.01
C PRO D 415 -27.21 29.10 20.20
N SER D 416 -26.09 29.15 20.91
CA SER D 416 -25.41 30.40 21.20
C SER D 416 -24.35 30.77 20.16
N PHE D 417 -24.40 30.14 19.00
CA PHE D 417 -23.44 30.40 17.94
C PHE D 417 -23.22 31.88 17.63
N PHE D 418 -24.29 32.55 17.19
CA PHE D 418 -24.18 33.97 16.86
C PHE D 418 -23.76 34.84 18.03
N ASP D 419 -24.11 34.43 19.24
CA ASP D 419 -23.73 35.17 20.44
C ASP D 419 -22.20 35.11 20.61
N ASP D 420 -21.64 33.92 20.46
CA ASP D 420 -20.19 33.74 20.58
C ASP D 420 -19.51 34.54 19.49
N LEU D 421 -20.07 34.50 18.30
CA LEU D 421 -19.52 35.25 17.18
C LEU D 421 -19.44 36.73 17.53
N GLU D 422 -20.56 37.28 18.01
CA GLU D 422 -20.59 38.69 18.38
C GLU D 422 -19.51 39.06 19.38
N SER D 423 -19.21 38.15 20.32
CA SER D 423 -18.19 38.43 21.33
C SER D 423 -16.79 38.51 20.73
N LEU D 424 -16.57 37.85 19.60
CA LEU D 424 -15.27 37.87 18.96
C LEU D 424 -15.05 39.12 18.11
N ILE D 425 -16.08 39.53 17.38
CA ILE D 425 -15.99 40.70 16.53
C ILE D 425 -15.57 41.93 17.31
N HIS D 426 -16.06 42.03 18.54
CA HIS D 426 -15.75 43.16 19.39
C HIS D 426 -14.62 42.86 20.38
N GLY D 427 -13.44 42.60 19.83
CA GLY D 427 -12.29 42.31 20.67
C GLY D 427 -11.01 42.78 20.00
O6P SPQ E . -1.24 -30.00 -15.37
P2 SPQ E . -0.66 -29.62 -13.93
O4P SPQ E . -1.72 -28.87 -13.21
O5P SPQ E . -0.13 -30.85 -13.30
O10 SPQ E . 0.56 -28.59 -14.33
C9 SPQ E . 1.34 -27.81 -13.37
C8 SPQ E . 2.79 -28.37 -13.32
O2' SPQ E . 3.25 -28.90 -14.34
O9 SPQ E . 3.45 -28.18 -12.26
C10 SPQ E . 0.69 -27.74 -11.94
F SPQ E . 0.85 -28.91 -11.22
O3 SPQ E . 1.48 -26.46 -13.91
C5 SPQ E . 0.25 -25.69 -14.09
C4 SPQ E . 0.40 -24.35 -13.33
O2 SPQ E . 0.63 -24.61 -11.94
C6 SPQ E . 0.09 -25.43 -15.61
C1 SPQ E . -0.90 -24.29 -15.94
C7 SPQ E . -1.59 -24.26 -17.31
O5 SPQ E . -2.62 -23.58 -17.45
O4 SPQ E . -1.08 -24.94 -18.24
C2 SPQ E . -1.10 -23.09 -14.98
C3 SPQ E . -0.83 -23.42 -13.49
O1 SPQ E . -2.01 -23.99 -12.88
P1 SPQ E . -3.09 -22.99 -12.10
O3P SPQ E . -3.84 -23.97 -11.10
O2P SPQ E . -2.31 -22.00 -11.33
O1P SPQ E . -4.08 -22.50 -13.08
O6P SPQ F . 10.61 16.22 -28.94
P2 SPQ F . 9.48 16.90 -28.03
O4P SPQ F . 9.85 16.63 -26.62
O5P SPQ F . 9.32 18.29 -28.48
O10 SPQ F . 8.14 16.05 -28.45
C9 SPQ F . 7.06 15.61 -27.55
C8 SPQ F . 5.73 15.78 -28.33
O2' SPQ F . 5.79 15.64 -29.57
O9 SPQ F . 4.67 15.99 -27.70
C10 SPQ F . 7.03 16.44 -26.21
F SPQ F . 6.81 17.78 -26.44
O3 SPQ F . 7.18 14.17 -27.29
C5 SPQ F . 8.14 13.69 -26.31
C4 SPQ F . 7.40 13.06 -25.10
O2 SPQ F . 6.60 14.05 -24.45
C6 SPQ F . 8.91 12.59 -27.07
C1 SPQ F . 9.71 11.63 -26.16
C7 SPQ F . 10.90 10.87 -26.77
O5 SPQ F . 10.95 10.77 -28.02
O4 SPQ F . 11.74 10.34 -26.00
C2 SPQ F . 9.24 11.31 -24.71
C3 SPQ F . 8.38 12.43 -24.05
O1 SPQ F . 9.24 13.43 -23.46
P1 SPQ F . 9.76 13.27 -21.89
O3P SPQ F . 10.21 14.76 -21.49
O2P SPQ F . 8.61 12.87 -21.05
O1P SPQ F . 10.97 12.42 -21.87
O6P SPQ G . 18.28 0.39 30.00
P2 SPQ G . 18.13 -0.85 28.98
O4P SPQ G . 18.56 -0.40 27.65
O5P SPQ G . 18.81 -2.02 29.59
O10 SPQ G . 16.51 -1.10 28.95
C9 SPQ G . 15.83 -2.17 28.24
C8 SPQ G . 15.44 -3.30 29.23
O2' SPQ G . 15.45 -3.06 30.45
O9 SPQ G . 15.10 -4.42 28.75
C10 SPQ G . 16.69 -2.72 27.03
F SPQ G . 17.67 -3.61 27.40
O3 SPQ G . 14.57 -1.66 27.70
C5 SPQ G . 14.66 -0.40 26.97
C4 SPQ G . 13.88 -0.56 25.64
O2 SPQ G . 14.41 -1.65 24.90
C6 SPQ G . 14.06 0.73 27.84
C1 SPQ G . 13.76 2.02 27.03
C7 SPQ G . 13.73 3.38 27.75
O5 SPQ G . 13.49 3.37 28.99
O4 SPQ G . 13.89 4.40 27.07
C2 SPQ G . 13.33 1.94 25.54
C3 SPQ G . 13.92 0.73 24.77
O1 SPQ G . 15.26 1.03 24.33
P1 SPQ G . 15.53 1.53 22.78
O3P SPQ G . 17.00 0.99 22.47
O2P SPQ G . 14.57 0.84 21.89
O1P SPQ G . 15.59 3.01 22.75
O6P SPQ H . -27.56 13.06 14.64
P2 SPQ H . -26.90 13.41 13.22
O4P SPQ H . -26.79 12.14 12.47
O5P SPQ H . -27.66 14.51 12.61
O10 SPQ H . -25.40 13.90 13.61
C9 SPQ H . -24.48 14.45 12.63
C8 SPQ H . -24.28 15.96 12.85
O2' SPQ H . -24.64 16.45 13.94
O9 SPQ H . -23.72 16.61 11.94
C10 SPQ H . -25.06 14.21 11.19
F SPQ H . -24.08 14.03 10.27
O3 SPQ H . -23.15 13.85 12.79
C5 SPQ H . -23.07 12.44 13.16
C4 SPQ H . -21.78 11.91 12.52
O2 SPQ H . -21.79 12.20 11.12
C6 SPQ H . -23.00 12.28 14.71
C1 SPQ H . -22.51 10.85 15.15
C7 SPQ H . -22.89 10.30 16.53
O5 SPQ H . -23.22 11.11 17.44
O4 SPQ H . -22.80 9.06 16.71
C2 SPQ H . -21.53 10.06 14.26
C3 SPQ H . -21.59 10.38 12.75
O1 SPQ H . -22.63 9.61 12.10
P1 SPQ H . -22.23 8.25 11.27
O3P SPQ H . -23.41 8.12 10.17
O2P SPQ H . -20.94 8.48 10.58
O1P SPQ H . -22.36 7.08 12.17
#